data_8TW8
#
_entry.id   8TW8
#
loop_
_entity.id
_entity.type
_entity.pdbx_description
1 polymer 'Replication factor C subunit 4'
2 polymer 'Replication factor C subunit 3'
3 polymer 'Replication factor C subunit 2'
4 polymer 'Replication factor C subunit 5'
5 polymer 'Chromosome transmission fidelity protein 18'
6 polymer 'Proliferating cell nuclear antigen'
7 non-polymer 'PHOSPHOTHIOPHOSPHORIC ACID-ADENYLATE ESTER'
8 non-polymer 'MAGNESIUM ION'
9 non-polymer "ADENOSINE-5'-DIPHOSPHATE"
#
loop_
_entity_poly.entity_id
_entity_poly.type
_entity_poly.pdbx_seq_one_letter_code
_entity_poly.pdbx_strand_id
1 'polypeptide(L)'
;TLSLQLPWVEKYRPQVLSDIVGNKETIDRLQQIAKDGNMPHMIISGMPGIGKTTSVHCLAHELLGRSYADGVLELNASDD
RGIDVVRNQIKHFAQKKLHLPPGKHKIVILDEADSMTAGAQQALRRTMELYSNSTRFAFACNQSNKIIEPLQSRCAILRY
SKLSDEDVLKRLLQIIKLEDVKYTNDGLEAIIFTAEGDMRQAINNLQSTVAGHGLVNADNVFKIVDSPHPLIVKKMLLAS
NLEDSIQILRTDLWKKGYSSIDIVTTSFRVTKNLAQVKESVRLEMIKEIGLTHMRILEGVGTYLQLASMLAKIHKLNNK
;
4
2 'polypeptide(L)'
;SKENLPWVEKYRPETLDEVYGQNEVITTVRKFVDEGKLPHLLFYGPPGTGKTSTIVALAREIYGKNYSNMVLELNASDDR
GIDVVRNQIKDFASTRQIFSKGFKLIILDEADAMTNAAQNALRRVIERYTKNTRFCVLANYAHKLTPALLSRCTRFRFQP
LPQEAIERRIANVLVHEKLKLSPNAEKALIELSNGDMRRVLNVLQSCKATLDNPDEDEISDDVIYECCGAPRPSDLKAVL
KSILEDDWGTAHYTLNKVRSAKGLALIDLIEGIVKILEDYELQNEETRVHLLTKLADIEYSISKGGNDQIQGSAVIGAIK
ASFENET
;
3
3 'polypeptide(L)'
;SKLAAEQSLAQQPWVEKYRPKNLDEVTAQDHAVTVLKKTLKSANLPHMLFYGPPGTGKTSTILALTKELYGPDLMKSRIL
ELNASDERGISIVREKVKNFARLTVSKPSKHDLENYPCPPYKIIILDEADSMTADAQSALRRTMETYSGVTRFCLICNYV
TRIIDPLASRCSKFRFKALDASNAIDRLRFISEQENVKCDDGVLERILDISAGDLRRGITLLQSASKGAQYLGDGKNITS
TQVEELAGVVPHDILIEIVEKVKSGDFDEIKKYVNTFMKSGWSAASVVNQLHEYYITNDNFDTNFKNQISWLLFTTDSRL
NNGTNEHIQLLNLLVKISQL
;
2
4 'polypeptide(L)'
;MSLWVDKYRPKSLNALSHNEELTNFLKSLSDQPRDLPHLLLYGPNGTGKKTRCMALLESIFGPGVYRLKIDVRQFVTASN
RKLELNVVSSPYHLEITPSDMGNNDRIVIQELLKEVAQMEQVDFQDSKDGLAHRYKCVIINEANSLTKDAQAALRRTMEK
YSKNIRLIMVCDSMSPIIAPIKSRCLLIRCPAPSDSEISTILSDVVTNERIQLETKDILKRIAQASNGNLRVSLLMLESM
ALNNELALKSSSPIIKPDWIIVIHKLTRKIVKERSVNSLIECRAVLYDLLAHCIPANIILKELTFSLLDVETLNTTNKSS
IIEYSSVFDERLSLGNKAIFHLEGFIAKVMCCLD
;
5
5 'polypeptide(L)'
;NTWASSNKDSPISWFKIVNQLFRKDPHRDIKEQFYELLNQVELNGNSDRILQGCFNIFPYVKYSDNGIRKPANISDWLFF
HDLMYQSMYAHNGELLRYSALVPLVFFQTFGDIANKDDIRMKNSEYEQRELKRANSDIVSLIMRHISVQSPLMASFTDRK
SLIFEILPYLDSMISSDFNKIRNLKLKQAIMEELVQLLKSFQLNLIQNRSEGFDVRGGLTIDPPIDEVVLLNPKHINEVQ
HKRANNLSSLLAKIEENR
;
1
6 'polypeptide(L)'
;MLEAKFEEASLFKRIIDGFKDCVQLVNFQCKEDGIIAQAVDDSRVLLVSLEIGVEAFQEYRCDHPVTLGMDLTSLSKILR
CGNNTDTLTLIADNTPDSIILLFEDTKKDRIAEYSLKLMDIDADFLKIEELQYDSTLSLPSSEFSKIVRDLSQLSDSINI
MITKETIKFVADGDIGSGSVIIKPFVDMEHPETSIKLEMDQPVDLTFGAKYLLDIIKGSSLSDRVGIRLSSEAPALFQFD
LKSGFLQFFLAPKFNDEE
;
A,B,C
#
loop_
_chem_comp.id
_chem_comp.type
_chem_comp.name
_chem_comp.formula
ADP non-polymer ADENOSINE-5'-DIPHOSPHATE 'C10 H15 N5 O10 P2'
AGS non-polymer 'PHOSPHOTHIOPHOSPHORIC ACID-ADENYLATE ESTER' 'C10 H16 N5 O12 P3 S'
MG non-polymer 'MAGNESIUM ION' 'Mg 2'
#
# COMPACT_ATOMS: atom_id res chain seq x y z
N THR A 1 0.63 -39.29 -25.89
CA THR A 1 1.94 -38.95 -25.34
C THR A 1 2.05 -39.36 -23.88
N LEU A 2 3.20 -39.91 -23.51
CA LEU A 2 3.46 -40.36 -22.14
C LEU A 2 4.65 -39.68 -21.48
N SER A 3 5.74 -39.44 -22.21
CA SER A 3 6.92 -38.80 -21.64
C SER A 3 7.65 -38.03 -22.73
N LEU A 4 8.49 -37.11 -22.30
CA LEU A 4 9.27 -36.27 -23.20
C LEU A 4 10.74 -36.64 -23.14
N GLN A 5 11.51 -36.10 -24.08
CA GLN A 5 12.95 -36.31 -24.15
C GLN A 5 13.68 -35.09 -23.59
N LEU A 6 14.92 -35.31 -23.18
CA LEU A 6 15.71 -34.22 -22.61
C LEU A 6 16.08 -33.21 -23.69
N PRO A 7 15.98 -31.92 -23.41
CA PRO A 7 16.38 -30.92 -24.39
C PRO A 7 17.88 -30.98 -24.67
N TRP A 8 18.26 -30.44 -25.83
CA TRP A 8 19.65 -30.49 -26.26
C TRP A 8 20.55 -29.61 -25.41
N VAL A 9 20.00 -28.61 -24.72
CA VAL A 9 20.80 -27.79 -23.83
C VAL A 9 21.19 -28.57 -22.59
N GLU A 10 20.28 -29.44 -22.12
CA GLU A 10 20.57 -30.23 -20.93
C GLU A 10 21.25 -31.55 -21.30
N LYS A 11 20.82 -32.19 -22.39
CA LYS A 11 21.42 -33.44 -22.81
C LYS A 11 22.89 -33.24 -23.19
N TYR A 12 23.17 -32.24 -24.03
CA TYR A 12 24.52 -31.95 -24.46
C TYR A 12 25.19 -30.88 -23.59
N ARG A 13 24.75 -30.73 -22.35
CA ARG A 13 25.41 -29.84 -21.42
C ARG A 13 26.83 -30.34 -21.16
N PRO A 14 27.85 -29.50 -21.34
CA PRO A 14 29.24 -29.98 -21.19
C PRO A 14 29.51 -30.50 -19.78
N GLN A 15 30.19 -31.64 -19.71
CA GLN A 15 30.61 -32.22 -18.44
C GLN A 15 32.11 -32.19 -18.24
N VAL A 16 32.88 -31.77 -19.24
CA VAL A 16 34.33 -31.62 -19.14
C VAL A 16 34.69 -30.23 -19.64
N LEU A 17 35.70 -29.63 -19.02
CA LEU A 17 36.10 -28.26 -19.36
C LEU A 17 36.60 -28.12 -20.78
N SER A 18 36.93 -29.23 -21.46
CA SER A 18 37.37 -29.13 -22.84
C SER A 18 36.20 -28.91 -23.79
N ASP A 19 35.02 -29.42 -23.44
CA ASP A 19 33.85 -29.26 -24.28
C ASP A 19 33.30 -27.84 -24.28
N ILE A 20 33.79 -26.96 -23.41
CA ILE A 20 33.31 -25.59 -23.36
C ILE A 20 34.00 -24.78 -24.44
N VAL A 21 33.21 -24.12 -25.28
CA VAL A 21 33.74 -23.32 -26.38
C VAL A 21 33.69 -21.85 -26.02
N GLY A 22 33.66 -21.54 -24.73
CA GLY A 22 33.61 -20.18 -24.23
C GLY A 22 34.94 -19.47 -24.38
N ASN A 23 35.17 -18.51 -23.47
CA ASN A 23 36.42 -17.76 -23.45
C ASN A 23 37.59 -18.70 -23.21
N LYS A 24 38.53 -18.75 -24.17
CA LYS A 24 39.60 -19.74 -24.11
C LYS A 24 40.53 -19.49 -22.92
N GLU A 25 40.81 -18.23 -22.61
CA GLU A 25 41.77 -17.91 -21.55
C GLU A 25 41.29 -18.44 -20.20
N THR A 26 40.08 -18.05 -19.80
CA THR A 26 39.54 -18.49 -18.51
C THR A 26 39.31 -20.00 -18.49
N ILE A 27 38.98 -20.58 -19.64
CA ILE A 27 38.75 -22.02 -19.70
C ILE A 27 40.05 -22.78 -19.44
N ASP A 28 41.14 -22.37 -20.10
CA ASP A 28 42.42 -23.01 -19.84
C ASP A 28 42.91 -22.72 -18.41
N ARG A 29 42.59 -21.54 -17.88
CA ARG A 29 42.93 -21.22 -16.50
C ARG A 29 42.26 -22.21 -15.54
N LEU A 30 40.95 -22.42 -15.70
CA LEU A 30 40.22 -23.33 -14.83
C LEU A 30 40.66 -24.77 -15.06
N GLN A 31 41.03 -25.12 -16.30
CA GLN A 31 41.53 -26.46 -16.56
C GLN A 31 42.84 -26.72 -15.84
N GLN A 32 43.78 -25.77 -15.91
CA GLN A 32 45.03 -25.90 -15.18
C GLN A 32 44.81 -25.90 -13.67
N ILE A 33 43.81 -25.14 -13.20
CA ILE A 33 43.50 -25.13 -11.77
C ILE A 33 43.00 -26.50 -11.33
N ALA A 34 42.10 -27.09 -12.11
CA ALA A 34 41.60 -28.43 -11.78
C ALA A 34 42.68 -29.48 -11.90
N LYS A 35 43.64 -29.28 -12.81
CA LYS A 35 44.75 -30.22 -12.94
C LYS A 35 45.71 -30.14 -11.75
N ASP A 36 46.04 -28.92 -11.33
CA ASP A 36 46.99 -28.75 -10.23
C ASP A 36 46.31 -28.70 -8.86
N GLY A 37 45.09 -28.17 -8.78
CA GLY A 37 44.41 -28.03 -7.51
C GLY A 37 44.54 -26.62 -6.97
N ASN A 38 44.32 -26.51 -5.66
CA ASN A 38 44.40 -25.23 -4.94
C ASN A 38 43.47 -24.20 -5.59
N MET A 39 42.20 -24.57 -5.72
CA MET A 39 41.23 -23.66 -6.31
C MET A 39 40.95 -22.51 -5.36
N PRO A 40 41.12 -21.26 -5.81
CA PRO A 40 40.83 -20.11 -4.95
C PRO A 40 39.37 -19.68 -5.05
N HIS A 41 38.99 -18.79 -4.15
CA HIS A 41 37.67 -18.17 -4.23
C HIS A 41 37.55 -17.41 -5.55
N MET A 42 36.40 -17.54 -6.21
CA MET A 42 36.23 -16.97 -7.53
C MET A 42 34.82 -16.40 -7.68
N ILE A 43 34.71 -15.40 -8.55
CA ILE A 43 33.43 -14.80 -8.92
C ILE A 43 33.40 -14.71 -10.44
N ILE A 44 32.49 -15.46 -11.06
CA ILE A 44 32.34 -15.49 -12.51
C ILE A 44 31.14 -14.65 -12.90
N SER A 45 31.39 -13.60 -13.68
CA SER A 45 30.34 -12.68 -14.10
C SER A 45 30.26 -12.66 -15.62
N GLY A 46 29.10 -12.24 -16.12
CA GLY A 46 28.90 -12.17 -17.56
C GLY A 46 27.44 -11.96 -17.91
N MET A 47 27.06 -12.51 -19.06
CA MET A 47 25.70 -12.43 -19.57
C MET A 47 25.05 -13.81 -19.58
N PRO A 48 23.73 -13.87 -19.59
CA PRO A 48 23.05 -15.17 -19.56
C PRO A 48 23.37 -16.02 -20.79
N GLY A 49 23.59 -17.31 -20.55
CA GLY A 49 23.78 -18.25 -21.63
C GLY A 49 25.12 -18.16 -22.33
N ILE A 50 26.22 -18.15 -21.57
CA ILE A 50 27.55 -18.17 -22.15
C ILE A 50 28.45 -19.23 -21.52
N GLY A 51 27.96 -20.01 -20.56
CA GLY A 51 28.76 -21.06 -19.96
C GLY A 51 29.42 -20.66 -18.66
N LYS A 52 28.64 -20.11 -17.74
CA LYS A 52 29.14 -19.74 -16.41
C LYS A 52 28.83 -20.83 -15.39
N THR A 53 27.57 -21.25 -15.31
CA THR A 53 27.20 -22.30 -14.37
C THR A 53 27.80 -23.64 -14.78
N THR A 54 27.80 -23.94 -16.09
CA THR A 54 28.41 -25.16 -16.58
C THR A 54 29.91 -25.17 -16.31
N SER A 55 30.55 -24.01 -16.42
CA SER A 55 32.00 -23.94 -16.20
C SER A 55 32.35 -24.30 -14.76
N VAL A 56 31.65 -23.67 -13.80
CA VAL A 56 31.95 -23.95 -12.39
C VAL A 56 31.53 -25.37 -12.02
N HIS A 57 30.44 -25.88 -12.61
CA HIS A 57 30.04 -27.26 -12.36
C HIS A 57 31.11 -28.23 -12.85
N CYS A 58 31.63 -28.01 -14.05
CA CYS A 58 32.69 -28.86 -14.59
C CYS A 58 33.95 -28.77 -13.75
N LEU A 59 34.30 -27.55 -13.32
CA LEU A 59 35.48 -27.38 -12.47
C LEU A 59 35.34 -28.14 -11.17
N ALA A 60 34.18 -28.01 -10.49
CA ALA A 60 33.97 -28.70 -9.23
C ALA A 60 33.99 -30.22 -9.42
N HIS A 61 33.32 -30.70 -10.48
CA HIS A 61 33.30 -32.13 -10.74
C HIS A 61 34.71 -32.68 -10.98
N GLU A 62 35.47 -32.03 -11.85
CA GLU A 62 36.81 -32.51 -12.17
C GLU A 62 37.74 -32.40 -10.96
N LEU A 63 37.51 -31.40 -10.11
CA LEU A 63 38.37 -31.20 -8.95
C LEU A 63 38.05 -32.15 -7.81
N LEU A 64 36.80 -32.59 -7.68
CA LEU A 64 36.40 -33.42 -6.55
C LEU A 64 36.26 -34.89 -6.90
N GLY A 65 36.19 -35.25 -8.18
CA GLY A 65 36.09 -36.67 -8.52
C GLY A 65 34.80 -37.28 -7.99
N ARG A 66 34.95 -38.35 -7.22
CA ARG A 66 33.79 -39.01 -6.63
C ARG A 66 33.30 -38.32 -5.37
N SER A 67 34.11 -37.47 -4.75
CA SER A 67 33.72 -36.76 -3.54
C SER A 67 32.85 -35.54 -3.83
N TYR A 68 32.32 -35.40 -5.05
CA TYR A 68 31.50 -34.25 -5.39
C TYR A 68 30.22 -34.20 -4.56
N ALA A 69 29.68 -35.37 -4.23
CA ALA A 69 28.40 -35.43 -3.51
C ALA A 69 28.54 -34.88 -2.10
N ASP A 70 29.64 -35.19 -1.42
CA ASP A 70 29.82 -34.79 -0.02
C ASP A 70 30.81 -33.65 0.16
N GLY A 71 31.34 -33.09 -0.93
CA GLY A 71 32.29 -32.00 -0.80
C GLY A 71 31.85 -30.70 -1.46
N VAL A 72 30.76 -30.75 -2.22
CA VAL A 72 30.24 -29.58 -2.93
C VAL A 72 28.89 -29.22 -2.33
N LEU A 73 28.73 -27.95 -1.98
CA LEU A 73 27.47 -27.42 -1.46
C LEU A 73 26.91 -26.44 -2.48
N GLU A 74 25.83 -26.84 -3.15
CA GLU A 74 25.18 -26.03 -4.17
C GLU A 74 24.03 -25.25 -3.54
N LEU A 75 24.02 -23.93 -3.77
CA LEU A 75 22.92 -23.08 -3.33
C LEU A 75 22.55 -22.15 -4.47
N ASN A 76 21.33 -22.28 -4.97
CA ASN A 76 20.84 -21.46 -6.06
C ASN A 76 19.96 -20.35 -5.51
N ALA A 77 19.46 -19.49 -6.41
CA ALA A 77 18.50 -18.47 -6.01
C ALA A 77 17.14 -19.05 -5.67
N SER A 78 16.87 -20.29 -6.06
CA SER A 78 15.62 -20.95 -5.71
C SER A 78 15.56 -21.37 -4.25
N ASP A 79 16.69 -21.44 -3.57
CA ASP A 79 16.74 -21.78 -2.16
C ASP A 79 16.94 -20.53 -1.32
N ASP A 80 16.52 -20.59 -0.06
CA ASP A 80 16.72 -19.48 0.85
C ASP A 80 18.22 -19.26 1.08
N ARG A 81 18.68 -18.04 0.82
CA ARG A 81 20.09 -17.68 0.95
C ARG A 81 20.22 -16.40 1.75
N GLY A 82 19.51 -16.31 2.87
CA GLY A 82 19.53 -15.14 3.72
C GLY A 82 20.63 -15.21 4.75
N ILE A 83 20.50 -14.34 5.77
CA ILE A 83 21.50 -14.27 6.83
C ILE A 83 21.49 -15.53 7.67
N ASP A 84 20.28 -16.09 7.89
CA ASP A 84 20.17 -17.29 8.72
C ASP A 84 20.83 -18.50 8.06
N VAL A 85 20.64 -18.64 6.75
CA VAL A 85 21.25 -19.76 6.04
C VAL A 85 22.77 -19.66 6.06
N VAL A 86 23.30 -18.47 5.74
CA VAL A 86 24.75 -18.26 5.78
C VAL A 86 25.29 -18.50 7.18
N ARG A 87 24.52 -18.12 8.21
CA ARG A 87 24.99 -18.28 9.59
C ARG A 87 25.03 -19.75 9.99
N ASN A 88 24.00 -20.52 9.64
CA ASN A 88 23.90 -21.89 10.12
C ASN A 88 24.47 -22.91 9.12
N GLN A 89 23.88 -23.01 7.93
CA GLN A 89 24.18 -24.13 7.05
C GLN A 89 25.54 -23.97 6.37
N ILE A 90 25.84 -22.79 5.85
CA ILE A 90 27.12 -22.56 5.19
C ILE A 90 28.27 -22.71 6.19
N LYS A 91 28.07 -22.21 7.41
CA LYS A 91 29.11 -22.33 8.43
C LYS A 91 29.28 -23.77 8.89
N HIS A 92 28.18 -24.53 8.98
CA HIS A 92 28.29 -25.94 9.33
C HIS A 92 28.98 -26.73 8.23
N PHE A 93 28.75 -26.38 6.96
CA PHE A 93 29.43 -27.06 5.88
C PHE A 93 30.91 -26.70 5.82
N ALA A 94 31.25 -25.44 6.09
CA ALA A 94 32.64 -25.04 6.10
C ALA A 94 33.40 -25.64 7.28
N GLN A 95 32.74 -25.80 8.42
CA GLN A 95 33.36 -26.40 9.59
C GLN A 95 33.32 -27.92 9.55
N LYS A 96 32.61 -28.51 8.59
CA LYS A 96 32.49 -29.95 8.51
C LYS A 96 33.84 -30.60 8.22
N LYS A 97 34.12 -31.70 8.91
CA LYS A 97 35.36 -32.45 8.69
C LYS A 97 35.19 -33.38 7.51
N LEU A 98 36.19 -33.42 6.63
CA LEU A 98 36.15 -34.26 5.45
C LEU A 98 37.57 -34.55 4.99
N HIS A 99 37.88 -35.84 4.82
CA HIS A 99 39.20 -36.26 4.38
C HIS A 99 39.25 -36.19 2.86
N LEU A 100 40.03 -35.25 2.34
CA LEU A 100 40.16 -34.99 0.92
C LEU A 100 41.63 -35.17 0.50
N PRO A 101 41.89 -35.36 -0.78
CA PRO A 101 43.28 -35.42 -1.26
C PRO A 101 44.04 -34.16 -0.90
N PRO A 102 45.38 -34.21 -0.91
CA PRO A 102 46.16 -33.05 -0.45
C PRO A 102 46.21 -31.91 -1.47
N GLY A 103 45.34 -31.95 -2.47
CA GLY A 103 45.29 -30.90 -3.46
C GLY A 103 43.90 -30.37 -3.72
N LYS A 104 42.91 -30.89 -3.00
CA LYS A 104 41.51 -30.54 -3.20
C LYS A 104 40.96 -29.81 -1.98
N HIS A 105 39.81 -29.19 -2.16
CA HIS A 105 39.14 -28.45 -1.10
C HIS A 105 37.63 -28.54 -1.31
N LYS A 106 36.89 -28.33 -0.22
CA LYS A 106 35.44 -28.27 -0.31
C LYS A 106 34.99 -27.01 -1.03
N ILE A 107 34.03 -27.17 -1.93
CA ILE A 107 33.58 -26.09 -2.81
C ILE A 107 32.16 -25.72 -2.44
N VAL A 108 31.90 -24.42 -2.29
CA VAL A 108 30.56 -23.89 -2.05
C VAL A 108 30.17 -23.10 -3.29
N ILE A 109 29.30 -23.67 -4.12
CA ILE A 109 28.83 -23.04 -5.34
C ILE A 109 27.57 -22.24 -4.99
N LEU A 110 27.56 -20.97 -5.35
CA LEU A 110 26.44 -20.07 -5.08
C LEU A 110 25.98 -19.48 -6.41
N ASP A 111 24.95 -20.08 -6.99
CA ASP A 111 24.42 -19.58 -8.25
C ASP A 111 23.56 -18.35 -8.01
N GLU A 112 23.63 -17.41 -8.97
CA GLU A 112 22.92 -16.14 -8.88
C GLU A 112 23.31 -15.37 -7.62
N ALA A 113 24.63 -15.13 -7.48
CA ALA A 113 25.14 -14.43 -6.30
C ALA A 113 24.69 -12.98 -6.25
N ASP A 114 24.26 -12.41 -7.38
CA ASP A 114 23.79 -11.03 -7.41
C ASP A 114 22.43 -10.84 -6.74
N SER A 115 21.80 -11.91 -6.27
CA SER A 115 20.50 -11.81 -5.62
C SER A 115 20.57 -11.97 -4.10
N MET A 116 21.74 -12.29 -3.55
CA MET A 116 21.87 -12.44 -2.11
C MET A 116 21.76 -11.08 -1.43
N THR A 117 21.14 -11.08 -0.24
CA THR A 117 20.94 -9.85 0.50
C THR A 117 22.27 -9.32 1.02
N ALA A 118 22.25 -8.06 1.46
CA ALA A 118 23.46 -7.42 1.96
C ALA A 118 23.94 -8.06 3.26
N GLY A 119 23.01 -8.46 4.12
CA GLY A 119 23.41 -9.07 5.39
C GLY A 119 24.12 -10.40 5.18
N ALA A 120 23.58 -11.25 4.30
CA ALA A 120 24.21 -12.54 4.02
C ALA A 120 25.59 -12.34 3.38
N GLN A 121 25.69 -11.40 2.45
CA GLN A 121 26.97 -11.11 1.81
C GLN A 121 28.00 -10.59 2.80
N GLN A 122 27.55 -9.79 3.77
CA GLN A 122 28.45 -9.29 4.79
C GLN A 122 28.89 -10.40 5.73
N ALA A 123 27.96 -11.29 6.10
CA ALA A 123 28.31 -12.38 6.99
C ALA A 123 29.21 -13.39 6.32
N LEU A 124 29.12 -13.52 4.99
CA LEU A 124 29.94 -14.48 4.28
C LEU A 124 31.43 -14.13 4.29
N ARG A 125 31.78 -12.88 4.61
CA ARG A 125 33.18 -12.46 4.56
C ARG A 125 34.04 -13.28 5.52
N ARG A 126 33.77 -13.17 6.83
CA ARG A 126 34.55 -13.94 7.80
C ARG A 126 34.30 -15.43 7.67
N THR A 127 33.11 -15.81 7.17
CA THR A 127 32.81 -17.22 6.96
C THR A 127 33.77 -17.84 5.94
N MET A 128 34.06 -17.11 4.86
CA MET A 128 35.02 -17.56 3.87
C MET A 128 36.47 -17.25 4.24
N GLU A 129 36.69 -16.35 5.20
CA GLU A 129 38.03 -16.02 5.62
C GLU A 129 38.62 -16.96 6.67
N LEU A 130 37.82 -17.40 7.64
CA LEU A 130 38.30 -18.30 8.68
C LEU A 130 38.44 -19.74 8.23
N TYR A 131 37.74 -20.14 7.16
CA TYR A 131 37.81 -21.50 6.66
C TYR A 131 38.29 -21.52 5.21
N SER A 132 39.24 -20.65 4.87
CA SER A 132 39.81 -20.58 3.53
C SER A 132 40.86 -21.64 3.27
N ASN A 133 41.10 -22.56 4.20
CA ASN A 133 42.06 -23.63 4.01
C ASN A 133 41.40 -24.99 3.83
N SER A 134 40.08 -25.07 4.03
CA SER A 134 39.35 -26.30 3.82
C SER A 134 38.01 -26.07 3.12
N THR A 135 37.69 -24.83 2.74
CA THR A 135 36.45 -24.51 2.07
C THR A 135 36.69 -23.35 1.11
N ARG A 136 36.22 -23.50 -0.13
CA ARG A 136 36.41 -22.48 -1.16
C ARG A 136 35.06 -22.08 -1.72
N PHE A 137 34.94 -20.82 -2.13
CA PHE A 137 33.68 -20.25 -2.58
C PHE A 137 33.76 -19.86 -4.05
N ALA A 138 32.75 -20.27 -4.81
CA ALA A 138 32.64 -19.93 -6.23
C ALA A 138 31.28 -19.31 -6.46
N PHE A 139 31.27 -18.02 -6.81
CA PHE A 139 30.05 -17.27 -7.09
C PHE A 139 29.86 -17.20 -8.59
N ALA A 140 28.61 -17.29 -9.03
CA ALA A 140 28.25 -17.17 -10.45
C ALA A 140 27.12 -16.15 -10.56
N CYS A 141 27.41 -15.01 -11.16
CA CYS A 141 26.44 -13.91 -11.22
C CYS A 141 26.47 -13.30 -12.62
N ASN A 142 25.54 -12.39 -12.86
CA ASN A 142 25.48 -11.63 -14.11
C ASN A 142 25.97 -10.19 -13.97
N GLN A 143 25.86 -9.62 -12.76
CA GLN A 143 26.31 -8.26 -12.50
C GLN A 143 27.26 -8.31 -11.31
N SER A 144 28.56 -8.10 -11.55
CA SER A 144 29.54 -8.13 -10.47
C SER A 144 29.37 -6.94 -9.54
N ASN A 145 28.72 -5.87 -10.00
CA ASN A 145 28.51 -4.70 -9.17
C ASN A 145 27.53 -4.95 -8.03
N LYS A 146 26.67 -5.96 -8.15
CA LYS A 146 25.72 -6.27 -7.07
C LYS A 146 26.38 -6.93 -5.88
N ILE A 147 27.57 -7.47 -6.05
CA ILE A 147 28.32 -8.10 -4.94
C ILE A 147 29.20 -7.04 -4.31
N ILE A 148 29.20 -7.00 -2.97
CA ILE A 148 29.94 -5.96 -2.26
C ILE A 148 31.44 -6.07 -2.54
N GLU A 149 32.13 -4.94 -2.44
CA GLU A 149 33.57 -4.93 -2.69
C GLU A 149 34.37 -5.75 -1.70
N PRO A 150 34.06 -5.81 -0.40
CA PRO A 150 34.79 -6.72 0.50
C PRO A 150 34.78 -8.17 0.04
N LEU A 151 33.66 -8.66 -0.48
CA LEU A 151 33.61 -10.02 -0.98
C LEU A 151 34.45 -10.18 -2.25
N GLN A 152 34.42 -9.18 -3.13
CA GLN A 152 35.22 -9.25 -4.35
C GLN A 152 36.70 -9.16 -4.07
N SER A 153 37.09 -8.56 -2.93
CA SER A 153 38.49 -8.40 -2.59
C SER A 153 39.15 -9.71 -2.18
N ARG A 154 38.37 -10.68 -1.74
CA ARG A 154 38.89 -11.95 -1.26
C ARG A 154 38.87 -13.05 -2.30
N CYS A 155 38.58 -12.73 -3.56
CA CYS A 155 38.40 -13.74 -4.58
C CYS A 155 38.93 -13.25 -5.92
N ALA A 156 39.13 -14.19 -6.83
CA ALA A 156 39.46 -13.85 -8.21
C ALA A 156 38.21 -13.41 -8.96
N ILE A 157 38.41 -12.62 -10.01
CA ILE A 157 37.31 -12.08 -10.81
C ILE A 157 37.48 -12.58 -12.24
N LEU A 158 36.51 -13.38 -12.71
CA LEU A 158 36.51 -13.90 -14.06
C LEU A 158 35.31 -13.33 -14.81
N ARG A 159 35.58 -12.43 -15.76
CA ARG A 159 34.55 -11.79 -16.56
C ARG A 159 34.43 -12.53 -17.88
N TYR A 160 33.32 -13.24 -18.06
CA TYR A 160 33.06 -13.94 -19.31
C TYR A 160 32.45 -12.99 -20.34
N SER A 161 32.87 -13.17 -21.59
CA SER A 161 32.46 -12.30 -22.68
C SER A 161 31.53 -13.06 -23.62
N LYS A 162 30.97 -12.31 -24.57
CA LYS A 162 30.09 -12.91 -25.58
C LYS A 162 30.84 -13.92 -26.42
N LEU A 163 30.11 -14.89 -26.95
CA LEU A 163 30.68 -15.93 -27.79
C LEU A 163 30.68 -15.47 -29.23
N SER A 164 31.85 -15.49 -29.86
CA SER A 164 31.97 -15.07 -31.25
C SER A 164 31.23 -16.03 -32.17
N ASP A 165 31.11 -15.62 -33.44
CA ASP A 165 30.36 -16.42 -34.41
C ASP A 165 30.99 -17.79 -34.59
N GLU A 166 32.32 -17.85 -34.58
CA GLU A 166 33.02 -19.10 -34.87
C GLU A 166 32.76 -20.15 -33.81
N ASP A 167 32.75 -19.76 -32.53
CA ASP A 167 32.59 -20.72 -31.45
C ASP A 167 31.19 -21.32 -31.46
N VAL A 168 30.16 -20.48 -31.61
CA VAL A 168 28.79 -20.99 -31.65
C VAL A 168 28.57 -21.83 -32.89
N LEU A 169 29.17 -21.43 -34.02
CA LEU A 169 29.05 -22.23 -35.24
C LEU A 169 29.69 -23.60 -35.05
N LYS A 170 30.85 -23.65 -34.40
CA LYS A 170 31.53 -24.92 -34.16
C LYS A 170 30.71 -25.81 -33.24
N ARG A 171 30.16 -25.23 -32.17
CA ARG A 171 29.34 -26.01 -31.25
C ARG A 171 28.08 -26.54 -31.93
N LEU A 172 27.44 -25.72 -32.76
CA LEU A 172 26.26 -26.18 -33.48
C LEU A 172 26.61 -27.26 -34.48
N LEU A 173 27.76 -27.15 -35.14
CA LEU A 173 28.19 -28.21 -36.06
C LEU A 173 28.46 -29.51 -35.31
N GLN A 174 29.07 -29.42 -34.13
CA GLN A 174 29.28 -30.61 -33.32
C GLN A 174 27.94 -31.24 -32.91
N ILE A 175 26.97 -30.42 -32.52
CA ILE A 175 25.66 -30.95 -32.14
C ILE A 175 24.96 -31.59 -33.33
N ILE A 176 25.07 -30.98 -34.51
CA ILE A 176 24.43 -31.55 -35.69
C ILE A 176 25.08 -32.88 -36.05
N LYS A 177 26.42 -32.95 -35.96
CA LYS A 177 27.12 -34.20 -36.24
C LYS A 177 26.71 -35.28 -35.23
N LEU A 178 26.51 -34.90 -33.97
CA LEU A 178 26.10 -35.85 -32.95
C LEU A 178 24.62 -36.21 -33.05
N GLU A 179 23.81 -35.44 -33.78
CA GLU A 179 22.39 -35.70 -33.88
C GLU A 179 21.90 -36.07 -35.28
N ASP A 180 22.75 -35.94 -36.30
CA ASP A 180 22.40 -36.30 -37.67
C ASP A 180 21.17 -35.51 -38.15
N VAL A 181 21.37 -34.20 -38.25
CA VAL A 181 20.32 -33.27 -38.64
C VAL A 181 20.65 -32.70 -40.02
N LYS A 182 19.62 -32.54 -40.85
CA LYS A 182 19.78 -31.90 -42.14
C LYS A 182 19.75 -30.38 -41.98
N TYR A 183 20.79 -29.71 -42.48
CA TYR A 183 20.93 -28.27 -42.29
C TYR A 183 21.48 -27.66 -43.57
N THR A 184 21.64 -26.33 -43.53
CA THR A 184 22.24 -25.58 -44.64
C THR A 184 22.97 -24.38 -44.06
N ASN A 185 23.87 -23.80 -44.86
CA ASN A 185 24.70 -22.71 -44.37
C ASN A 185 23.87 -21.49 -43.99
N ASP A 186 22.90 -21.12 -44.83
CA ASP A 186 22.08 -19.94 -44.53
C ASP A 186 21.21 -20.16 -43.31
N GLY A 187 20.76 -21.39 -43.08
CA GLY A 187 19.98 -21.67 -41.88
C GLY A 187 20.81 -21.51 -40.61
N LEU A 188 22.02 -22.05 -40.59
CA LEU A 188 22.90 -21.86 -39.44
C LEU A 188 23.27 -20.40 -39.27
N GLU A 189 23.47 -19.67 -40.37
CA GLU A 189 23.75 -18.25 -40.29
C GLU A 189 22.60 -17.50 -39.64
N ALA A 190 21.37 -17.81 -40.04
CA ALA A 190 20.20 -17.16 -39.44
C ALA A 190 20.07 -17.53 -37.96
N ILE A 191 20.38 -18.78 -37.62
CA ILE A 191 20.33 -19.20 -36.22
C ILE A 191 21.32 -18.39 -35.39
N ILE A 192 22.56 -18.29 -35.85
CA ILE A 192 23.58 -17.55 -35.12
C ILE A 192 23.21 -16.06 -35.06
N PHE A 193 22.60 -15.54 -36.12
CA PHE A 193 22.19 -14.14 -36.13
C PHE A 193 21.10 -13.87 -35.11
N THR A 194 20.13 -14.78 -35.00
CA THR A 194 19.08 -14.64 -34.00
C THR A 194 19.53 -15.01 -32.59
N ALA A 195 20.71 -15.64 -32.45
CA ALA A 195 21.18 -16.02 -31.12
C ALA A 195 21.78 -14.84 -30.37
N GLU A 196 22.56 -14.00 -31.06
CA GLU A 196 23.23 -12.85 -30.46
C GLU A 196 24.14 -13.28 -29.30
N GLY A 197 25.10 -14.15 -29.63
CA GLY A 197 26.09 -14.58 -28.66
C GLY A 197 25.53 -15.43 -27.53
N ASP A 198 24.28 -15.86 -27.63
CA ASP A 198 23.64 -16.67 -26.60
C ASP A 198 23.67 -18.13 -27.06
N MET A 199 24.57 -18.92 -26.45
CA MET A 199 24.71 -20.31 -26.85
C MET A 199 23.48 -21.12 -26.47
N ARG A 200 22.97 -20.90 -25.25
CA ARG A 200 21.77 -21.61 -24.82
C ARG A 200 20.58 -21.30 -25.72
N GLN A 201 20.37 -20.02 -26.02
CA GLN A 201 19.29 -19.64 -26.93
C GLN A 201 19.52 -20.21 -28.32
N ALA A 202 20.77 -20.27 -28.77
CA ALA A 202 21.08 -20.83 -30.08
C ALA A 202 20.69 -22.31 -30.13
N ILE A 203 21.10 -23.09 -29.12
CA ILE A 203 20.79 -24.51 -29.10
C ILE A 203 19.28 -24.73 -28.97
N ASN A 204 18.62 -23.88 -28.17
CA ASN A 204 17.17 -24.01 -28.03
C ASN A 204 16.45 -23.74 -29.34
N ASN A 205 16.85 -22.68 -30.06
CA ASN A 205 16.24 -22.38 -31.35
C ASN A 205 16.52 -23.48 -32.36
N LEU A 206 17.74 -24.03 -32.34
CA LEU A 206 18.08 -25.13 -33.24
C LEU A 206 17.18 -26.34 -32.97
N GLN A 207 17.06 -26.73 -31.71
CA GLN A 207 16.23 -27.89 -31.37
C GLN A 207 14.77 -27.64 -31.72
N SER A 208 14.27 -26.42 -31.47
CA SER A 208 12.89 -26.11 -31.80
C SER A 208 12.64 -26.17 -33.30
N THR A 209 13.57 -25.62 -34.09
CA THR A 209 13.43 -25.67 -35.55
C THR A 209 13.49 -27.11 -36.05
N VAL A 210 14.36 -27.92 -35.46
CA VAL A 210 14.47 -29.32 -35.86
C VAL A 210 13.16 -30.06 -35.57
N ALA A 211 12.63 -29.88 -34.35
CA ALA A 211 11.42 -30.59 -33.97
C ALA A 211 10.17 -30.03 -34.62
N GLY A 212 10.25 -28.82 -35.19
CA GLY A 212 9.09 -28.23 -35.84
C GLY A 212 9.05 -28.40 -37.34
N HIS A 213 10.21 -28.45 -37.99
CA HIS A 213 10.26 -28.59 -39.44
C HIS A 213 11.21 -29.67 -39.94
N GLY A 214 12.21 -30.09 -39.17
CA GLY A 214 13.14 -31.12 -39.58
C GLY A 214 14.38 -30.63 -40.29
N LEU A 215 14.22 -29.65 -41.18
CA LEU A 215 15.33 -29.09 -41.95
C LEU A 215 15.65 -27.70 -41.40
N VAL A 216 16.91 -27.48 -41.07
CA VAL A 216 17.35 -26.21 -40.52
C VAL A 216 17.70 -25.26 -41.66
N ASN A 217 16.69 -24.52 -42.14
CA ASN A 217 16.86 -23.58 -43.23
C ASN A 217 16.47 -22.19 -42.75
N ALA A 218 17.04 -21.17 -43.42
CA ALA A 218 16.81 -19.78 -43.00
C ALA A 218 15.33 -19.43 -43.05
N ASP A 219 14.60 -19.95 -44.04
CA ASP A 219 13.16 -19.70 -44.12
C ASP A 219 12.45 -20.25 -42.90
N ASN A 220 12.74 -21.50 -42.54
CA ASN A 220 12.11 -22.11 -41.37
C ASN A 220 12.47 -21.36 -40.10
N VAL A 221 13.76 -21.03 -39.94
CA VAL A 221 14.22 -20.33 -38.75
C VAL A 221 13.53 -18.97 -38.62
N PHE A 222 13.33 -18.29 -39.75
CA PHE A 222 12.72 -16.97 -39.70
C PHE A 222 11.21 -17.08 -39.48
N LYS A 223 10.58 -18.16 -39.96
CA LYS A 223 9.15 -18.30 -39.79
C LYS A 223 8.78 -18.79 -38.39
N ILE A 224 9.70 -19.49 -37.72
CA ILE A 224 9.45 -19.97 -36.37
C ILE A 224 10.02 -19.02 -35.32
N VAL A 225 11.05 -18.26 -35.69
CA VAL A 225 11.55 -17.21 -34.75
C VAL A 225 11.61 -15.90 -35.53
N ASP A 226 10.93 -14.87 -35.04
CA ASP A 226 10.95 -13.54 -35.71
C ASP A 226 12.41 -13.04 -35.76
N SER A 227 12.67 -12.05 -36.59
CA SER A 227 14.04 -11.50 -36.69
C SER A 227 14.41 -10.87 -35.35
N PRO A 228 15.71 -10.70 -35.03
CA PRO A 228 16.10 -10.01 -33.80
C PRO A 228 15.26 -8.73 -33.65
N HIS A 229 14.48 -8.61 -32.57
CA HIS A 229 13.60 -7.42 -32.46
C HIS A 229 14.44 -6.14 -32.56
N PRO A 230 15.49 -5.95 -31.73
CA PRO A 230 16.22 -4.67 -31.77
C PRO A 230 16.68 -4.25 -33.16
N LEU A 231 16.91 -5.19 -34.08
CA LEU A 231 17.45 -4.82 -35.38
C LEU A 231 16.42 -4.09 -36.23
N ILE A 232 15.16 -4.56 -36.22
CA ILE A 232 14.12 -3.85 -36.95
C ILE A 232 13.88 -2.46 -36.35
N VAL A 233 13.96 -2.35 -35.02
CA VAL A 233 13.79 -1.05 -34.38
C VAL A 233 14.93 -0.11 -34.78
N LYS A 234 16.16 -0.64 -34.84
CA LYS A 234 17.29 0.17 -35.26
C LYS A 234 17.13 0.64 -36.70
N LYS A 235 16.72 -0.27 -37.59
CA LYS A 235 16.46 0.11 -38.97
C LYS A 235 15.33 1.13 -39.10
N MET A 236 14.35 1.08 -38.20
CA MET A 236 13.27 2.05 -38.20
C MET A 236 13.77 3.42 -37.76
N LEU A 237 14.57 3.46 -36.69
CA LEU A 237 15.09 4.73 -36.20
C LEU A 237 16.14 5.33 -37.14
N LEU A 238 16.94 4.49 -37.77
CA LEU A 238 17.98 4.96 -38.68
C LEU A 238 17.46 5.28 -40.07
N ALA A 239 16.13 5.27 -40.27
CA ALA A 239 15.58 5.60 -41.57
C ALA A 239 15.85 7.06 -41.93
N SER A 240 16.03 7.32 -43.21
CA SER A 240 16.32 8.67 -43.69
C SER A 240 15.08 9.48 -43.98
N ASN A 241 14.00 8.84 -44.45
CA ASN A 241 12.75 9.52 -44.76
C ASN A 241 11.67 9.07 -43.80
N LEU A 242 10.71 9.97 -43.55
CA LEU A 242 9.68 9.70 -42.56
C LEU A 242 8.76 8.57 -43.01
N GLU A 243 8.40 8.54 -44.29
CA GLU A 243 7.50 7.51 -44.80
C GLU A 243 8.08 6.11 -44.68
N ASP A 244 9.39 5.95 -44.89
CA ASP A 244 10.01 4.64 -44.75
C ASP A 244 9.93 4.14 -43.30
N SER A 245 10.26 5.01 -42.35
CA SER A 245 10.15 4.64 -40.94
C SER A 245 8.72 4.34 -40.55
N ILE A 246 7.76 5.12 -41.06
CA ILE A 246 6.36 4.87 -40.75
C ILE A 246 5.92 3.52 -41.31
N GLN A 247 6.30 3.20 -42.54
CA GLN A 247 5.93 1.91 -43.14
C GLN A 247 6.58 0.76 -42.38
N ILE A 248 7.83 0.93 -41.94
CA ILE A 248 8.49 -0.11 -41.15
C ILE A 248 7.76 -0.33 -39.84
N LEU A 249 7.45 0.75 -39.13
CA LEU A 249 6.73 0.63 -37.86
C LEU A 249 5.36 -0.02 -38.06
N ARG A 250 4.69 0.31 -39.16
CA ARG A 250 3.36 -0.23 -39.40
C ARG A 250 3.42 -1.72 -39.72
N THR A 251 4.25 -2.10 -40.69
CA THR A 251 4.24 -3.48 -41.18
C THR A 251 5.00 -4.42 -40.25
N ASP A 252 6.24 -4.07 -39.90
CA ASP A 252 7.09 -5.01 -39.17
C ASP A 252 6.69 -5.14 -37.71
N LEU A 253 6.38 -4.02 -37.06
CA LEU A 253 6.13 -4.00 -35.63
C LEU A 253 4.65 -4.00 -35.26
N TRP A 254 3.87 -3.07 -35.81
CA TRP A 254 2.48 -2.91 -35.40
C TRP A 254 1.56 -3.99 -35.98
N LYS A 255 1.78 -4.37 -37.25
CA LYS A 255 0.93 -5.38 -37.87
C LYS A 255 1.27 -6.80 -37.44
N LYS A 256 2.34 -6.99 -36.67
CA LYS A 256 2.75 -8.31 -36.22
C LYS A 256 2.43 -8.56 -34.75
N GLY A 257 1.85 -7.58 -34.06
CA GLY A 257 1.41 -7.77 -32.69
C GLY A 257 2.37 -7.31 -31.62
N TYR A 258 3.37 -6.50 -31.96
CA TYR A 258 4.29 -5.98 -30.96
C TYR A 258 3.64 -4.83 -30.19
N SER A 259 3.63 -4.95 -28.86
CA SER A 259 3.02 -3.93 -28.02
C SER A 259 3.81 -2.63 -28.09
N SER A 260 3.11 -1.52 -27.83
CA SER A 260 3.75 -0.22 -27.90
C SER A 260 4.82 -0.06 -26.83
N ILE A 261 4.61 -0.65 -25.65
CA ILE A 261 5.59 -0.56 -24.58
C ILE A 261 6.90 -1.23 -25.01
N ASP A 262 6.80 -2.43 -25.59
CA ASP A 262 7.99 -3.11 -26.09
C ASP A 262 8.68 -2.29 -27.16
N ILE A 263 7.91 -1.67 -28.06
CA ILE A 263 8.49 -0.88 -29.14
C ILE A 263 9.25 0.31 -28.58
N VAL A 264 8.65 1.05 -27.64
CA VAL A 264 9.30 2.24 -27.11
C VAL A 264 10.50 1.87 -26.26
N THR A 265 10.38 0.77 -25.51
CA THR A 265 11.48 0.39 -24.59
C THR A 265 12.63 -0.18 -25.43
N THR A 266 12.29 -1.02 -26.39
CA THR A 266 13.34 -1.52 -27.30
C THR A 266 13.94 -0.29 -27.98
N SER A 267 13.09 0.70 -28.27
CA SER A 267 13.58 1.91 -28.97
C SER A 267 14.61 2.61 -28.09
N PHE A 268 14.25 2.82 -26.82
CA PHE A 268 15.22 3.44 -25.89
C PHE A 268 16.52 2.65 -25.90
N ARG A 269 16.43 1.33 -25.78
CA ARG A 269 17.72 0.58 -25.68
C ARG A 269 18.52 0.84 -26.95
N VAL A 270 17.91 0.67 -28.11
CA VAL A 270 18.64 0.84 -29.39
C VAL A 270 19.34 2.19 -29.33
N THR A 271 18.60 3.25 -29.00
CA THR A 271 19.23 4.59 -29.05
C THR A 271 20.41 4.65 -28.08
N LYS A 272 20.17 4.34 -26.81
CA LYS A 272 21.25 4.41 -25.80
C LYS A 272 22.49 3.71 -26.36
N ASN A 273 22.29 2.54 -26.98
CA ASN A 273 23.43 1.78 -27.46
C ASN A 273 23.82 2.12 -28.90
N LEU A 274 23.32 3.24 -29.43
CA LEU A 274 23.62 3.61 -30.81
C LEU A 274 25.00 4.28 -30.88
N ALA A 275 25.67 4.11 -32.02
CA ALA A 275 26.97 4.71 -32.25
C ALA A 275 27.11 5.35 -33.63
N GLN A 276 26.08 5.32 -34.47
CA GLN A 276 26.19 5.89 -35.80
C GLN A 276 26.12 7.41 -35.75
N VAL A 277 25.29 7.96 -34.88
CA VAL A 277 25.06 9.39 -34.80
C VAL A 277 25.77 9.95 -33.57
N LYS A 278 25.79 11.28 -33.49
CA LYS A 278 26.55 11.97 -32.45
C LYS A 278 25.86 11.82 -31.08
N GLU A 279 26.47 12.47 -30.09
CA GLU A 279 25.98 12.34 -28.71
C GLU A 279 24.77 13.23 -28.48
N SER A 280 24.80 14.47 -28.98
CA SER A 280 23.72 15.41 -28.72
C SER A 280 22.43 14.97 -29.41
N VAL A 281 22.51 14.52 -30.65
CA VAL A 281 21.32 14.05 -31.36
C VAL A 281 20.79 12.77 -30.73
N ARG A 282 21.70 11.93 -30.22
CA ARG A 282 21.27 10.74 -29.48
C ARG A 282 20.52 11.12 -28.21
N LEU A 283 21.02 12.13 -27.49
CA LEU A 283 20.34 12.57 -26.27
C LEU A 283 18.99 13.18 -26.57
N GLU A 284 18.88 13.93 -27.68
CA GLU A 284 17.59 14.49 -28.07
C GLU A 284 16.60 13.39 -28.46
N MET A 285 17.08 12.38 -29.19
CA MET A 285 16.21 11.25 -29.55
C MET A 285 15.77 10.49 -28.31
N ILE A 286 16.68 10.31 -27.34
CA ILE A 286 16.31 9.66 -26.10
C ILE A 286 15.29 10.49 -25.32
N LYS A 287 15.44 11.82 -25.35
CA LYS A 287 14.47 12.70 -24.71
C LYS A 287 13.09 12.53 -25.33
N GLU A 288 13.02 12.51 -26.67
CA GLU A 288 11.73 12.35 -27.34
C GLU A 288 11.15 10.96 -27.07
N ILE A 289 11.98 9.93 -27.06
CA ILE A 289 11.51 8.58 -26.79
C ILE A 289 10.97 8.48 -25.36
N GLY A 290 11.68 9.13 -24.45
CA GLY A 290 11.27 9.10 -23.04
C GLY A 290 10.02 9.91 -22.82
N LEU A 291 9.80 10.95 -23.62
CA LEU A 291 8.53 11.67 -23.49
C LEU A 291 7.43 10.74 -24.01
N THR A 292 7.72 10.04 -25.10
CA THR A 292 6.70 9.07 -25.56
C THR A 292 6.57 8.00 -24.49
N HIS A 293 7.67 7.65 -23.81
CA HIS A 293 7.51 6.54 -22.84
C HIS A 293 6.58 7.03 -21.74
N MET A 294 6.75 8.29 -21.35
CA MET A 294 5.90 8.86 -20.30
C MET A 294 4.46 8.75 -20.78
N ARG A 295 4.20 9.27 -21.97
CA ARG A 295 2.78 9.29 -22.39
C ARG A 295 2.25 7.86 -22.32
N ILE A 296 3.02 6.91 -22.84
CA ILE A 296 2.54 5.51 -22.91
C ILE A 296 2.26 4.97 -21.50
N LEU A 297 3.13 5.23 -20.52
CA LEU A 297 2.88 4.65 -19.20
C LEU A 297 1.56 5.13 -18.60
N GLU A 298 1.08 6.30 -19.02
CA GLU A 298 -0.18 6.83 -18.51
C GLU A 298 -1.40 6.22 -19.18
N GLY A 299 -1.22 5.27 -20.08
CA GLY A 299 -2.32 4.63 -20.76
C GLY A 299 -2.71 5.25 -22.09
N VAL A 300 -1.88 6.15 -22.63
CA VAL A 300 -2.19 6.82 -23.89
C VAL A 300 -1.38 6.15 -25.00
N GLY A 301 -0.99 4.90 -24.77
CA GLY A 301 -0.15 4.20 -25.71
C GLY A 301 -0.88 3.73 -26.96
N THR A 302 -0.62 4.41 -28.08
CA THR A 302 -1.23 4.11 -29.37
C THR A 302 -0.18 4.26 -30.45
N TYR A 303 -0.62 4.08 -31.70
CA TYR A 303 0.29 4.25 -32.83
C TYR A 303 0.59 5.72 -33.11
N LEU A 304 -0.35 6.60 -32.78
CA LEU A 304 -0.14 8.03 -33.04
C LEU A 304 1.00 8.59 -32.19
N GLN A 305 1.14 8.10 -30.96
CA GLN A 305 2.22 8.57 -30.10
C GLN A 305 3.58 8.15 -30.63
N LEU A 306 3.70 6.91 -31.11
CA LEU A 306 4.95 6.46 -31.70
C LEU A 306 5.25 7.19 -33.00
N ALA A 307 4.21 7.48 -33.79
CA ALA A 307 4.41 8.24 -35.02
C ALA A 307 4.90 9.65 -34.71
N SER A 308 4.34 10.28 -33.67
CA SER A 308 4.78 11.61 -33.28
C SER A 308 6.21 11.58 -32.73
N MET A 309 6.56 10.51 -32.00
CA MET A 309 7.92 10.36 -31.52
C MET A 309 8.91 10.25 -32.68
N LEU A 310 8.57 9.44 -33.69
CA LEU A 310 9.43 9.34 -34.86
C LEU A 310 9.52 10.66 -35.61
N ALA A 311 8.40 11.39 -35.70
CA ALA A 311 8.41 12.69 -36.36
C ALA A 311 9.31 13.68 -35.63
N LYS A 312 9.26 13.67 -34.30
CA LYS A 312 10.11 14.57 -33.52
C LYS A 312 11.58 14.18 -33.64
N ILE A 313 11.87 12.88 -33.67
CA ILE A 313 13.25 12.43 -33.87
C ILE A 313 13.76 12.87 -35.23
N HIS A 314 12.93 12.77 -36.26
CA HIS A 314 13.34 13.20 -37.60
C HIS A 314 13.51 14.71 -37.66
N LYS A 315 12.64 15.45 -36.96
CA LYS A 315 12.78 16.91 -36.90
C LYS A 315 14.08 17.31 -36.21
N LEU A 316 14.47 16.57 -35.17
CA LEU A 316 15.77 16.80 -34.54
C LEU A 316 16.90 16.48 -35.51
N ASN A 317 16.77 15.38 -36.25
CA ASN A 317 17.75 15.04 -37.27
C ASN A 317 17.63 15.93 -38.50
N ASN A 318 16.61 16.77 -38.57
CA ASN A 318 16.41 17.67 -39.71
C ASN A 318 17.18 18.97 -39.53
N LYS A 319 18.24 18.93 -38.74
CA LYS A 319 19.10 20.09 -38.46
C LYS A 319 18.30 21.21 -37.79
N SER B 1 -25.27 -23.75 -16.73
CA SER B 1 -25.36 -23.92 -18.17
C SER B 1 -24.47 -22.91 -18.89
N LYS B 2 -24.01 -23.27 -20.09
CA LYS B 2 -23.15 -22.38 -20.87
C LYS B 2 -23.92 -21.23 -21.51
N GLU B 3 -25.25 -21.28 -21.52
CA GLU B 3 -26.05 -20.20 -22.08
C GLU B 3 -26.10 -18.97 -21.19
N ASN B 4 -25.51 -19.03 -20.00
CA ASN B 4 -25.44 -17.88 -19.11
C ASN B 4 -24.11 -17.14 -19.18
N LEU B 5 -23.07 -17.79 -19.71
CA LEU B 5 -21.78 -17.12 -19.83
C LEU B 5 -21.82 -16.11 -20.97
N PRO B 6 -21.02 -15.04 -20.89
CA PRO B 6 -20.95 -14.11 -22.02
C PRO B 6 -20.34 -14.77 -23.24
N TRP B 7 -20.49 -14.11 -24.40
CA TRP B 7 -20.01 -14.69 -25.64
C TRP B 7 -18.50 -14.85 -25.66
N VAL B 8 -17.79 -14.02 -24.89
CA VAL B 8 -16.33 -14.15 -24.81
C VAL B 8 -15.95 -15.40 -24.04
N GLU B 9 -16.76 -15.77 -23.04
CA GLU B 9 -16.46 -16.95 -22.24
C GLU B 9 -17.15 -18.19 -22.82
N LYS B 10 -18.35 -18.02 -23.38
CA LYS B 10 -19.07 -19.15 -23.92
C LYS B 10 -18.33 -19.79 -25.10
N TYR B 11 -17.75 -18.96 -25.96
CA TYR B 11 -17.06 -19.43 -27.16
C TYR B 11 -15.56 -19.58 -26.95
N ARG B 12 -15.12 -19.88 -25.74
CA ARG B 12 -13.71 -20.12 -25.50
C ARG B 12 -13.30 -21.44 -26.13
N PRO B 13 -12.21 -21.48 -26.90
CA PRO B 13 -11.81 -22.73 -27.55
C PRO B 13 -11.40 -23.77 -26.53
N GLU B 14 -11.90 -24.99 -26.72
CA GLU B 14 -11.58 -26.12 -25.87
C GLU B 14 -10.57 -27.08 -26.50
N THR B 15 -10.45 -27.09 -27.81
CA THR B 15 -9.48 -27.91 -28.52
C THR B 15 -8.58 -27.01 -29.34
N LEU B 16 -7.43 -27.55 -29.74
CA LEU B 16 -6.48 -26.79 -30.55
C LEU B 16 -6.98 -26.51 -31.96
N ASP B 17 -8.04 -27.18 -32.40
CA ASP B 17 -8.60 -26.94 -33.71
C ASP B 17 -9.55 -25.75 -33.74
N GLU B 18 -9.92 -25.21 -32.59
CA GLU B 18 -10.81 -24.05 -32.50
C GLU B 18 -10.06 -22.74 -32.30
N VAL B 19 -8.73 -22.77 -32.31
CA VAL B 19 -7.91 -21.58 -32.14
C VAL B 19 -7.51 -21.12 -33.54
N TYR B 20 -8.21 -20.11 -34.04
CA TYR B 20 -7.93 -19.58 -35.37
C TYR B 20 -6.87 -18.48 -35.30
N GLY B 21 -6.41 -18.07 -36.47
CA GLY B 21 -5.40 -17.01 -36.56
C GLY B 21 -3.98 -17.48 -36.43
N GLN B 22 -3.67 -18.23 -35.39
CA GLN B 22 -2.33 -18.76 -35.17
C GLN B 22 -2.23 -20.14 -35.81
N ASN B 23 -1.47 -20.22 -36.90
CA ASN B 23 -1.27 -21.49 -37.60
C ASN B 23 0.17 -21.97 -37.52
N GLU B 24 1.14 -21.06 -37.67
CA GLU B 24 2.54 -21.48 -37.62
C GLU B 24 2.97 -21.94 -36.25
N VAL B 25 2.37 -21.36 -35.19
CA VAL B 25 2.72 -21.77 -33.84
C VAL B 25 1.88 -22.96 -33.39
N ILE B 26 0.62 -23.01 -33.82
CA ILE B 26 -0.26 -24.11 -33.43
C ILE B 26 0.24 -25.43 -34.00
N THR B 27 0.62 -25.44 -35.28
CA THR B 27 1.13 -26.65 -35.90
C THR B 27 2.44 -27.08 -35.27
N THR B 28 3.31 -26.11 -34.97
CA THR B 28 4.59 -26.42 -34.33
C THR B 28 4.38 -27.01 -32.94
N VAL B 29 3.42 -26.48 -32.18
CA VAL B 29 3.15 -27.00 -30.84
C VAL B 29 2.54 -28.39 -30.93
N ARG B 30 1.64 -28.62 -31.89
CA ARG B 30 1.09 -29.95 -32.09
C ARG B 30 2.18 -30.96 -32.43
N LYS B 31 3.13 -30.56 -33.27
CA LYS B 31 4.24 -31.44 -33.60
C LYS B 31 5.13 -31.69 -32.39
N PHE B 32 5.38 -30.64 -31.60
CA PHE B 32 6.16 -30.79 -30.37
C PHE B 32 5.52 -31.84 -29.45
N VAL B 33 4.21 -31.78 -29.30
CA VAL B 33 3.52 -32.68 -28.38
C VAL B 33 3.40 -34.09 -28.95
N ASP B 34 3.17 -34.23 -30.25
CA ASP B 34 3.07 -35.56 -30.84
C ASP B 34 4.41 -36.27 -30.85
N GLU B 35 5.47 -35.57 -31.24
CA GLU B 35 6.79 -36.18 -31.26
C GLU B 35 7.39 -36.32 -29.87
N GLY B 36 6.92 -35.53 -28.90
CA GLY B 36 7.35 -35.65 -27.53
C GLY B 36 8.21 -34.52 -27.02
N LYS B 37 9.02 -33.91 -27.89
CA LYS B 37 9.91 -32.84 -27.46
C LYS B 37 9.16 -31.52 -27.30
N LEU B 38 8.61 -31.28 -26.13
CA LEU B 38 7.91 -30.04 -25.83
C LEU B 38 8.80 -29.18 -24.95
N PRO B 39 9.43 -28.13 -25.47
CA PRO B 39 10.30 -27.29 -24.64
C PRO B 39 9.52 -26.28 -23.82
N HIS B 40 10.22 -25.47 -23.03
CA HIS B 40 9.58 -24.42 -22.24
C HIS B 40 9.07 -23.33 -23.17
N LEU B 41 7.77 -23.05 -23.10
CA LEU B 41 7.11 -22.16 -24.04
C LEU B 41 6.96 -20.76 -23.44
N LEU B 42 7.05 -19.76 -24.31
CA LEU B 42 6.84 -18.36 -23.93
C LEU B 42 5.91 -17.74 -24.96
N PHE B 43 4.63 -17.69 -24.63
CA PHE B 43 3.61 -17.14 -25.52
C PHE B 43 3.54 -15.63 -25.29
N TYR B 44 4.13 -14.86 -26.21
CA TYR B 44 4.13 -13.41 -26.11
C TYR B 44 3.19 -12.84 -27.17
N GLY B 45 2.30 -11.93 -26.75
CA GLY B 45 1.37 -11.33 -27.66
C GLY B 45 0.40 -10.36 -27.05
N PRO B 46 -0.35 -9.66 -27.88
CA PRO B 46 -1.31 -8.67 -27.39
C PRO B 46 -2.50 -9.34 -26.75
N PRO B 47 -3.31 -8.60 -25.98
CA PRO B 47 -4.49 -9.21 -25.36
C PRO B 47 -5.52 -9.61 -26.40
N GLY B 48 -6.21 -10.72 -26.12
CA GLY B 48 -7.25 -11.20 -27.01
C GLY B 48 -6.79 -11.95 -28.23
N THR B 49 -5.54 -12.41 -28.25
CA THR B 49 -5.02 -13.17 -29.37
C THR B 49 -5.22 -14.68 -29.23
N GLY B 50 -5.44 -15.17 -28.01
CA GLY B 50 -5.72 -16.58 -27.82
C GLY B 50 -4.55 -17.36 -27.24
N LYS B 51 -3.77 -16.74 -26.36
CA LYS B 51 -2.67 -17.45 -25.72
C LYS B 51 -3.16 -18.37 -24.61
N THR B 52 -4.01 -17.83 -23.72
CA THR B 52 -4.55 -18.65 -22.64
C THR B 52 -5.41 -19.78 -23.18
N SER B 53 -6.24 -19.49 -24.18
CA SER B 53 -7.04 -20.55 -24.80
C SER B 53 -6.15 -21.60 -25.45
N THR B 54 -5.08 -21.16 -26.11
CA THR B 54 -4.16 -22.11 -26.73
C THR B 54 -3.52 -23.03 -25.71
N ILE B 55 -3.00 -22.46 -24.62
CA ILE B 55 -2.33 -23.31 -23.63
C ILE B 55 -3.33 -24.19 -22.88
N VAL B 56 -4.56 -23.72 -22.67
CA VAL B 56 -5.57 -24.55 -22.01
C VAL B 56 -5.94 -25.73 -22.90
N ALA B 57 -6.19 -25.47 -24.19
CA ALA B 57 -6.49 -26.56 -25.12
C ALA B 57 -5.30 -27.51 -25.25
N LEU B 58 -4.08 -26.99 -25.17
CA LEU B 58 -2.90 -27.84 -25.24
C LEU B 58 -2.82 -28.77 -24.04
N ALA B 59 -3.02 -28.23 -22.84
CA ALA B 59 -3.00 -29.07 -21.64
C ALA B 59 -4.13 -30.07 -21.66
N ARG B 60 -5.29 -29.68 -22.21
CA ARG B 60 -6.40 -30.62 -22.36
C ARG B 60 -6.03 -31.77 -23.29
N GLU B 61 -5.43 -31.46 -24.44
CA GLU B 61 -5.00 -32.49 -25.37
C GLU B 61 -3.90 -33.37 -24.79
N ILE B 62 -3.06 -32.83 -23.91
CA ILE B 62 -1.96 -33.58 -23.34
C ILE B 62 -2.43 -34.52 -22.24
N TYR B 63 -3.20 -34.01 -21.27
CA TYR B 63 -3.57 -34.78 -20.10
C TYR B 63 -5.00 -35.31 -20.12
N GLY B 64 -5.83 -34.86 -21.05
CA GLY B 64 -7.19 -35.33 -21.12
C GLY B 64 -8.16 -34.38 -20.44
N LYS B 65 -9.27 -34.97 -19.96
CA LYS B 65 -10.31 -34.17 -19.31
C LYS B 65 -9.94 -33.82 -17.88
N ASN B 66 -8.95 -34.48 -17.29
CA ASN B 66 -8.51 -34.20 -15.93
C ASN B 66 -7.44 -33.12 -15.86
N TYR B 67 -7.41 -32.22 -16.86
CA TYR B 67 -6.42 -31.15 -16.93
C TYR B 67 -6.36 -30.32 -15.66
N SER B 68 -7.51 -30.05 -15.05
CA SER B 68 -7.57 -29.17 -13.89
C SER B 68 -6.84 -29.71 -12.67
N ASN B 69 -6.33 -30.94 -12.72
CA ASN B 69 -5.64 -31.54 -11.60
C ASN B 69 -4.17 -31.82 -11.86
N MET B 70 -3.81 -32.12 -13.10
CA MET B 70 -2.43 -32.47 -13.46
C MET B 70 -1.60 -31.27 -13.87
N VAL B 71 -2.16 -30.06 -13.84
CA VAL B 71 -1.47 -28.85 -14.28
C VAL B 71 -1.53 -27.81 -13.16
N LEU B 72 -0.41 -27.14 -12.92
CA LEU B 72 -0.32 -26.08 -11.93
C LEU B 72 -0.41 -24.75 -12.65
N GLU B 73 -1.56 -24.09 -12.55
CA GLU B 73 -1.82 -22.84 -13.26
C GLU B 73 -1.78 -21.68 -12.26
N LEU B 74 -0.79 -20.81 -12.41
CA LEU B 74 -0.64 -19.62 -11.58
C LEU B 74 -0.78 -18.38 -12.44
N ASN B 75 -1.34 -17.33 -11.86
CA ASN B 75 -1.61 -16.10 -12.60
C ASN B 75 -1.41 -14.91 -11.67
N ALA B 76 -1.67 -13.71 -12.19
CA ALA B 76 -1.50 -12.50 -11.39
C ALA B 76 -2.52 -12.42 -10.26
N SER B 77 -3.70 -13.01 -10.44
CA SER B 77 -4.70 -13.03 -9.39
C SER B 77 -4.21 -13.76 -8.15
N ASP B 78 -3.37 -14.78 -8.33
CA ASP B 78 -2.79 -15.50 -7.20
C ASP B 78 -1.49 -14.83 -6.76
N ASP B 79 -1.17 -14.97 -5.49
CA ASP B 79 0.06 -14.42 -4.92
C ASP B 79 1.26 -15.16 -5.50
N ARG B 80 2.08 -14.46 -6.29
CA ARG B 80 3.26 -15.03 -6.91
C ARG B 80 4.49 -14.24 -6.44
N GLY B 81 5.06 -14.66 -5.31
CA GLY B 81 6.28 -14.10 -4.79
C GLY B 81 7.44 -15.06 -4.89
N ILE B 82 8.55 -14.69 -4.25
CA ILE B 82 9.71 -15.57 -4.25
C ILE B 82 9.49 -16.75 -3.32
N ASP B 83 8.87 -16.53 -2.16
CA ASP B 83 8.56 -17.64 -1.26
C ASP B 83 7.50 -18.54 -1.86
N VAL B 84 6.51 -17.97 -2.54
CA VAL B 84 5.51 -18.78 -3.24
C VAL B 84 6.18 -19.68 -4.27
N VAL B 85 7.12 -19.13 -5.04
CA VAL B 85 7.89 -19.96 -5.96
C VAL B 85 8.59 -21.07 -5.19
N ARG B 86 9.47 -20.68 -4.26
CA ARG B 86 10.29 -21.62 -3.50
C ARG B 86 9.49 -22.80 -2.98
N ASN B 87 8.31 -22.53 -2.40
CA ASN B 87 7.52 -23.61 -1.84
C ASN B 87 6.72 -24.34 -2.93
N GLN B 88 5.76 -23.62 -3.53
CA GLN B 88 4.77 -24.28 -4.38
C GLN B 88 5.39 -24.82 -5.66
N ILE B 89 6.12 -23.97 -6.39
CA ILE B 89 6.60 -24.39 -7.70
C ILE B 89 7.66 -25.47 -7.57
N LYS B 90 8.53 -25.36 -6.56
CA LYS B 90 9.57 -26.37 -6.38
C LYS B 90 8.98 -27.69 -5.89
N ASP B 91 7.97 -27.63 -5.02
CA ASP B 91 7.34 -28.87 -4.56
C ASP B 91 6.55 -29.53 -5.70
N PHE B 92 6.00 -28.72 -6.60
CA PHE B 92 5.30 -29.28 -7.75
C PHE B 92 6.26 -29.90 -8.75
N ALA B 93 7.39 -29.23 -9.00
CA ALA B 93 8.35 -29.73 -9.97
C ALA B 93 9.09 -30.96 -9.46
N SER B 94 9.46 -30.97 -8.18
CA SER B 94 10.23 -32.07 -7.63
C SER B 94 9.40 -33.35 -7.48
N THR B 95 8.11 -33.22 -7.22
CA THR B 95 7.25 -34.39 -7.02
C THR B 95 6.68 -34.84 -8.36
N ARG B 96 5.83 -35.86 -8.32
CA ARG B 96 5.22 -36.42 -9.53
C ARG B 96 3.70 -36.31 -9.43
N GLN B 97 3.03 -36.81 -10.47
CA GLN B 97 1.59 -36.67 -10.60
C GLN B 97 0.86 -37.65 -9.69
N ILE B 98 -0.30 -37.22 -9.19
CA ILE B 98 -1.09 -38.07 -8.31
C ILE B 98 -2.20 -38.79 -9.06
N PHE B 99 -2.42 -38.47 -10.34
CA PHE B 99 -3.51 -39.05 -11.11
C PHE B 99 -3.05 -39.95 -12.24
N SER B 100 -1.86 -39.74 -12.79
CA SER B 100 -1.36 -40.56 -13.89
C SER B 100 0.15 -40.48 -13.89
N LYS B 101 0.77 -40.96 -14.97
CA LYS B 101 2.22 -40.95 -15.13
C LYS B 101 2.58 -40.12 -16.35
N GLY B 102 3.49 -39.18 -16.18
CA GLY B 102 3.91 -38.32 -17.26
C GLY B 102 4.48 -37.02 -16.73
N PHE B 103 4.98 -36.20 -17.65
CA PHE B 103 5.55 -34.91 -17.28
C PHE B 103 4.47 -33.96 -16.78
N LYS B 104 4.89 -32.97 -16.01
CA LYS B 104 4.00 -31.98 -15.44
C LYS B 104 4.03 -30.70 -16.27
N LEU B 105 3.04 -29.84 -16.01
CA LEU B 105 2.90 -28.58 -16.74
C LEU B 105 2.60 -27.46 -15.75
N ILE B 106 3.43 -26.42 -15.77
CA ILE B 106 3.24 -25.23 -14.95
C ILE B 106 2.95 -24.06 -15.89
N ILE B 107 1.73 -23.55 -15.82
CA ILE B 107 1.27 -22.46 -16.69
C ILE B 107 1.32 -21.18 -15.87
N LEU B 108 2.36 -20.38 -16.10
CA LEU B 108 2.51 -19.09 -15.43
C LEU B 108 1.87 -18.03 -16.31
N ASP B 109 0.55 -17.93 -16.23
CA ASP B 109 -0.19 -16.96 -17.03
C ASP B 109 0.01 -15.55 -16.49
N GLU B 110 0.14 -14.59 -17.39
CA GLU B 110 0.35 -13.18 -17.03
C GLU B 110 1.56 -13.01 -16.11
N ALA B 111 2.65 -13.70 -16.45
CA ALA B 111 3.87 -13.66 -15.64
C ALA B 111 4.66 -12.38 -15.81
N ASP B 112 4.13 -11.39 -16.53
CA ASP B 112 4.79 -10.10 -16.66
C ASP B 112 4.60 -9.21 -15.44
N ALA B 113 3.80 -9.64 -14.47
CA ALA B 113 3.60 -8.92 -13.23
C ALA B 113 4.34 -9.55 -12.06
N MET B 114 5.22 -10.50 -12.32
CA MET B 114 5.98 -11.16 -11.27
C MET B 114 7.16 -10.29 -10.86
N THR B 115 7.60 -10.47 -9.61
CA THR B 115 8.72 -9.71 -9.09
C THR B 115 10.03 -10.20 -9.71
N ASN B 116 11.03 -9.32 -9.73
CA ASN B 116 12.33 -9.68 -10.28
C ASN B 116 12.98 -10.79 -9.46
N ALA B 117 12.81 -10.75 -8.14
CA ALA B 117 13.36 -11.80 -7.30
C ALA B 117 12.67 -13.14 -7.59
N ALA B 118 11.36 -13.11 -7.85
CA ALA B 118 10.65 -14.34 -8.19
C ALA B 118 11.19 -14.95 -9.48
N GLN B 119 11.44 -14.12 -10.50
CA GLN B 119 11.99 -14.63 -11.74
C GLN B 119 13.42 -15.12 -11.56
N ASN B 120 14.20 -14.43 -10.71
CA ASN B 120 15.57 -14.86 -10.46
C ASN B 120 15.60 -16.20 -9.72
N ALA B 121 14.59 -16.45 -8.89
CA ALA B 121 14.51 -17.74 -8.21
C ALA B 121 13.95 -18.83 -9.13
N LEU B 122 13.09 -18.45 -10.07
CA LEU B 122 12.45 -19.42 -10.96
C LEU B 122 13.36 -19.83 -12.12
N ARG B 123 14.28 -18.96 -12.53
CA ARG B 123 15.16 -19.28 -13.65
C ARG B 123 16.06 -20.47 -13.36
N ARG B 124 16.33 -20.78 -12.09
CA ARG B 124 17.08 -21.96 -11.72
C ARG B 124 16.17 -23.15 -11.41
N VAL B 125 14.88 -22.91 -11.18
CA VAL B 125 13.92 -24.00 -11.08
C VAL B 125 13.62 -24.58 -12.45
N ILE B 126 13.54 -23.73 -13.48
CA ILE B 126 13.31 -24.20 -14.83
C ILE B 126 14.50 -25.01 -15.33
N GLU B 127 15.72 -24.62 -14.94
CA GLU B 127 16.92 -25.30 -15.42
C GLU B 127 17.24 -26.57 -14.65
N ARG B 128 16.83 -26.67 -13.39
CA ARG B 128 17.08 -27.85 -12.57
C ARG B 128 16.07 -28.96 -12.80
N TYR B 129 14.78 -28.65 -12.63
CA TYR B 129 13.72 -29.62 -12.88
C TYR B 129 13.25 -29.45 -14.32
N THR B 130 13.89 -30.17 -15.24
CA THR B 130 13.55 -30.08 -16.66
C THR B 130 13.32 -31.44 -17.30
N LYS B 131 13.37 -32.52 -16.53
CA LYS B 131 13.12 -33.86 -17.05
C LYS B 131 11.74 -34.38 -16.66
N ASN B 132 11.08 -33.78 -15.67
CA ASN B 132 9.77 -34.23 -15.25
C ASN B 132 8.69 -33.15 -15.33
N THR B 133 9.03 -31.90 -15.65
CA THR B 133 8.05 -30.83 -15.72
C THR B 133 8.47 -29.83 -16.77
N ARG B 134 7.50 -29.02 -17.21
CA ARG B 134 7.74 -27.98 -18.20
C ARG B 134 7.14 -26.67 -17.72
N PHE B 135 7.53 -25.58 -18.37
CA PHE B 135 7.11 -24.24 -18.00
C PHE B 135 6.54 -23.51 -19.21
N CYS B 136 5.40 -22.84 -19.01
CA CYS B 136 4.77 -22.03 -20.03
C CYS B 136 4.50 -20.65 -19.45
N VAL B 137 5.12 -19.63 -20.03
CA VAL B 137 5.02 -18.25 -19.57
C VAL B 137 4.25 -17.45 -20.60
N LEU B 138 3.15 -16.84 -20.19
CA LEU B 138 2.33 -16.01 -21.06
C LEU B 138 2.59 -14.54 -20.75
N ALA B 139 2.78 -13.74 -21.79
CA ALA B 139 3.17 -12.35 -21.59
C ALA B 139 2.57 -11.47 -22.67
N ASN B 140 2.27 -10.22 -22.29
CA ASN B 140 1.86 -9.18 -23.22
C ASN B 140 2.99 -8.19 -23.49
N TYR B 141 3.89 -8.00 -22.53
CA TYR B 141 5.04 -7.13 -22.68
C TYR B 141 6.29 -7.93 -22.33
N ALA B 142 7.22 -8.03 -23.28
CA ALA B 142 8.45 -8.79 -23.10
C ALA B 142 9.53 -8.02 -22.35
N HIS B 143 9.26 -6.76 -21.97
CA HIS B 143 10.23 -5.96 -21.24
C HIS B 143 10.17 -6.18 -19.74
N LYS B 144 9.08 -6.74 -19.22
CA LYS B 144 8.93 -7.01 -17.80
C LYS B 144 9.56 -8.34 -17.38
N LEU B 145 10.11 -9.10 -18.32
CA LEU B 145 10.75 -10.38 -18.02
C LEU B 145 12.26 -10.21 -18.11
N THR B 146 12.96 -10.77 -17.14
CA THR B 146 14.41 -10.70 -17.13
C THR B 146 14.98 -11.45 -18.35
N PRO B 147 16.12 -10.99 -18.89
CA PRO B 147 16.69 -11.69 -20.05
C PRO B 147 17.10 -13.12 -19.76
N ALA B 148 17.52 -13.42 -18.53
CA ALA B 148 17.87 -14.78 -18.16
C ALA B 148 16.66 -15.70 -18.27
N LEU B 149 15.52 -15.27 -17.70
CA LEU B 149 14.29 -16.04 -17.84
C LEU B 149 13.79 -16.04 -19.28
N LEU B 150 14.03 -14.95 -20.01
CA LEU B 150 13.58 -14.85 -21.40
C LEU B 150 14.37 -15.77 -22.33
N SER B 151 15.60 -16.14 -21.96
CA SER B 151 16.44 -16.96 -22.81
C SER B 151 16.26 -18.46 -22.59
N ARG B 152 15.60 -18.87 -21.51
CA ARG B 152 15.44 -20.29 -21.22
C ARG B 152 14.22 -20.90 -21.90
N CYS B 153 13.35 -20.09 -22.50
CA CYS B 153 12.12 -20.58 -23.09
C CYS B 153 12.09 -20.27 -24.58
N THR B 154 11.40 -21.12 -25.34
CA THR B 154 11.19 -20.91 -26.76
C THR B 154 10.04 -19.92 -26.95
N ARG B 155 10.32 -18.82 -27.65
CA ARG B 155 9.39 -17.71 -27.78
C ARG B 155 8.48 -17.92 -28.98
N PHE B 156 7.17 -17.78 -28.76
CA PHE B 156 6.17 -17.82 -29.81
C PHE B 156 5.37 -16.52 -29.77
N ARG B 157 5.40 -15.78 -30.86
CA ARG B 157 4.72 -14.49 -30.95
C ARG B 157 3.34 -14.69 -31.56
N PHE B 158 2.30 -14.38 -30.79
CA PHE B 158 0.92 -14.52 -31.25
C PHE B 158 0.56 -13.27 -32.07
N GLN B 159 0.52 -13.42 -33.39
CA GLN B 159 0.18 -12.30 -34.25
C GLN B 159 -1.29 -11.94 -34.08
N PRO B 160 -1.66 -10.69 -34.38
CA PRO B 160 -3.08 -10.32 -34.35
C PRO B 160 -3.88 -11.13 -35.35
N LEU B 161 -5.16 -11.35 -35.03
CA LEU B 161 -6.00 -12.21 -35.85
C LEU B 161 -6.20 -11.59 -37.23
N PRO B 162 -5.92 -12.32 -38.31
CA PRO B 162 -6.13 -11.77 -39.65
C PRO B 162 -7.59 -11.78 -40.06
N GLN B 163 -7.87 -11.35 -41.30
CA GLN B 163 -9.25 -11.21 -41.75
C GLN B 163 -9.91 -12.58 -41.91
N GLU B 164 -9.19 -13.54 -42.49
CA GLU B 164 -9.79 -14.85 -42.77
C GLU B 164 -10.22 -15.56 -41.49
N ALA B 165 -9.35 -15.59 -40.49
CA ALA B 165 -9.65 -16.34 -39.27
C ALA B 165 -10.76 -15.65 -38.48
N ILE B 166 -10.74 -14.33 -38.41
CA ILE B 166 -11.78 -13.62 -37.67
C ILE B 166 -13.12 -13.75 -38.37
N GLU B 167 -13.13 -13.78 -39.71
CA GLU B 167 -14.38 -14.02 -40.43
C GLU B 167 -14.85 -15.44 -40.24
N ARG B 168 -13.93 -16.41 -40.15
CA ARG B 168 -14.31 -17.78 -39.88
C ARG B 168 -14.95 -17.92 -38.51
N ARG B 169 -14.38 -17.26 -37.50
CA ARG B 169 -14.97 -17.30 -36.17
C ARG B 169 -16.31 -16.58 -36.14
N ILE B 170 -16.45 -15.48 -36.88
CA ILE B 170 -17.73 -14.79 -36.96
C ILE B 170 -18.78 -15.69 -37.60
N ALA B 171 -18.39 -16.43 -38.64
CA ALA B 171 -19.33 -17.36 -39.27
C ALA B 171 -19.71 -18.49 -38.32
N ASN B 172 -18.75 -18.97 -37.54
CA ASN B 172 -19.05 -20.00 -36.54
C ASN B 172 -20.05 -19.48 -35.51
N VAL B 173 -19.88 -18.24 -35.06
CA VAL B 173 -20.80 -17.65 -34.09
C VAL B 173 -22.17 -17.45 -34.72
N LEU B 174 -22.22 -17.02 -35.97
CA LEU B 174 -23.50 -16.82 -36.66
C LEU B 174 -24.19 -18.15 -36.94
N VAL B 175 -23.43 -19.24 -36.98
CA VAL B 175 -24.03 -20.56 -37.08
C VAL B 175 -24.57 -21.01 -35.74
N HIS B 176 -23.81 -20.76 -34.66
CA HIS B 176 -24.24 -21.17 -33.33
C HIS B 176 -25.42 -20.36 -32.82
N GLU B 177 -25.58 -19.12 -33.27
CA GLU B 177 -26.68 -18.25 -32.84
C GLU B 177 -27.62 -18.00 -34.01
N LYS B 178 -28.89 -17.79 -33.69
CA LYS B 178 -29.90 -17.44 -34.71
C LYS B 178 -29.70 -15.96 -35.06
N LEU B 179 -28.70 -15.70 -35.90
CA LEU B 179 -28.31 -14.33 -36.22
C LEU B 179 -27.80 -14.27 -37.65
N LYS B 180 -28.07 -13.14 -38.30
CA LYS B 180 -27.58 -12.86 -39.65
C LYS B 180 -26.77 -11.57 -39.63
N LEU B 181 -25.78 -11.48 -40.51
CA LEU B 181 -24.88 -10.32 -40.55
C LEU B 181 -24.67 -9.90 -41.99
N SER B 182 -24.72 -8.58 -42.23
CA SER B 182 -24.49 -8.05 -43.56
C SER B 182 -23.00 -8.08 -43.90
N PRO B 183 -22.66 -8.24 -45.18
CA PRO B 183 -21.24 -8.28 -45.57
C PRO B 183 -20.49 -7.00 -45.24
N ASN B 184 -21.07 -5.85 -45.60
CA ASN B 184 -20.43 -4.58 -45.26
C ASN B 184 -20.40 -4.37 -43.75
N ALA B 185 -21.44 -4.83 -43.04
CA ALA B 185 -21.44 -4.80 -41.59
C ALA B 185 -20.32 -5.66 -41.03
N GLU B 186 -20.09 -6.83 -41.63
CA GLU B 186 -19.00 -7.69 -41.20
C GLU B 186 -17.65 -7.02 -41.43
N LYS B 187 -17.49 -6.35 -42.58
CA LYS B 187 -16.24 -5.65 -42.85
C LYS B 187 -16.01 -4.53 -41.85
N ALA B 188 -17.05 -3.74 -41.57
CA ALA B 188 -16.91 -2.68 -40.57
C ALA B 188 -16.58 -3.26 -39.20
N LEU B 189 -17.16 -4.41 -38.86
CA LEU B 189 -16.84 -5.07 -37.60
C LEU B 189 -15.38 -5.49 -37.55
N ILE B 190 -14.86 -6.05 -38.65
CA ILE B 190 -13.45 -6.45 -38.68
C ILE B 190 -12.56 -5.21 -38.58
N GLU B 191 -13.03 -4.08 -39.10
CA GLU B 191 -12.21 -2.87 -39.09
C GLU B 191 -12.00 -2.33 -37.67
N LEU B 192 -13.02 -2.40 -36.82
CA LEU B 192 -12.94 -1.85 -35.47
C LEU B 192 -12.49 -2.90 -34.44
N SER B 193 -11.74 -3.91 -34.86
CA SER B 193 -11.32 -4.98 -33.97
C SER B 193 -9.83 -5.00 -33.67
N ASN B 194 -8.98 -4.66 -34.64
CA ASN B 194 -7.51 -4.69 -34.47
C ASN B 194 -7.03 -6.07 -34.06
N GLY B 195 -7.71 -7.12 -34.52
CA GLY B 195 -7.31 -8.47 -34.19
C GLY B 195 -7.64 -8.90 -32.78
N ASP B 196 -8.71 -8.36 -32.19
CA ASP B 196 -9.12 -8.67 -30.83
C ASP B 196 -10.46 -9.40 -30.88
N MET B 197 -10.43 -10.71 -30.63
CA MET B 197 -11.66 -11.50 -30.69
C MET B 197 -12.61 -11.13 -29.56
N ARG B 198 -12.09 -10.71 -28.41
CA ARG B 198 -12.93 -10.30 -27.30
C ARG B 198 -13.86 -9.16 -27.69
N ARG B 199 -13.30 -8.13 -28.33
CA ARG B 199 -14.12 -6.99 -28.77
C ARG B 199 -15.18 -7.42 -29.76
N VAL B 200 -14.81 -8.29 -30.71
CA VAL B 200 -15.77 -8.74 -31.72
C VAL B 200 -16.92 -9.48 -31.06
N LEU B 201 -16.61 -10.41 -30.16
CA LEU B 201 -17.66 -11.17 -29.50
C LEU B 201 -18.55 -10.27 -28.64
N ASN B 202 -17.94 -9.34 -27.91
CA ASN B 202 -18.71 -8.44 -27.06
C ASN B 202 -19.66 -7.58 -27.89
N VAL B 203 -19.15 -6.94 -28.95
CA VAL B 203 -20.01 -6.09 -29.74
C VAL B 203 -21.02 -6.90 -30.55
N LEU B 204 -20.71 -8.15 -30.88
CA LEU B 204 -21.69 -8.99 -31.56
C LEU B 204 -22.87 -9.30 -30.64
N GLN B 205 -22.56 -9.68 -29.40
CA GLN B 205 -23.61 -9.86 -28.40
C GLN B 205 -24.42 -8.58 -28.20
N SER B 206 -23.72 -7.45 -28.14
CA SER B 206 -24.39 -6.17 -27.90
C SER B 206 -25.30 -5.78 -29.07
N CYS B 207 -24.87 -5.99 -30.30
CA CYS B 207 -25.72 -5.66 -31.45
C CYS B 207 -26.84 -6.68 -31.62
N LYS B 208 -26.65 -7.93 -31.20
CA LYS B 208 -27.77 -8.85 -31.15
C LYS B 208 -28.80 -8.39 -30.13
N ALA B 209 -28.34 -7.85 -29.00
CA ALA B 209 -29.26 -7.26 -28.03
C ALA B 209 -29.91 -6.00 -28.57
N THR B 210 -29.23 -5.28 -29.46
CA THR B 210 -29.77 -4.03 -29.99
C THR B 210 -30.88 -4.27 -30.99
N LEU B 211 -30.91 -5.46 -31.60
CA LEU B 211 -31.84 -5.79 -32.68
C LEU B 211 -33.29 -5.52 -32.33
N ASP B 212 -33.66 -5.73 -31.06
CA ASP B 212 -35.00 -5.49 -30.53
C ASP B 212 -36.05 -6.41 -31.17
N ASN B 213 -35.65 -7.29 -32.07
CA ASN B 213 -36.54 -8.16 -32.81
C ASN B 213 -36.31 -9.61 -32.43
N PRO B 214 -37.19 -10.52 -32.87
CA PRO B 214 -36.94 -11.96 -32.65
C PRO B 214 -35.87 -12.52 -33.56
N ASP B 215 -35.07 -11.63 -34.17
CA ASP B 215 -33.92 -12.01 -35.00
C ASP B 215 -34.35 -12.59 -36.34
N GLU B 216 -35.43 -12.04 -36.90
CA GLU B 216 -35.81 -12.35 -38.27
C GLU B 216 -35.19 -11.38 -39.28
N ASP B 217 -34.53 -10.33 -38.80
CA ASP B 217 -33.87 -9.34 -39.64
C ASP B 217 -32.36 -9.52 -39.57
N GLU B 218 -31.66 -8.68 -40.32
CA GLU B 218 -30.20 -8.72 -40.39
C GLU B 218 -29.59 -7.60 -39.57
N ILE B 219 -28.28 -7.71 -39.34
CA ILE B 219 -27.49 -6.70 -38.65
C ILE B 219 -26.70 -5.94 -39.71
N SER B 220 -27.01 -4.66 -39.88
CA SER B 220 -26.37 -3.81 -40.87
C SER B 220 -25.28 -2.96 -40.22
N ASP B 221 -24.68 -2.09 -41.04
CA ASP B 221 -23.63 -1.21 -40.52
C ASP B 221 -24.18 -0.22 -39.52
N ASP B 222 -25.43 0.23 -39.72
CA ASP B 222 -26.03 1.20 -38.81
C ASP B 222 -26.11 0.65 -37.39
N VAL B 223 -26.51 -0.62 -37.26
CA VAL B 223 -26.61 -1.23 -35.92
C VAL B 223 -25.24 -1.25 -35.25
N ILE B 224 -24.21 -1.70 -35.97
CA ILE B 224 -22.87 -1.79 -35.39
C ILE B 224 -22.37 -0.41 -34.96
N TYR B 225 -22.54 0.58 -35.84
CA TYR B 225 -22.01 1.91 -35.56
C TYR B 225 -22.76 2.58 -34.41
N GLU B 226 -24.09 2.40 -34.36
CA GLU B 226 -24.86 2.96 -33.26
C GLU B 226 -24.65 2.24 -31.94
N CYS B 227 -24.28 0.96 -31.98
CA CYS B 227 -24.07 0.20 -30.75
C CYS B 227 -22.66 0.43 -30.17
N CYS B 228 -21.65 0.46 -31.03
CA CYS B 228 -20.27 0.68 -30.59
C CYS B 228 -19.92 2.18 -30.52
N GLY B 229 -20.83 3.05 -30.97
CA GLY B 229 -20.60 4.48 -30.92
C GLY B 229 -19.45 4.93 -31.80
N ALA B 230 -19.03 4.09 -32.73
CA ALA B 230 -17.93 4.43 -33.62
C ALA B 230 -18.41 5.26 -34.79
N PRO B 231 -17.59 6.21 -35.24
CA PRO B 231 -17.99 7.04 -36.38
C PRO B 231 -17.96 6.26 -37.69
N ARG B 232 -18.80 6.70 -38.62
CA ARG B 232 -18.86 6.04 -39.92
C ARG B 232 -17.84 6.64 -40.87
N PRO B 233 -17.33 5.87 -41.83
CA PRO B 233 -16.38 6.42 -42.81
C PRO B 233 -16.96 7.58 -43.60
N SER B 234 -18.28 7.56 -43.80
CA SER B 234 -18.94 8.65 -44.52
C SER B 234 -18.81 9.96 -43.75
N ASP B 235 -19.23 9.98 -42.49
CA ASP B 235 -19.10 11.20 -41.68
C ASP B 235 -17.64 11.56 -41.46
N LEU B 236 -16.77 10.56 -41.33
CA LEU B 236 -15.34 10.80 -41.18
C LEU B 236 -14.80 11.59 -42.38
N LYS B 237 -15.03 11.08 -43.59
CA LYS B 237 -14.56 11.75 -44.79
C LYS B 237 -15.25 13.08 -45.02
N ALA B 238 -16.51 13.21 -44.61
CA ALA B 238 -17.20 14.50 -44.74
C ALA B 238 -16.56 15.55 -43.85
N VAL B 239 -16.26 15.19 -42.59
CA VAL B 239 -15.60 16.11 -41.69
C VAL B 239 -14.21 16.47 -42.20
N LEU B 240 -13.47 15.47 -42.70
CA LEU B 240 -12.14 15.74 -43.23
C LEU B 240 -12.19 16.67 -44.43
N LYS B 241 -13.16 16.45 -45.33
CA LYS B 241 -13.30 17.31 -46.49
C LYS B 241 -13.68 18.73 -46.09
N SER B 242 -14.61 18.88 -45.16
CA SER B 242 -15.02 20.21 -44.72
C SER B 242 -13.89 20.93 -44.00
N ILE B 243 -13.00 20.17 -43.35
CA ILE B 243 -11.84 20.80 -42.70
C ILE B 243 -10.81 21.22 -43.73
N LEU B 244 -10.58 20.37 -44.74
CA LEU B 244 -9.51 20.64 -45.70
C LEU B 244 -9.88 21.73 -46.69
N GLU B 245 -11.15 21.79 -47.11
CA GLU B 245 -11.54 22.68 -48.20
C GLU B 245 -12.47 23.82 -47.75
N ASP B 246 -13.45 23.54 -46.91
CA ASP B 246 -14.48 24.52 -46.59
C ASP B 246 -13.93 25.58 -45.65
N ASP B 247 -14.78 26.52 -45.24
CA ASP B 247 -14.39 27.66 -44.44
C ASP B 247 -14.30 27.28 -42.96
N TRP B 248 -13.62 28.14 -42.20
CA TRP B 248 -13.41 27.87 -40.77
C TRP B 248 -14.73 27.73 -40.02
N GLY B 249 -15.62 28.71 -40.14
CA GLY B 249 -16.92 28.61 -39.48
C GLY B 249 -17.74 27.45 -39.98
N THR B 250 -17.73 27.21 -41.30
CA THR B 250 -18.43 26.07 -41.86
C THR B 250 -17.84 24.75 -41.38
N ALA B 251 -16.50 24.67 -41.26
CA ALA B 251 -15.87 23.46 -40.75
C ALA B 251 -16.24 23.22 -39.30
N HIS B 252 -16.28 24.29 -38.50
CA HIS B 252 -16.68 24.17 -37.10
C HIS B 252 -18.12 23.69 -36.99
N TYR B 253 -19.01 24.27 -37.80
CA TYR B 253 -20.41 23.86 -37.78
C TYR B 253 -20.56 22.40 -38.22
N THR B 254 -19.81 21.98 -39.23
CA THR B 254 -19.88 20.61 -39.71
C THR B 254 -19.39 19.64 -38.63
N LEU B 255 -18.26 19.93 -38.00
CA LEU B 255 -17.75 19.08 -36.95
C LEU B 255 -18.73 19.00 -35.78
N ASN B 256 -19.33 20.14 -35.41
CA ASN B 256 -20.28 20.15 -34.31
C ASN B 256 -21.51 19.31 -34.63
N LYS B 257 -22.09 19.51 -35.82
CA LYS B 257 -23.29 18.75 -36.17
C LYS B 257 -23.01 17.27 -36.33
N VAL B 258 -21.81 16.91 -36.80
CA VAL B 258 -21.48 15.49 -36.93
C VAL B 258 -21.28 14.85 -35.57
N ARG B 259 -20.56 15.53 -34.68
CA ARG B 259 -20.28 14.96 -33.36
C ARG B 259 -21.49 15.04 -32.42
N SER B 260 -22.50 15.85 -32.77
CA SER B 260 -23.69 15.96 -31.93
C SER B 260 -24.90 15.22 -32.50
N ALA B 261 -24.90 14.88 -33.79
CA ALA B 261 -26.04 14.16 -34.36
C ALA B 261 -26.05 12.70 -33.94
N LYS B 262 -24.87 12.07 -33.90
CA LYS B 262 -24.74 10.68 -33.49
C LYS B 262 -24.07 10.53 -32.13
N GLY B 263 -23.76 11.63 -31.45
CA GLY B 263 -23.09 11.55 -30.17
C GLY B 263 -21.68 11.01 -30.23
N LEU B 264 -20.99 11.22 -31.35
CA LEU B 264 -19.65 10.70 -31.52
C LEU B 264 -18.67 11.39 -30.57
N ALA B 265 -17.54 10.73 -30.34
CA ALA B 265 -16.48 11.25 -29.49
C ALA B 265 -15.39 11.89 -30.33
N LEU B 266 -14.70 12.87 -29.75
CA LEU B 266 -13.65 13.57 -30.47
C LEU B 266 -12.42 12.69 -30.65
N ILE B 267 -12.15 11.80 -29.70
CA ILE B 267 -10.99 10.93 -29.81
C ILE B 267 -11.16 9.93 -30.95
N ASP B 268 -12.37 9.39 -31.12
CA ASP B 268 -12.62 8.46 -32.21
C ASP B 268 -12.45 9.15 -33.56
N LEU B 269 -12.97 10.38 -33.67
CA LEU B 269 -12.79 11.15 -34.89
C LEU B 269 -11.31 11.45 -35.14
N ILE B 270 -10.56 11.73 -34.08
CA ILE B 270 -9.12 11.98 -34.22
C ILE B 270 -8.42 10.76 -34.77
N GLU B 271 -8.68 9.59 -34.18
CA GLU B 271 -8.04 8.36 -34.64
C GLU B 271 -8.46 8.03 -36.07
N GLY B 272 -9.72 8.27 -36.41
CA GLY B 272 -10.17 8.01 -37.77
C GLY B 272 -9.51 8.91 -38.79
N ILE B 273 -9.39 10.20 -38.47
CA ILE B 273 -8.72 11.13 -39.38
C ILE B 273 -7.25 10.78 -39.51
N VAL B 274 -6.62 10.33 -38.41
CA VAL B 274 -5.22 9.89 -38.48
C VAL B 274 -5.09 8.69 -39.40
N LYS B 275 -6.01 7.72 -39.28
CA LYS B 275 -5.95 6.54 -40.12
C LYS B 275 -6.18 6.89 -41.59
N ILE B 276 -7.08 7.84 -41.86
CA ILE B 276 -7.38 8.20 -43.24
C ILE B 276 -6.21 8.97 -43.86
N LEU B 277 -5.65 9.93 -43.12
CA LEU B 277 -4.56 10.74 -43.66
C LEU B 277 -3.27 9.96 -43.80
N GLU B 278 -3.19 8.75 -43.26
CA GLU B 278 -1.98 7.94 -43.41
C GLU B 278 -1.77 7.49 -44.85
N ASP B 279 -2.84 7.40 -45.64
CA ASP B 279 -2.72 7.01 -47.05
C ASP B 279 -2.49 8.19 -47.96
N TYR B 280 -2.62 9.42 -47.46
CA TYR B 280 -2.43 10.61 -48.29
C TYR B 280 -0.97 10.75 -48.71
N GLU B 281 -0.73 10.69 -50.02
CA GLU B 281 0.60 10.96 -50.56
C GLU B 281 0.85 12.46 -50.50
N LEU B 282 1.76 12.88 -49.64
CA LEU B 282 1.96 14.28 -49.33
C LEU B 282 3.33 14.77 -49.79
N GLN B 283 3.50 16.09 -49.74
CA GLN B 283 4.76 16.75 -50.06
C GLN B 283 5.72 16.67 -48.88
N ASN B 284 6.74 17.53 -48.88
CA ASN B 284 7.80 17.57 -47.87
C ASN B 284 7.30 17.25 -46.47
N GLU B 285 8.01 16.35 -45.78
CA GLU B 285 7.52 15.72 -44.55
C GLU B 285 7.27 16.69 -43.40
N GLU B 286 7.51 17.99 -43.59
CA GLU B 286 7.23 18.94 -42.51
C GLU B 286 5.75 18.97 -42.16
N THR B 287 4.88 18.88 -43.16
CA THR B 287 3.44 18.83 -42.91
C THR B 287 3.08 17.60 -42.08
N ARG B 288 3.65 16.45 -42.41
CA ARG B 288 3.39 15.24 -41.64
C ARG B 288 3.91 15.36 -40.22
N VAL B 289 5.08 15.97 -40.04
CA VAL B 289 5.65 16.16 -38.70
C VAL B 289 4.71 17.02 -37.86
N HIS B 290 4.32 18.18 -38.39
CA HIS B 290 3.43 19.06 -37.66
C HIS B 290 2.10 18.39 -37.36
N LEU B 291 1.53 17.69 -38.34
CA LEU B 291 0.25 17.01 -38.14
C LEU B 291 0.34 15.97 -37.04
N LEU B 292 1.33 15.08 -37.11
CA LEU B 292 1.47 14.03 -36.11
C LEU B 292 1.71 14.62 -34.73
N THR B 293 2.61 15.60 -34.63
CA THR B 293 2.91 16.20 -33.33
C THR B 293 1.67 16.83 -32.71
N LYS B 294 0.97 17.68 -33.48
CA LYS B 294 -0.18 18.38 -32.93
C LYS B 294 -1.31 17.42 -32.61
N LEU B 295 -1.53 16.41 -33.45
CA LEU B 295 -2.60 15.45 -33.19
C LEU B 295 -2.30 14.60 -31.95
N ALA B 296 -1.04 14.20 -31.77
CA ALA B 296 -0.68 13.45 -30.57
C ALA B 296 -0.81 14.31 -29.33
N ASP B 297 -0.43 15.59 -29.42
CA ASP B 297 -0.60 16.48 -28.28
C ASP B 297 -2.06 16.65 -27.92
N ILE B 298 -2.93 16.81 -28.93
CA ILE B 298 -4.35 16.96 -28.67
C ILE B 298 -4.94 15.67 -28.09
N GLU B 299 -4.46 14.52 -28.57
CA GLU B 299 -4.94 13.25 -28.02
C GLU B 299 -4.52 13.09 -26.56
N TYR B 300 -3.28 13.44 -26.24
CA TYR B 300 -2.82 13.35 -24.85
C TYR B 300 -3.57 14.33 -23.96
N SER B 301 -3.94 15.49 -24.49
CA SER B 301 -4.75 16.43 -23.71
C SER B 301 -6.18 15.91 -23.51
N ILE B 302 -6.75 15.27 -24.53
CA ILE B 302 -8.08 14.70 -24.41
C ILE B 302 -8.08 13.56 -23.40
N SER B 303 -6.98 12.81 -23.33
CA SER B 303 -6.87 11.69 -22.41
C SER B 303 -6.93 12.14 -20.95
N LYS B 304 -6.90 13.45 -20.71
CA LYS B 304 -7.00 13.99 -19.37
C LYS B 304 -8.21 14.90 -19.17
N GLY B 305 -9.01 15.14 -20.20
CA GLY B 305 -10.19 15.96 -20.09
C GLY B 305 -10.02 17.33 -20.72
N GLY B 306 -10.94 18.21 -20.39
CA GLY B 306 -10.93 19.57 -20.87
C GLY B 306 -12.19 19.93 -21.64
N ASN B 307 -12.08 21.00 -22.42
CA ASN B 307 -13.19 21.51 -23.23
C ASN B 307 -13.19 20.79 -24.57
N ASP B 308 -14.29 20.11 -24.88
CA ASP B 308 -14.39 19.38 -26.14
C ASP B 308 -14.41 20.33 -27.33
N GLN B 309 -15.08 21.47 -27.20
CA GLN B 309 -15.14 22.43 -28.29
C GLN B 309 -13.76 23.03 -28.57
N ILE B 310 -13.03 23.37 -27.51
CA ILE B 310 -11.69 23.92 -27.68
C ILE B 310 -10.78 22.90 -28.35
N GLN B 311 -10.88 21.64 -27.94
CA GLN B 311 -10.06 20.59 -28.54
C GLN B 311 -10.45 20.31 -29.99
N GLY B 312 -11.73 20.39 -30.33
CA GLY B 312 -12.14 20.24 -31.71
C GLY B 312 -11.64 21.36 -32.60
N SER B 313 -11.75 22.59 -32.11
CA SER B 313 -11.17 23.72 -32.82
C SER B 313 -9.67 23.58 -32.96
N ALA B 314 -9.01 23.03 -31.93
CA ALA B 314 -7.57 22.79 -32.00
C ALA B 314 -7.24 21.76 -33.07
N VAL B 315 -8.03 20.70 -33.17
CA VAL B 315 -7.81 19.70 -34.21
C VAL B 315 -7.97 20.33 -35.59
N ILE B 316 -9.03 21.12 -35.77
CA ILE B 316 -9.26 21.77 -37.05
C ILE B 316 -8.10 22.68 -37.42
N GLY B 317 -7.68 23.52 -36.47
CA GLY B 317 -6.59 24.45 -36.73
C GLY B 317 -5.27 23.75 -36.98
N ALA B 318 -5.02 22.65 -36.25
CA ALA B 318 -3.79 21.90 -36.45
C ALA B 318 -3.74 21.27 -37.83
N ILE B 319 -4.83 20.61 -38.25
CA ILE B 319 -4.87 20.02 -39.59
C ILE B 319 -4.72 21.10 -40.65
N LYS B 320 -5.39 22.24 -40.46
CA LYS B 320 -5.33 23.30 -41.46
C LYS B 320 -3.92 23.87 -41.56
N ALA B 321 -3.29 24.18 -40.43
CA ALA B 321 -1.95 24.75 -40.45
C ALA B 321 -0.93 23.74 -40.97
N SER B 322 -1.16 22.45 -40.71
CA SER B 322 -0.26 21.44 -41.26
C SER B 322 -0.38 21.35 -42.77
N PHE B 323 -1.61 21.44 -43.29
CA PHE B 323 -1.78 21.37 -44.75
C PHE B 323 -1.45 22.67 -45.45
N GLU B 324 -1.39 23.80 -44.74
CA GLU B 324 -0.98 25.06 -45.35
C GLU B 324 0.47 25.05 -45.82
N ASN B 325 1.30 24.15 -45.32
CA ASN B 325 2.66 24.01 -45.79
C ASN B 325 2.77 23.22 -47.08
N GLU B 326 1.68 22.61 -47.53
CA GLU B 326 1.64 21.86 -48.78
C GLU B 326 1.11 22.73 -49.92
N THR B 327 1.96 23.60 -50.45
CA THR B 327 1.57 24.49 -51.53
C THR B 327 2.79 24.96 -52.31
N SER C 1 -40.99 3.03 6.68
CA SER C 1 -40.42 2.14 5.66
C SER C 1 -40.28 2.86 4.32
N LYS C 2 -41.28 2.68 3.45
CA LYS C 2 -41.24 3.33 2.14
C LYS C 2 -41.57 4.81 2.25
N LEU C 3 -42.47 5.17 3.17
CA LEU C 3 -42.82 6.58 3.36
C LEU C 3 -41.65 7.40 3.88
N ALA C 4 -40.84 6.82 4.78
CA ALA C 4 -39.64 7.51 5.24
C ALA C 4 -38.69 7.76 4.07
N ALA C 5 -38.55 6.78 3.18
CA ALA C 5 -37.72 6.98 1.99
C ALA C 5 -38.27 8.07 1.09
N GLU C 6 -39.60 8.11 0.91
CA GLU C 6 -40.20 9.16 0.09
C GLU C 6 -39.94 10.55 0.69
N GLN C 7 -40.10 10.67 2.01
CA GLN C 7 -39.85 11.96 2.65
C GLN C 7 -38.38 12.36 2.58
N SER C 8 -37.47 11.40 2.75
CA SER C 8 -36.05 11.71 2.67
C SER C 8 -35.66 12.12 1.26
N LEU C 9 -36.29 11.51 0.25
CA LEU C 9 -36.06 11.94 -1.12
C LEU C 9 -36.62 13.33 -1.37
N ALA C 10 -37.80 13.62 -0.81
CA ALA C 10 -38.40 14.94 -0.94
C ALA C 10 -37.62 16.03 -0.23
N GLN C 11 -36.86 15.69 0.82
CA GLN C 11 -36.01 16.65 1.53
C GLN C 11 -34.57 16.57 1.06
N GLN C 12 -34.33 15.97 -0.11
CA GLN C 12 -33.01 15.79 -0.68
C GLN C 12 -32.80 16.74 -1.85
N PRO C 13 -31.56 17.18 -2.09
CA PRO C 13 -31.29 18.01 -3.28
C PRO C 13 -31.72 17.31 -4.56
N TRP C 14 -31.98 18.12 -5.59
CA TRP C 14 -32.57 17.61 -6.82
C TRP C 14 -31.66 16.62 -7.54
N VAL C 15 -30.35 16.66 -7.28
CA VAL C 15 -29.44 15.72 -7.92
C VAL C 15 -29.72 14.30 -7.44
N GLU C 16 -29.90 14.12 -6.13
CA GLU C 16 -30.21 12.81 -5.58
C GLU C 16 -31.70 12.54 -5.54
N LYS C 17 -32.53 13.59 -5.52
CA LYS C 17 -33.97 13.39 -5.50
C LYS C 17 -34.49 12.78 -6.80
N TYR C 18 -33.90 13.18 -7.93
CA TYR C 18 -34.33 12.69 -9.24
C TYR C 18 -33.31 11.74 -9.86
N ARG C 19 -32.64 10.96 -9.02
CA ARG C 19 -31.72 9.95 -9.52
C ARG C 19 -32.50 8.85 -10.23
N PRO C 20 -32.09 8.43 -11.42
CA PRO C 20 -32.84 7.39 -12.13
C PRO C 20 -32.88 6.08 -11.34
N LYS C 21 -34.09 5.62 -11.05
CA LYS C 21 -34.29 4.37 -10.33
C LYS C 21 -34.53 3.18 -11.26
N ASN C 22 -35.04 3.43 -12.46
CA ASN C 22 -35.26 2.39 -13.45
C ASN C 22 -34.46 2.71 -14.71
N LEU C 23 -34.33 1.71 -15.58
CA LEU C 23 -33.62 1.89 -16.84
C LEU C 23 -34.37 2.77 -17.83
N ASP C 24 -35.65 3.06 -17.59
CA ASP C 24 -36.42 3.93 -18.47
C ASP C 24 -36.18 5.40 -18.15
N GLU C 25 -35.69 5.73 -16.96
CA GLU C 25 -35.49 7.14 -16.61
C GLU C 25 -34.27 7.72 -17.34
N VAL C 26 -33.38 6.85 -17.83
CA VAL C 26 -32.26 7.33 -18.63
C VAL C 26 -32.79 7.95 -19.91
N THR C 27 -32.49 9.24 -20.11
CA THR C 27 -33.12 9.97 -21.20
C THR C 27 -32.34 9.85 -22.50
N ALA C 28 -31.02 10.01 -22.45
CA ALA C 28 -30.21 10.10 -23.66
C ALA C 28 -29.35 8.87 -23.95
N GLN C 29 -28.85 8.18 -22.92
CA GLN C 29 -27.99 7.01 -23.13
C GLN C 29 -28.87 5.81 -23.42
N ASP C 30 -29.42 5.80 -24.64
CA ASP C 30 -30.36 4.76 -25.06
C ASP C 30 -29.67 3.50 -25.58
N HIS C 31 -28.52 3.63 -26.24
CA HIS C 31 -27.86 2.48 -26.83
C HIS C 31 -27.42 1.48 -25.76
N ALA C 32 -26.97 1.99 -24.62
CA ALA C 32 -26.53 1.10 -23.54
C ALA C 32 -27.71 0.49 -22.80
N VAL C 33 -28.72 1.31 -22.47
CA VAL C 33 -29.86 0.79 -21.72
C VAL C 33 -30.71 -0.15 -22.56
N THR C 34 -30.66 -0.05 -23.89
CA THR C 34 -31.36 -1.02 -24.72
C THR C 34 -30.77 -2.42 -24.54
N VAL C 35 -29.43 -2.51 -24.60
CA VAL C 35 -28.76 -3.79 -24.36
C VAL C 35 -28.99 -4.26 -22.93
N LEU C 36 -28.98 -3.32 -21.97
CA LEU C 36 -29.20 -3.70 -20.58
C LEU C 36 -30.61 -4.21 -20.35
N LYS C 37 -31.59 -3.69 -21.10
CA LYS C 37 -32.95 -4.19 -20.99
C LYS C 37 -33.12 -5.53 -21.68
N LYS C 38 -32.44 -5.72 -22.82
CA LYS C 38 -32.53 -7.00 -23.50
C LYS C 38 -31.90 -8.12 -22.68
N THR C 39 -30.72 -7.87 -22.10
CA THR C 39 -30.08 -8.89 -21.28
C THR C 39 -30.81 -9.12 -19.96
N LEU C 40 -31.73 -8.23 -19.59
CA LEU C 40 -32.53 -8.44 -18.39
C LEU C 40 -33.45 -9.66 -18.52
N LYS C 41 -33.96 -9.92 -19.72
CA LYS C 41 -34.75 -11.11 -19.98
C LYS C 41 -33.90 -12.35 -20.17
N SER C 42 -32.68 -12.20 -20.69
CA SER C 42 -31.75 -13.31 -20.82
C SER C 42 -30.91 -13.40 -19.55
N ALA C 43 -29.84 -14.21 -19.60
CA ALA C 43 -28.97 -14.37 -18.43
C ALA C 43 -27.50 -14.37 -18.83
N ASN C 44 -27.15 -13.60 -19.86
CA ASN C 44 -25.77 -13.59 -20.35
C ASN C 44 -25.15 -12.19 -20.23
N LEU C 45 -25.34 -11.56 -19.09
CA LEU C 45 -24.75 -10.26 -18.83
C LEU C 45 -23.23 -10.34 -18.87
N PRO C 46 -22.57 -9.66 -19.80
CA PRO C 46 -21.10 -9.72 -19.87
C PRO C 46 -20.47 -8.69 -18.93
N HIS C 47 -19.16 -8.79 -18.79
CA HIS C 47 -18.41 -7.77 -18.05
C HIS C 47 -18.48 -6.45 -18.80
N MET C 48 -18.80 -5.38 -18.09
CA MET C 48 -19.05 -4.09 -18.71
C MET C 48 -18.06 -3.05 -18.22
N LEU C 49 -17.80 -2.04 -19.05
CA LEU C 49 -16.89 -0.94 -18.74
C LEU C 49 -17.54 0.34 -19.22
N PHE C 50 -18.13 1.08 -18.29
CA PHE C 50 -18.75 2.36 -18.59
C PHE C 50 -17.71 3.47 -18.57
N TYR C 51 -17.67 4.27 -19.63
CA TYR C 51 -16.73 5.38 -19.70
C TYR C 51 -17.37 6.54 -20.44
N GLY C 52 -17.00 7.76 -20.03
CA GLY C 52 -17.53 8.96 -20.63
C GLY C 52 -17.34 10.18 -19.74
N PRO C 53 -17.89 11.31 -20.16
CA PRO C 53 -17.76 12.55 -19.37
C PRO C 53 -18.47 12.40 -18.03
N PRO C 54 -18.11 13.21 -17.04
CA PRO C 54 -18.76 13.12 -15.73
C PRO C 54 -20.18 13.66 -15.79
N GLY C 55 -21.07 13.03 -15.04
CA GLY C 55 -22.46 13.45 -14.99
C GLY C 55 -23.31 12.94 -16.13
N THR C 56 -22.88 11.88 -16.82
CA THR C 56 -23.65 11.31 -17.91
C THR C 56 -24.61 10.22 -17.46
N GLY C 57 -24.47 9.72 -16.24
CA GLY C 57 -25.37 8.75 -15.69
C GLY C 57 -24.87 7.32 -15.64
N LYS C 58 -23.56 7.09 -15.57
CA LYS C 58 -23.01 5.74 -15.51
C LYS C 58 -23.41 5.05 -14.21
N THR C 59 -23.12 5.69 -13.08
CA THR C 59 -23.48 5.12 -11.78
C THR C 59 -24.99 4.96 -11.67
N SER C 60 -25.75 5.95 -12.12
CA SER C 60 -27.21 5.83 -12.09
C SER C 60 -27.69 4.68 -12.96
N THR C 61 -27.10 4.52 -14.15
CA THR C 61 -27.51 3.44 -15.04
C THR C 61 -27.23 2.08 -14.42
N ILE C 62 -26.03 1.90 -13.84
CA ILE C 62 -25.70 0.61 -13.26
C ILE C 62 -26.54 0.34 -12.02
N LEU C 63 -26.86 1.37 -11.25
CA LEU C 63 -27.72 1.18 -10.07
C LEU C 63 -29.13 0.78 -10.50
N ALA C 64 -29.68 1.45 -11.51
CA ALA C 64 -31.00 1.10 -12.00
C ALA C 64 -31.01 -0.32 -12.57
N LEU C 65 -29.94 -0.70 -13.28
CA LEU C 65 -29.87 -2.06 -13.82
C LEU C 65 -29.82 -3.10 -12.71
N THR C 66 -28.96 -2.90 -11.71
CA THR C 66 -28.89 -3.83 -10.59
C THR C 66 -30.21 -3.91 -9.85
N LYS C 67 -30.90 -2.78 -9.68
CA LYS C 67 -32.22 -2.80 -9.05
C LYS C 67 -33.20 -3.64 -9.87
N GLU C 68 -33.39 -3.28 -11.14
CA GLU C 68 -34.32 -4.01 -12.00
C GLU C 68 -33.98 -5.49 -12.07
N LEU C 69 -32.71 -5.83 -11.85
CA LEU C 69 -32.30 -7.23 -11.90
C LEU C 69 -32.63 -7.97 -10.61
N TYR C 70 -32.25 -7.40 -9.47
CA TYR C 70 -32.23 -8.17 -8.22
C TYR C 70 -33.35 -7.83 -7.24
N GLY C 71 -34.04 -6.70 -7.40
CA GLY C 71 -35.04 -6.30 -6.45
C GLY C 71 -34.44 -5.63 -5.23
N PRO C 72 -35.25 -4.89 -4.48
CA PRO C 72 -34.73 -4.19 -3.30
C PRO C 72 -34.31 -5.11 -2.16
N ASP C 73 -34.61 -6.41 -2.25
CA ASP C 73 -34.18 -7.37 -1.24
C ASP C 73 -32.80 -7.93 -1.54
N LEU C 74 -32.59 -8.44 -2.76
CA LEU C 74 -31.28 -8.93 -3.17
C LEU C 74 -30.34 -7.81 -3.60
N MET C 75 -30.80 -6.56 -3.56
CA MET C 75 -29.94 -5.43 -3.89
C MET C 75 -28.75 -5.31 -2.94
N LYS C 76 -28.91 -5.73 -1.69
CA LYS C 76 -27.85 -5.59 -0.69
C LYS C 76 -27.07 -6.87 -0.45
N SER C 77 -27.43 -7.98 -1.09
CA SER C 77 -26.79 -9.26 -0.86
C SER C 77 -26.01 -9.79 -2.05
N ARG C 78 -26.31 -9.37 -3.27
CA ARG C 78 -25.63 -9.86 -4.46
C ARG C 78 -24.85 -8.76 -5.18
N ILE C 79 -24.46 -7.70 -4.46
CA ILE C 79 -23.75 -6.57 -5.05
C ILE C 79 -22.51 -6.28 -4.22
N LEU C 80 -21.38 -6.09 -4.90
CA LEU C 80 -20.15 -5.66 -4.26
C LEU C 80 -19.70 -4.36 -4.91
N GLU C 81 -20.02 -3.24 -4.27
CA GLU C 81 -19.70 -1.91 -4.79
C GLU C 81 -18.42 -1.41 -4.13
N LEU C 82 -17.40 -1.14 -4.94
CA LEU C 82 -16.14 -0.60 -4.46
C LEU C 82 -15.90 0.75 -5.12
N ASN C 83 -15.80 1.80 -4.30
CA ASN C 83 -15.64 3.15 -4.80
C ASN C 83 -14.18 3.57 -4.66
N ALA C 84 -13.89 4.84 -4.98
CA ALA C 84 -12.55 5.38 -4.82
C ALA C 84 -12.24 5.79 -3.39
N SER C 85 -13.25 5.81 -2.50
CA SER C 85 -13.06 6.12 -1.10
C SER C 85 -12.58 4.92 -0.28
N ASP C 86 -12.30 3.80 -0.94
CA ASP C 86 -11.83 2.58 -0.28
C ASP C 86 -10.45 2.23 -0.82
N GLU C 87 -9.77 1.35 -0.09
CA GLU C 87 -8.46 0.86 -0.50
C GLU C 87 -8.62 -0.19 -1.58
N ARG C 88 -7.91 -0.02 -2.69
CA ARG C 88 -8.02 -0.91 -3.84
C ARG C 88 -6.64 -1.28 -4.36
N GLY C 89 -5.74 -1.64 -3.46
CA GLY C 89 -4.43 -2.11 -3.83
C GLY C 89 -4.45 -3.55 -4.31
N ILE C 90 -3.25 -4.11 -4.47
CA ILE C 90 -3.14 -5.50 -4.86
C ILE C 90 -3.68 -6.42 -3.76
N SER C 91 -3.41 -6.07 -2.51
CA SER C 91 -3.86 -6.90 -1.38
C SER C 91 -5.38 -6.98 -1.33
N ILE C 92 -6.05 -5.83 -1.47
CA ILE C 92 -7.51 -5.82 -1.42
C ILE C 92 -8.10 -6.60 -2.58
N VAL C 93 -7.61 -6.33 -3.79
CA VAL C 93 -8.10 -7.01 -4.99
C VAL C 93 -7.90 -8.52 -4.88
N ARG C 94 -6.78 -8.95 -4.30
CA ARG C 94 -6.49 -10.38 -4.20
C ARG C 94 -7.31 -11.05 -3.12
N GLU C 95 -7.50 -10.39 -1.98
CA GLU C 95 -8.24 -11.02 -0.88
C GLU C 95 -9.74 -10.84 -1.02
N LYS C 96 -10.22 -9.60 -0.94
CA LYS C 96 -11.65 -9.36 -0.75
C LYS C 96 -12.44 -9.61 -2.03
N VAL C 97 -11.99 -9.01 -3.14
CA VAL C 97 -12.70 -9.17 -4.41
C VAL C 97 -12.70 -10.64 -4.83
N LYS C 98 -11.57 -11.32 -4.67
CA LYS C 98 -11.48 -12.71 -5.11
C LYS C 98 -12.28 -13.62 -4.19
N ASN C 99 -12.35 -13.30 -2.88
CA ASN C 99 -13.16 -14.11 -1.98
C ASN C 99 -14.65 -13.92 -2.26
N PHE C 100 -15.06 -12.70 -2.62
CA PHE C 100 -16.45 -12.47 -2.97
C PHE C 100 -16.79 -13.12 -4.29
N ALA C 101 -15.85 -13.13 -5.24
CA ALA C 101 -16.12 -13.75 -6.54
C ALA C 101 -16.18 -15.26 -6.43
N ARG C 102 -15.28 -15.85 -5.63
CA ARG C 102 -15.26 -17.30 -5.45
C ARG C 102 -16.48 -17.80 -4.69
N LEU C 103 -17.08 -16.96 -3.85
CA LEU C 103 -18.27 -17.36 -3.11
C LEU C 103 -19.43 -17.63 -4.08
N THR C 104 -20.39 -18.42 -3.60
CA THR C 104 -21.57 -18.75 -4.38
C THR C 104 -22.62 -17.66 -4.24
N VAL C 105 -23.55 -17.62 -5.20
CA VAL C 105 -24.61 -16.64 -5.17
C VAL C 105 -25.59 -16.95 -4.04
N SER C 106 -26.10 -15.91 -3.40
CA SER C 106 -27.03 -16.09 -2.31
C SER C 106 -28.37 -16.58 -2.84
N LYS C 107 -29.05 -17.40 -2.03
CA LYS C 107 -30.33 -17.95 -2.43
C LYS C 107 -31.39 -16.86 -2.48
N PRO C 108 -32.11 -16.71 -3.58
CA PRO C 108 -33.23 -15.76 -3.62
C PRO C 108 -34.41 -16.30 -2.83
N SER C 109 -35.24 -15.37 -2.35
CA SER C 109 -36.42 -15.73 -1.57
C SER C 109 -37.56 -16.11 -2.51
N LYS C 110 -38.71 -16.46 -1.95
CA LYS C 110 -39.86 -16.82 -2.77
C LYS C 110 -40.48 -15.61 -3.43
N HIS C 111 -40.42 -14.45 -2.77
CA HIS C 111 -40.96 -13.23 -3.34
C HIS C 111 -40.05 -12.64 -4.42
N ASP C 112 -38.76 -13.02 -4.42
CA ASP C 112 -37.82 -12.47 -5.40
C ASP C 112 -38.05 -13.05 -6.78
N LEU C 113 -38.14 -14.38 -6.86
CA LEU C 113 -38.30 -15.06 -8.15
C LEU C 113 -39.65 -14.78 -8.81
N GLU C 114 -40.64 -14.30 -8.05
CA GLU C 114 -41.97 -14.08 -8.62
C GLU C 114 -42.06 -12.75 -9.36
N ASN C 115 -41.22 -11.78 -9.03
CA ASN C 115 -41.27 -10.46 -9.64
C ASN C 115 -40.02 -10.07 -10.40
N TYR C 116 -38.86 -10.63 -10.05
CA TYR C 116 -37.60 -10.25 -10.66
C TYR C 116 -36.94 -11.46 -11.31
N PRO C 117 -36.16 -11.24 -12.37
CA PRO C 117 -35.53 -12.39 -13.05
C PRO C 117 -34.58 -13.17 -12.17
N CYS C 118 -33.86 -12.51 -11.26
CA CYS C 118 -32.92 -13.15 -10.35
C CYS C 118 -31.91 -14.00 -11.10
N PRO C 119 -30.96 -13.39 -11.81
CA PRO C 119 -29.98 -14.16 -12.57
C PRO C 119 -29.10 -14.98 -11.64
N PRO C 120 -28.48 -16.05 -12.15
CA PRO C 120 -27.65 -16.92 -11.31
C PRO C 120 -26.28 -16.36 -10.98
N TYR C 121 -26.03 -15.07 -11.22
CA TYR C 121 -24.74 -14.46 -10.96
C TYR C 121 -24.93 -13.19 -10.14
N LYS C 122 -23.85 -12.77 -9.49
CA LYS C 122 -23.81 -11.52 -8.74
C LYS C 122 -22.99 -10.48 -9.50
N ILE C 123 -23.01 -9.25 -9.01
CA ILE C 123 -22.37 -8.13 -9.70
C ILE C 123 -21.39 -7.45 -8.76
N ILE C 124 -20.15 -7.30 -9.22
CA ILE C 124 -19.12 -6.54 -8.52
C ILE C 124 -18.79 -5.31 -9.37
N ILE C 125 -19.13 -4.14 -8.86
CA ILE C 125 -18.90 -2.88 -9.56
C ILE C 125 -17.75 -2.15 -8.87
N LEU C 126 -16.91 -1.51 -9.67
CA LEU C 126 -15.78 -0.73 -9.19
C LEU C 126 -15.89 0.68 -9.75
N ASP C 127 -16.44 1.59 -8.96
CA ASP C 127 -16.65 2.97 -9.38
C ASP C 127 -15.34 3.75 -9.29
N GLU C 128 -15.16 4.67 -10.23
CA GLU C 128 -13.94 5.49 -10.31
C GLU C 128 -12.70 4.61 -10.43
N ALA C 129 -12.63 3.83 -11.51
CA ALA C 129 -11.51 2.93 -11.75
C ALA C 129 -10.25 3.66 -12.21
N ASP C 130 -10.29 4.98 -12.36
CA ASP C 130 -9.11 5.71 -12.79
C ASP C 130 -8.03 5.71 -11.71
N SER C 131 -8.45 5.67 -10.45
CA SER C 131 -7.52 5.67 -9.32
C SER C 131 -6.91 4.29 -9.05
N MET C 132 -7.38 3.26 -9.72
CA MET C 132 -6.84 1.92 -9.51
C MET C 132 -5.50 1.78 -10.23
N THR C 133 -4.50 1.30 -9.50
CA THR C 133 -3.17 1.10 -10.07
C THR C 133 -3.21 -0.05 -11.07
N ALA C 134 -2.30 0.02 -12.06
CA ALA C 134 -2.32 -0.95 -13.16
C ALA C 134 -2.03 -2.37 -12.71
N ASP C 135 -1.25 -2.56 -11.65
CA ASP C 135 -0.97 -3.91 -11.15
C ASP C 135 -2.20 -4.50 -10.47
N ALA C 136 -2.88 -3.70 -9.64
CA ALA C 136 -4.15 -4.15 -9.06
C ALA C 136 -5.20 -4.39 -10.13
N GLN C 137 -5.10 -3.70 -11.26
CA GLN C 137 -6.02 -3.93 -12.37
C GLN C 137 -5.71 -5.24 -13.09
N SER C 138 -4.42 -5.50 -13.34
CA SER C 138 -4.03 -6.76 -13.96
C SER C 138 -4.31 -7.95 -13.05
N ALA C 139 -4.33 -7.72 -11.72
CA ALA C 139 -4.70 -8.79 -10.80
C ALA C 139 -6.15 -9.20 -11.00
N LEU C 140 -7.00 -8.28 -11.47
CA LEU C 140 -8.42 -8.59 -11.67
C LEU C 140 -8.65 -9.43 -12.93
N ARG C 141 -7.63 -9.60 -13.78
CA ARG C 141 -7.84 -10.22 -15.07
C ARG C 141 -8.37 -11.64 -14.94
N ARG C 142 -7.57 -12.54 -14.35
CA ARG C 142 -8.02 -13.92 -14.22
C ARG C 142 -9.14 -14.06 -13.21
N THR C 143 -9.21 -13.15 -12.23
CA THR C 143 -10.31 -13.16 -11.27
C THR C 143 -11.65 -13.01 -11.97
N MET C 144 -11.73 -12.09 -12.93
CA MET C 144 -12.95 -11.90 -13.70
C MET C 144 -13.05 -12.87 -14.88
N GLU C 145 -11.95 -13.49 -15.29
CA GLU C 145 -11.97 -14.42 -16.42
C GLU C 145 -12.42 -15.82 -16.03
N THR C 146 -12.04 -16.29 -14.84
CA THR C 146 -12.37 -17.66 -14.44
C THR C 146 -13.66 -17.77 -13.65
N TYR C 147 -14.01 -16.77 -12.85
CA TYR C 147 -15.23 -16.78 -12.04
C TYR C 147 -16.39 -16.07 -12.72
N SER C 148 -16.36 -15.98 -14.05
CA SER C 148 -17.42 -15.28 -14.78
C SER C 148 -18.76 -16.01 -14.66
N GLY C 149 -18.74 -17.29 -14.29
CA GLY C 149 -19.98 -18.04 -14.19
C GLY C 149 -20.82 -17.62 -13.00
N VAL C 150 -20.18 -17.07 -11.96
CA VAL C 150 -20.89 -16.73 -10.73
C VAL C 150 -20.92 -15.23 -10.45
N THR C 151 -20.00 -14.45 -11.01
CA THR C 151 -19.98 -13.02 -10.81
C THR C 151 -19.71 -12.29 -12.13
N ARG C 152 -20.18 -11.05 -12.20
CA ARG C 152 -19.98 -10.20 -13.37
C ARG C 152 -19.38 -8.89 -12.90
N PHE C 153 -18.39 -8.40 -13.65
CA PHE C 153 -17.63 -7.21 -13.27
C PHE C 153 -18.09 -6.01 -14.08
N CYS C 154 -18.32 -4.89 -13.37
CA CYS C 154 -18.72 -3.63 -13.99
C CYS C 154 -17.75 -2.54 -13.56
N LEU C 155 -16.89 -2.12 -14.47
CA LEU C 155 -15.96 -1.03 -14.22
C LEU C 155 -16.61 0.28 -14.65
N ILE C 156 -16.33 1.34 -13.92
CA ILE C 156 -16.85 2.67 -14.21
C ILE C 156 -15.70 3.66 -14.15
N CYS C 157 -15.53 4.46 -15.20
CA CYS C 157 -14.45 5.43 -15.23
C CYS C 157 -14.84 6.61 -16.09
N ASN C 158 -14.03 7.67 -16.02
CA ASN C 158 -14.18 8.84 -16.87
C ASN C 158 -13.19 8.84 -18.03
N TYR C 159 -11.93 8.48 -17.77
CA TYR C 159 -10.90 8.37 -18.80
C TYR C 159 -10.65 6.89 -19.05
N VAL C 160 -11.04 6.41 -20.24
CA VAL C 160 -10.85 5.01 -20.57
C VAL C 160 -9.37 4.66 -20.75
N THR C 161 -8.51 5.66 -20.92
CA THR C 161 -7.09 5.40 -21.08
C THR C 161 -6.42 4.99 -19.78
N ARG C 162 -7.00 5.35 -18.63
CA ARG C 162 -6.39 5.00 -17.35
C ARG C 162 -6.50 3.51 -17.04
N ILE C 163 -7.37 2.79 -17.75
CA ILE C 163 -7.54 1.35 -17.54
C ILE C 163 -6.66 0.63 -18.55
N ILE C 164 -5.99 -0.44 -18.09
CA ILE C 164 -5.06 -1.17 -18.96
C ILE C 164 -5.81 -1.80 -20.13
N ASP C 165 -5.06 -2.08 -21.19
CA ASP C 165 -5.64 -2.65 -22.41
C ASP C 165 -6.27 -4.02 -22.20
N PRO C 166 -5.67 -4.97 -21.45
CA PRO C 166 -6.35 -6.26 -21.25
C PRO C 166 -7.71 -6.14 -20.57
N LEU C 167 -7.83 -5.28 -19.56
CA LEU C 167 -9.12 -5.09 -18.89
C LEU C 167 -10.13 -4.46 -19.83
N ALA C 168 -9.69 -3.47 -20.63
CA ALA C 168 -10.58 -2.85 -21.59
C ALA C 168 -11.01 -3.84 -22.68
N SER C 169 -10.19 -4.85 -22.95
CA SER C 169 -10.56 -5.88 -23.93
C SER C 169 -11.51 -6.90 -23.33
N ARG C 170 -11.34 -7.23 -22.05
CA ARG C 170 -12.19 -8.24 -21.42
C ARG C 170 -13.61 -7.73 -21.21
N CYS C 171 -13.78 -6.43 -21.00
CA CYS C 171 -15.10 -5.86 -20.75
C CYS C 171 -15.68 -5.23 -22.01
N SER C 172 -17.00 -5.25 -22.11
CA SER C 172 -17.69 -4.56 -23.18
C SER C 172 -17.70 -3.06 -22.90
N LYS C 173 -17.18 -2.28 -23.85
CA LYS C 173 -17.01 -0.84 -23.69
C LYS C 173 -18.34 -0.15 -23.98
N PHE C 174 -18.85 0.58 -22.99
CA PHE C 174 -20.06 1.39 -23.15
C PHE C 174 -19.68 2.85 -22.98
N ARG C 175 -19.73 3.60 -24.07
CA ARG C 175 -19.41 5.03 -24.04
C ARG C 175 -20.67 5.85 -23.82
N PHE C 176 -20.70 6.60 -22.73
CA PHE C 176 -21.80 7.49 -22.41
C PHE C 176 -21.58 8.83 -23.08
N LYS C 177 -22.58 9.29 -23.84
CA LYS C 177 -22.46 10.51 -24.62
C LYS C 177 -22.75 11.73 -23.76
N ALA C 178 -22.18 12.86 -24.17
CA ALA C 178 -22.43 14.12 -23.47
C ALA C 178 -23.89 14.52 -23.62
N LEU C 179 -24.46 15.05 -22.54
CA LEU C 179 -25.88 15.40 -22.49
C LEU C 179 -26.03 16.88 -22.82
N ASP C 180 -26.15 17.17 -24.11
CA ASP C 180 -26.34 18.54 -24.56
C ASP C 180 -27.82 18.91 -24.48
N ALA C 181 -28.20 20.03 -25.09
CA ALA C 181 -29.58 20.48 -25.02
C ALA C 181 -30.52 19.52 -25.74
N SER C 182 -30.08 18.97 -26.87
CA SER C 182 -30.96 18.17 -27.72
C SER C 182 -31.49 16.94 -26.98
N ASN C 183 -30.58 16.12 -26.45
CA ASN C 183 -30.96 14.84 -25.87
C ASN C 183 -31.26 14.91 -24.38
N ALA C 184 -31.24 16.10 -23.78
CA ALA C 184 -31.55 16.26 -22.36
C ALA C 184 -32.60 17.33 -22.09
N ILE C 185 -33.12 17.98 -23.12
CA ILE C 185 -34.14 19.01 -22.91
C ILE C 185 -35.41 18.37 -22.34
N ASP C 186 -35.72 17.14 -22.75
CA ASP C 186 -36.91 16.47 -22.22
C ASP C 186 -36.76 16.21 -20.72
N ARG C 187 -35.61 15.70 -20.30
CA ARG C 187 -35.39 15.46 -18.87
C ARG C 187 -35.38 16.75 -18.08
N LEU C 188 -34.76 17.80 -18.63
CA LEU C 188 -34.72 19.08 -17.92
C LEU C 188 -36.12 19.67 -17.78
N ARG C 189 -36.93 19.58 -18.84
CA ARG C 189 -38.30 20.07 -18.76
C ARG C 189 -39.14 19.25 -17.79
N PHE C 190 -38.91 17.93 -17.74
CA PHE C 190 -39.61 17.10 -16.76
C PHE C 190 -39.25 17.51 -15.33
N ILE C 191 -37.96 17.73 -15.08
CA ILE C 191 -37.53 18.16 -13.75
C ILE C 191 -38.13 19.53 -13.41
N SER C 192 -38.21 20.42 -14.40
CA SER C 192 -38.77 21.75 -14.16
C SER C 192 -40.26 21.68 -13.87
N GLU C 193 -41.00 20.83 -14.59
CA GLU C 193 -42.44 20.74 -14.37
C GLU C 193 -42.74 20.06 -13.04
N GLN C 194 -41.96 19.04 -12.67
CA GLN C 194 -42.18 18.36 -11.40
C GLN C 194 -41.92 19.26 -10.20
N GLU C 195 -41.13 20.31 -10.37
CA GLU C 195 -40.83 21.25 -9.29
C GLU C 195 -41.48 22.61 -9.49
N ASN C 196 -42.34 22.77 -10.49
CA ASN C 196 -43.02 24.02 -10.79
C ASN C 196 -42.03 25.17 -10.97
N VAL C 197 -41.00 24.91 -11.78
CA VAL C 197 -39.96 25.89 -12.06
C VAL C 197 -40.46 26.75 -13.23
N LYS C 198 -40.98 27.94 -12.91
CA LYS C 198 -41.50 28.86 -13.92
C LYS C 198 -40.33 29.63 -14.52
N CYS C 199 -39.97 29.28 -15.75
CA CYS C 199 -38.88 29.92 -16.46
C CYS C 199 -39.36 30.46 -17.81
N ASP C 200 -38.46 31.10 -18.53
CA ASP C 200 -38.75 31.65 -19.84
C ASP C 200 -38.60 30.58 -20.91
N ASP C 201 -38.64 31.00 -22.18
CA ASP C 201 -38.59 30.07 -23.30
C ASP C 201 -37.22 29.42 -23.45
N GLY C 202 -36.16 30.23 -23.52
CA GLY C 202 -34.84 29.70 -23.78
C GLY C 202 -33.94 29.58 -22.57
N VAL C 203 -34.49 29.17 -21.43
CA VAL C 203 -33.69 29.03 -20.22
C VAL C 203 -33.10 27.63 -20.12
N LEU C 204 -33.96 26.60 -20.14
CA LEU C 204 -33.48 25.23 -19.99
C LEU C 204 -32.44 24.87 -21.03
N GLU C 205 -32.74 25.13 -22.30
CA GLU C 205 -31.77 24.87 -23.37
C GLU C 205 -30.48 25.63 -23.13
N ARG C 206 -30.59 26.84 -22.55
CA ARG C 206 -29.38 27.59 -22.20
C ARG C 206 -28.62 26.92 -21.07
N ILE C 207 -29.34 26.40 -20.07
CA ILE C 207 -28.69 25.80 -18.91
C ILE C 207 -27.78 24.66 -19.35
N LEU C 208 -28.32 23.73 -20.15
CA LEU C 208 -27.50 22.65 -20.67
C LEU C 208 -26.37 23.19 -21.55
N ASP C 209 -26.61 24.30 -22.24
CA ASP C 209 -25.54 24.93 -23.02
C ASP C 209 -24.40 25.37 -22.11
N ILE C 210 -24.71 25.79 -20.89
CA ILE C 210 -23.67 26.12 -19.93
C ILE C 210 -23.08 24.84 -19.33
N SER C 211 -23.90 23.78 -19.28
CA SER C 211 -23.45 22.53 -18.68
C SER C 211 -22.39 21.83 -19.53
N ALA C 212 -22.44 21.98 -20.85
CA ALA C 212 -21.48 21.37 -21.77
C ALA C 212 -21.47 19.84 -21.61
N GLY C 213 -22.65 19.25 -21.69
CA GLY C 213 -22.78 17.81 -21.58
C GLY C 213 -22.67 17.30 -20.15
N ASP C 214 -23.49 17.85 -19.25
CA ASP C 214 -23.44 17.46 -17.85
C ASP C 214 -24.82 17.75 -17.25
N LEU C 215 -25.62 16.70 -17.08
CA LEU C 215 -26.97 16.88 -16.55
C LEU C 215 -26.97 17.18 -15.06
N ARG C 216 -25.96 16.72 -14.32
CA ARG C 216 -25.89 17.00 -12.88
C ARG C 216 -25.70 18.49 -12.63
N ARG C 217 -24.75 19.10 -13.34
CA ARG C 217 -24.53 20.54 -13.20
C ARG C 217 -25.74 21.34 -13.67
N GLY C 218 -26.42 20.88 -14.73
CA GLY C 218 -27.63 21.56 -15.17
C GLY C 218 -28.75 21.48 -14.15
N ILE C 219 -28.93 20.32 -13.52
CA ILE C 219 -29.95 20.19 -12.49
C ILE C 219 -29.61 21.05 -11.28
N THR C 220 -28.32 21.13 -10.93
CA THR C 220 -27.91 21.98 -9.82
C THR C 220 -28.18 23.45 -10.14
N LEU C 221 -27.87 23.88 -11.36
CA LEU C 221 -28.13 25.26 -11.75
C LEU C 221 -29.63 25.55 -11.76
N LEU C 222 -30.44 24.59 -12.21
CA LEU C 222 -31.88 24.76 -12.19
C LEU C 222 -32.41 24.88 -10.77
N GLN C 223 -31.88 24.06 -9.85
CA GLN C 223 -32.30 24.15 -8.46
C GLN C 223 -31.90 25.49 -7.85
N SER C 224 -30.70 25.97 -8.16
CA SER C 224 -30.27 27.27 -7.66
C SER C 224 -31.14 28.40 -8.21
N ALA C 225 -31.48 28.35 -9.50
CA ALA C 225 -32.34 29.36 -10.09
C ALA C 225 -33.73 29.32 -9.48
N SER C 226 -34.26 28.12 -9.23
CA SER C 226 -35.57 28.00 -8.59
C SER C 226 -35.55 28.54 -7.18
N LYS C 227 -34.47 28.29 -6.43
CA LYS C 227 -34.38 28.83 -5.07
C LYS C 227 -34.30 30.35 -5.10
N GLY C 228 -33.48 30.90 -6.00
CA GLY C 228 -33.37 32.35 -6.15
C GLY C 228 -34.63 33.03 -6.62
N ALA C 229 -35.46 32.34 -7.40
CA ALA C 229 -36.74 32.87 -7.83
C ALA C 229 -37.84 32.71 -6.79
N GLN C 230 -37.76 31.68 -5.94
CA GLN C 230 -38.72 31.50 -4.86
C GLN C 230 -38.44 32.42 -3.68
N TYR C 231 -37.17 32.77 -3.45
CA TYR C 231 -36.85 33.71 -2.38
C TYR C 231 -37.41 35.10 -2.70
N LEU C 232 -37.32 35.51 -3.97
CA LEU C 232 -37.83 36.82 -4.35
C LEU C 232 -39.35 36.87 -4.21
N GLY C 233 -40.04 35.81 -4.64
CA GLY C 233 -41.48 35.77 -4.54
C GLY C 233 -42.22 36.71 -5.46
N ASP C 234 -41.55 37.22 -6.50
CA ASP C 234 -42.20 38.14 -7.43
C ASP C 234 -43.20 37.46 -8.34
N GLY C 235 -43.15 36.14 -8.45
CA GLY C 235 -44.06 35.42 -9.33
C GLY C 235 -43.70 35.47 -10.80
N LYS C 236 -42.56 36.04 -11.15
CA LYS C 236 -42.12 36.12 -12.53
C LYS C 236 -41.41 34.84 -12.94
N ASN C 237 -40.90 34.81 -14.17
CA ASN C 237 -40.21 33.66 -14.71
C ASN C 237 -38.71 33.87 -14.67
N ILE C 238 -37.96 32.76 -14.53
CA ILE C 238 -36.51 32.83 -14.52
C ILE C 238 -36.01 33.22 -15.90
N THR C 239 -35.03 34.11 -15.93
CA THR C 239 -34.45 34.60 -17.16
C THR C 239 -33.09 33.95 -17.42
N SER C 240 -32.70 33.92 -18.69
CA SER C 240 -31.40 33.36 -19.06
C SER C 240 -30.25 34.16 -18.45
N THR C 241 -30.42 35.47 -18.30
CA THR C 241 -29.39 36.30 -17.68
C THR C 241 -29.19 35.94 -16.21
N GLN C 242 -30.30 35.74 -15.48
CA GLN C 242 -30.19 35.35 -14.09
C GLN C 242 -29.52 33.98 -13.94
N VAL C 243 -29.71 33.10 -14.93
CA VAL C 243 -29.11 31.78 -14.89
C VAL C 243 -27.61 31.88 -15.15
N GLU C 244 -27.23 32.60 -16.22
CA GLU C 244 -25.82 32.72 -16.54
C GLU C 244 -25.06 33.60 -15.55
N GLU C 245 -25.76 34.36 -14.72
CA GLU C 245 -25.10 35.14 -13.69
C GLU C 245 -24.55 34.23 -12.58
N LEU C 246 -25.37 33.30 -12.11
CA LEU C 246 -24.97 32.38 -11.05
C LEU C 246 -24.21 31.17 -11.57
N ALA C 247 -24.10 31.00 -12.87
CA ALA C 247 -23.38 29.87 -13.45
C ALA C 247 -21.90 30.15 -13.65
N GLY C 248 -21.43 31.34 -13.30
CA GLY C 248 -20.04 31.68 -13.47
C GLY C 248 -19.67 32.18 -14.86
N VAL C 249 -20.64 32.55 -15.67
CA VAL C 249 -20.39 33.02 -17.03
C VAL C 249 -20.10 34.52 -16.99
N VAL C 250 -19.02 34.92 -17.65
CA VAL C 250 -18.67 36.34 -17.73
C VAL C 250 -19.69 37.06 -18.61
N PRO C 251 -20.18 38.22 -18.21
CA PRO C 251 -21.13 38.96 -19.06
C PRO C 251 -20.53 39.29 -20.42
N HIS C 252 -21.41 39.54 -21.38
CA HIS C 252 -20.96 39.79 -22.75
C HIS C 252 -20.16 41.08 -22.84
N ASP C 253 -20.55 42.12 -22.10
CA ASP C 253 -19.87 43.40 -22.17
C ASP C 253 -18.45 43.30 -21.61
N ILE C 254 -18.27 42.57 -20.51
CA ILE C 254 -16.93 42.37 -19.96
C ILE C 254 -16.04 41.61 -20.93
N LEU C 255 -16.60 40.67 -21.69
CA LEU C 255 -15.81 39.96 -22.69
C LEU C 255 -15.47 40.84 -23.87
N ILE C 256 -16.40 41.71 -24.28
CA ILE C 256 -16.12 42.65 -25.37
C ILE C 256 -15.03 43.63 -24.94
N GLU C 257 -15.00 44.02 -23.67
CA GLU C 257 -13.90 44.84 -23.18
C GLU C 257 -12.56 44.12 -23.32
N ILE C 258 -12.54 42.81 -23.04
CA ILE C 258 -11.31 42.04 -23.19
C ILE C 258 -10.90 41.97 -24.65
N VAL C 259 -11.88 41.81 -25.54
CA VAL C 259 -11.57 41.78 -26.98
C VAL C 259 -11.00 43.11 -27.43
N GLU C 260 -11.54 44.23 -26.92
CA GLU C 260 -11.01 45.53 -27.27
C GLU C 260 -9.59 45.72 -26.73
N LYS C 261 -9.34 45.27 -25.50
CA LYS C 261 -8.00 45.39 -24.93
C LYS C 261 -7.00 44.52 -25.66
N VAL C 262 -7.42 43.38 -26.19
CA VAL C 262 -6.53 42.51 -26.95
C VAL C 262 -6.25 43.08 -28.33
N LYS C 263 -7.29 43.53 -29.03
CA LYS C 263 -7.15 44.12 -30.35
C LYS C 263 -6.29 45.38 -30.31
N SER C 264 -6.74 46.38 -29.55
CA SER C 264 -6.01 47.63 -29.39
C SER C 264 -5.48 47.74 -27.97
N GLY C 265 -4.16 47.89 -27.85
CA GLY C 265 -3.54 47.99 -26.54
C GLY C 265 -2.17 47.35 -26.48
N ASP C 266 -1.33 47.84 -25.58
CA ASP C 266 0.02 47.34 -25.41
C ASP C 266 0.08 46.37 -24.22
N PHE C 267 1.30 45.98 -23.85
CA PHE C 267 1.46 45.04 -22.75
C PHE C 267 0.99 45.62 -21.43
N ASP C 268 1.27 46.91 -21.20
CA ASP C 268 0.95 47.51 -19.91
C ASP C 268 -0.55 47.63 -19.69
N GLU C 269 -1.29 48.11 -20.68
CA GLU C 269 -2.73 48.24 -20.55
C GLU C 269 -3.40 46.88 -20.39
N ILE C 270 -2.94 45.89 -21.15
CA ILE C 270 -3.51 44.55 -21.05
C ILE C 270 -3.23 43.96 -19.67
N LYS C 271 -2.01 44.15 -19.17
CA LYS C 271 -1.66 43.64 -17.85
C LYS C 271 -2.51 44.31 -16.76
N LYS C 272 -2.70 45.62 -16.87
CA LYS C 272 -3.51 46.32 -15.89
C LYS C 272 -4.95 45.85 -15.92
N TYR C 273 -5.51 45.69 -17.13
CA TYR C 273 -6.90 45.24 -17.22
C TYR C 273 -7.04 43.80 -16.72
N VAL C 274 -6.02 42.97 -16.94
CA VAL C 274 -6.08 41.60 -16.42
C VAL C 274 -6.02 41.59 -14.91
N ASN C 275 -5.16 42.44 -14.33
CA ASN C 275 -5.08 42.55 -12.87
C ASN C 275 -6.40 43.04 -12.29
N THR C 276 -7.08 43.96 -12.99
CA THR C 276 -8.39 44.43 -12.53
C THR C 276 -9.45 43.35 -12.69
N PHE C 277 -9.40 42.58 -13.78
CA PHE C 277 -10.40 41.56 -14.04
C PHE C 277 -10.28 40.39 -13.07
N MET C 278 -9.05 40.05 -12.68
CA MET C 278 -8.85 38.96 -11.73
C MET C 278 -9.34 39.30 -10.33
N LYS C 279 -9.60 40.59 -10.05
CA LYS C 279 -10.20 40.96 -8.76
C LYS C 279 -11.62 40.41 -8.65
N SER C 280 -12.43 40.59 -9.69
CA SER C 280 -13.73 39.96 -9.77
C SER C 280 -13.54 38.47 -10.04
N GLY C 281 -14.02 37.63 -9.12
CA GLY C 281 -13.81 36.19 -9.24
C GLY C 281 -14.48 35.55 -10.44
N TRP C 282 -13.69 35.17 -11.43
CA TRP C 282 -14.16 34.38 -12.56
C TRP C 282 -13.22 33.21 -12.80
N SER C 283 -13.81 32.07 -13.16
CA SER C 283 -13.02 30.89 -13.48
C SER C 283 -12.32 31.08 -14.81
N ALA C 284 -11.01 30.87 -14.84
CA ALA C 284 -10.24 31.06 -16.06
C ALA C 284 -10.66 30.09 -17.16
N ALA C 285 -11.13 28.90 -16.81
CA ALA C 285 -11.60 27.95 -17.82
C ALA C 285 -12.80 28.51 -18.57
N SER C 286 -13.75 29.12 -17.84
CA SER C 286 -14.91 29.71 -18.49
C SER C 286 -14.53 30.89 -19.37
N VAL C 287 -13.58 31.71 -18.92
CA VAL C 287 -13.13 32.84 -19.75
C VAL C 287 -12.47 32.33 -21.02
N VAL C 288 -11.63 31.30 -20.91
CA VAL C 288 -10.98 30.73 -22.09
C VAL C 288 -12.02 30.14 -23.03
N ASN C 289 -13.03 29.46 -22.50
CA ASN C 289 -14.06 28.88 -23.34
C ASN C 289 -14.86 29.95 -24.06
N GLN C 290 -15.21 31.03 -23.36
CA GLN C 290 -15.96 32.11 -23.99
C GLN C 290 -15.13 32.81 -25.05
N LEU C 291 -13.83 33.04 -24.78
CA LEU C 291 -12.96 33.64 -25.78
C LEU C 291 -12.84 32.75 -27.01
N HIS C 292 -12.73 31.43 -26.79
CA HIS C 292 -12.67 30.50 -27.90
C HIS C 292 -13.93 30.54 -28.74
N GLU C 293 -15.09 30.50 -28.09
CA GLU C 293 -16.36 30.60 -28.81
C GLU C 293 -16.44 31.88 -29.61
N TYR C 294 -16.08 33.02 -29.01
CA TYR C 294 -16.15 34.29 -29.70
C TYR C 294 -15.22 34.34 -30.89
N TYR C 295 -13.97 33.89 -30.72
CA TYR C 295 -12.99 34.02 -31.78
C TYR C 295 -13.27 33.05 -32.93
N ILE C 296 -13.69 31.83 -32.62
CA ILE C 296 -13.93 30.85 -33.68
C ILE C 296 -15.25 31.15 -34.38
N THR C 297 -16.26 31.64 -33.66
CA THR C 297 -17.57 31.92 -34.23
C THR C 297 -17.60 33.20 -35.05
N ASN C 298 -16.84 34.23 -34.67
CA ASN C 298 -16.86 35.51 -35.36
C ASN C 298 -16.26 35.35 -36.76
N ASP C 299 -17.02 35.73 -37.77
CA ASP C 299 -16.56 35.67 -39.17
C ASP C 299 -15.92 36.98 -39.60
N ASN C 300 -14.93 37.44 -38.82
CA ASN C 300 -14.22 38.67 -39.13
C ASN C 300 -12.71 38.55 -38.95
N PHE C 301 -12.18 37.34 -38.78
CA PHE C 301 -10.76 37.12 -38.59
C PHE C 301 -10.23 36.19 -39.67
N ASP C 302 -8.95 36.33 -39.99
CA ASP C 302 -8.33 35.52 -41.02
C ASP C 302 -8.16 34.08 -40.54
N THR C 303 -8.12 33.16 -41.50
CA THR C 303 -7.93 31.74 -41.16
C THR C 303 -6.57 31.50 -40.53
N ASN C 304 -5.55 32.22 -41.01
CA ASN C 304 -4.22 32.14 -40.40
C ASN C 304 -4.26 32.60 -38.94
N PHE C 305 -5.07 33.63 -38.65
CA PHE C 305 -5.26 34.05 -37.27
C PHE C 305 -6.05 33.01 -36.49
N LYS C 306 -6.97 32.31 -37.17
CA LYS C 306 -7.82 31.35 -36.47
C LYS C 306 -7.06 30.10 -36.07
N ASN C 307 -6.16 29.61 -36.92
CA ASN C 307 -5.32 28.48 -36.53
C ASN C 307 -4.52 28.83 -35.27
N GLN C 308 -3.92 30.02 -35.25
CA GLN C 308 -3.09 30.41 -34.13
C GLN C 308 -3.92 30.61 -32.86
N ILE C 309 -5.09 31.23 -32.98
CA ILE C 309 -5.93 31.42 -31.80
C ILE C 309 -6.40 30.08 -31.26
N SER C 310 -6.72 29.13 -32.14
CA SER C 310 -7.15 27.81 -31.68
C SER C 310 -6.03 27.08 -30.97
N TRP C 311 -4.82 27.11 -31.54
CA TRP C 311 -3.69 26.44 -30.88
C TRP C 311 -3.34 27.10 -29.55
N LEU C 312 -3.42 28.43 -29.48
CA LEU C 312 -3.11 29.12 -28.24
C LEU C 312 -4.14 28.82 -27.16
N LEU C 313 -5.42 28.79 -27.53
CA LEU C 313 -6.46 28.44 -26.57
C LEU C 313 -6.32 26.99 -26.12
N PHE C 314 -5.94 26.09 -27.03
CA PHE C 314 -5.71 24.70 -26.65
C PHE C 314 -4.58 24.59 -25.65
N THR C 315 -3.47 25.28 -25.91
CA THR C 315 -2.33 25.25 -24.99
C THR C 315 -2.70 25.83 -23.64
N THR C 316 -3.47 26.93 -23.64
CA THR C 316 -3.87 27.55 -22.39
C THR C 316 -4.78 26.64 -21.58
N ASP C 317 -5.72 25.96 -22.24
CA ASP C 317 -6.59 25.03 -21.53
C ASP C 317 -5.81 23.83 -21.00
N SER C 318 -4.85 23.32 -21.79
CA SER C 318 -4.05 22.20 -21.33
C SER C 318 -3.19 22.59 -20.13
N ARG C 319 -2.71 23.83 -20.10
CA ARG C 319 -1.93 24.29 -18.95
C ARG C 319 -2.82 24.52 -17.74
N LEU C 320 -4.02 25.06 -17.95
CA LEU C 320 -4.95 25.28 -16.85
C LEU C 320 -5.49 24.00 -16.26
N ASN C 321 -5.52 22.92 -17.04
CA ASN C 321 -6.01 21.63 -16.56
C ASN C 321 -5.02 20.93 -15.62
N ASN C 322 -3.94 21.60 -15.22
CA ASN C 322 -2.93 20.98 -14.35
C ASN C 322 -2.81 21.68 -13.01
N GLY C 323 -3.75 22.55 -12.65
CA GLY C 323 -3.70 23.24 -11.37
C GLY C 323 -2.82 24.46 -11.33
N THR C 324 -2.57 25.10 -12.46
CA THR C 324 -1.70 26.26 -12.51
C THR C 324 -2.43 27.50 -12.01
N ASN C 325 -1.68 28.60 -11.89
CA ASN C 325 -2.24 29.88 -11.47
C ASN C 325 -3.07 30.47 -12.61
N GLU C 326 -4.32 30.80 -12.32
CA GLU C 326 -5.22 31.29 -13.36
C GLU C 326 -4.78 32.64 -13.89
N HIS C 327 -4.26 33.51 -13.00
CA HIS C 327 -3.88 34.86 -13.41
C HIS C 327 -2.74 34.82 -14.42
N ILE C 328 -1.68 34.08 -14.12
CA ILE C 328 -0.52 34.03 -15.00
C ILE C 328 -0.90 33.43 -16.35
N GLN C 329 -1.66 32.34 -16.34
CA GLN C 329 -2.04 31.69 -17.59
C GLN C 329 -2.94 32.59 -18.42
N LEU C 330 -3.90 33.26 -17.80
CA LEU C 330 -4.79 34.16 -18.55
C LEU C 330 -4.01 35.33 -19.13
N LEU C 331 -3.10 35.92 -18.35
CA LEU C 331 -2.30 37.02 -18.87
C LEU C 331 -1.42 36.57 -20.02
N ASN C 332 -0.79 35.40 -19.89
CA ASN C 332 0.05 34.89 -20.98
C ASN C 332 -0.77 34.63 -22.24
N LEU C 333 -1.96 34.05 -22.08
CA LEU C 333 -2.83 33.80 -23.23
C LEU C 333 -3.22 35.10 -23.91
N LEU C 334 -3.65 36.09 -23.15
CA LEU C 334 -4.08 37.35 -23.75
C LEU C 334 -2.92 38.07 -24.42
N VAL C 335 -1.72 37.99 -23.83
CA VAL C 335 -0.55 38.63 -24.43
C VAL C 335 -0.18 37.93 -25.73
N LYS C 336 -0.20 36.60 -25.72
CA LYS C 336 0.16 35.85 -26.93
C LYS C 336 -0.83 36.09 -28.05
N ILE C 337 -2.13 36.19 -27.72
CA ILE C 337 -3.12 36.45 -28.76
C ILE C 337 -3.16 37.93 -29.15
N SER C 338 -2.56 38.81 -28.34
CA SER C 338 -2.50 40.22 -28.72
C SER C 338 -1.38 40.48 -29.72
N GLN C 339 -0.34 39.65 -29.72
CA GLN C 339 0.77 39.83 -30.65
C GLN C 339 0.38 39.42 -32.07
N LEU C 340 -0.73 38.69 -32.20
CA LEU C 340 -1.18 38.22 -33.50
C LEU C 340 -1.69 39.38 -34.35
N TRP D 4 -8.35 45.57 14.54
CA TRP D 4 -7.92 44.22 14.19
C TRP D 4 -8.96 43.55 13.29
N VAL D 5 -8.51 42.59 12.49
CA VAL D 5 -9.41 41.89 11.57
C VAL D 5 -10.45 41.11 12.34
N ASP D 6 -10.05 40.48 13.46
CA ASP D 6 -10.94 39.58 14.17
C ASP D 6 -11.92 40.32 15.08
N LYS D 7 -11.52 41.50 15.59
CA LYS D 7 -12.40 42.23 16.50
C LYS D 7 -13.64 42.75 15.79
N TYR D 8 -13.53 43.08 14.51
CA TYR D 8 -14.65 43.60 13.72
C TYR D 8 -14.87 42.68 12.52
N ARG D 9 -15.70 41.66 12.72
CA ARG D 9 -16.02 40.70 11.68
C ARG D 9 -17.50 40.37 11.73
N PRO D 10 -18.19 40.35 10.59
CA PRO D 10 -19.62 40.02 10.60
C PRO D 10 -19.87 38.60 11.05
N LYS D 11 -20.98 38.42 11.76
CA LYS D 11 -21.36 37.11 12.28
C LYS D 11 -22.64 36.56 11.68
N SER D 12 -23.35 37.34 10.86
CA SER D 12 -24.59 36.91 10.22
C SER D 12 -24.61 37.41 8.78
N LEU D 13 -25.68 37.09 8.07
CA LEU D 13 -25.83 37.55 6.70
C LEU D 13 -26.25 39.02 6.65
N ASN D 14 -27.00 39.48 7.64
CA ASN D 14 -27.41 40.88 7.71
C ASN D 14 -26.28 41.79 8.15
N ALA D 15 -25.14 41.24 8.57
CA ALA D 15 -24.00 42.03 9.01
C ALA D 15 -22.95 42.21 7.92
N LEU D 16 -23.18 41.65 6.73
CA LEU D 16 -22.27 41.84 5.62
C LEU D 16 -22.42 43.25 5.06
N SER D 17 -21.31 43.77 4.53
CA SER D 17 -21.24 45.18 4.14
C SER D 17 -20.69 45.37 2.73
N HIS D 18 -20.69 44.30 1.93
CA HIS D 18 -20.25 44.40 0.54
C HIS D 18 -20.78 43.18 -0.21
N ASN D 19 -20.87 43.33 -1.54
CA ASN D 19 -21.44 42.32 -2.43
C ASN D 19 -22.88 41.99 -2.00
N GLU D 20 -23.74 43.00 -2.12
CA GLU D 20 -25.13 42.85 -1.71
C GLU D 20 -25.83 41.75 -2.51
N GLU D 21 -25.48 41.59 -3.78
CA GLU D 21 -26.07 40.53 -4.58
C GLU D 21 -25.65 39.15 -4.06
N LEU D 22 -24.41 39.04 -3.59
CA LEU D 22 -23.95 37.78 -3.01
C LEU D 22 -24.66 37.50 -1.68
N THR D 23 -24.88 38.54 -0.88
CA THR D 23 -25.63 38.36 0.36
C THR D 23 -27.07 37.93 0.09
N ASN D 24 -27.71 38.53 -0.93
CA ASN D 24 -29.05 38.12 -1.28
C ASN D 24 -29.10 36.69 -1.83
N PHE D 25 -28.08 36.30 -2.60
CA PHE D 25 -28.01 34.92 -3.09
C PHE D 25 -27.83 33.95 -1.93
N LEU D 26 -27.02 34.32 -0.93
CA LEU D 26 -26.84 33.46 0.24
C LEU D 26 -28.12 33.35 1.05
N LYS D 27 -28.85 34.45 1.19
CA LYS D 27 -30.14 34.41 1.88
C LYS D 27 -31.13 33.52 1.12
N SER D 28 -31.13 33.62 -0.21
CA SER D 28 -32.00 32.75 -1.01
C SER D 28 -31.64 31.29 -0.82
N LEU D 29 -30.35 30.98 -0.85
CA LEU D 29 -29.87 29.61 -0.66
C LEU D 29 -30.11 29.08 0.75
N SER D 30 -30.20 29.97 1.74
CA SER D 30 -30.45 29.55 3.13
C SER D 30 -31.92 29.66 3.51
N ASP D 31 -32.78 30.12 2.61
CA ASP D 31 -34.21 30.15 2.91
C ASP D 31 -34.74 28.75 3.19
N GLN D 32 -34.44 27.79 2.31
CA GLN D 32 -34.77 26.39 2.54
C GLN D 32 -33.47 25.61 2.76
N PRO D 33 -33.12 25.33 4.02
CA PRO D 33 -31.80 24.77 4.32
C PRO D 33 -31.66 23.27 4.19
N ARG D 34 -32.76 22.51 4.21
CA ARG D 34 -32.64 21.05 4.19
C ARG D 34 -32.39 20.51 2.77
N ASP D 35 -32.99 21.13 1.76
CA ASP D 35 -32.76 20.74 0.37
C ASP D 35 -31.61 21.56 -0.24
N LEU D 36 -30.48 21.54 0.46
CA LEU D 36 -29.31 22.31 0.11
C LEU D 36 -28.22 21.40 -0.45
N PRO D 37 -27.75 21.62 -1.66
CA PRO D 37 -26.65 20.81 -2.19
C PRO D 37 -25.31 21.30 -1.66
N HIS D 38 -24.26 20.56 -2.04
CA HIS D 38 -22.91 20.94 -1.64
C HIS D 38 -22.50 22.24 -2.32
N LEU D 39 -21.67 23.02 -1.63
CA LEU D 39 -21.27 24.34 -2.10
C LEU D 39 -19.75 24.44 -2.18
N LEU D 40 -19.28 25.23 -3.14
CA LEU D 40 -17.87 25.50 -3.34
C LEU D 40 -17.69 27.00 -3.52
N LEU D 41 -17.09 27.65 -2.53
CA LEU D 41 -16.82 29.08 -2.56
C LEU D 41 -15.46 29.31 -3.19
N TYR D 42 -15.44 30.01 -4.34
CA TYR D 42 -14.18 30.28 -5.02
C TYR D 42 -14.09 31.78 -5.31
N GLY D 43 -12.85 32.27 -5.34
CA GLY D 43 -12.57 33.67 -5.56
C GLY D 43 -11.20 34.05 -5.03
N PRO D 44 -10.87 35.34 -5.10
CA PRO D 44 -9.56 35.79 -4.64
C PRO D 44 -9.38 35.56 -3.15
N ASN D 45 -8.12 35.39 -2.75
CA ASN D 45 -7.78 35.16 -1.36
C ASN D 45 -7.85 36.47 -0.59
N GLY D 46 -8.60 36.47 0.51
CA GLY D 46 -8.81 37.65 1.31
C GLY D 46 -10.09 38.41 1.02
N THR D 47 -11.02 37.82 0.28
CA THR D 47 -12.28 38.48 -0.06
C THR D 47 -13.29 38.41 1.07
N GLY D 48 -13.34 37.32 1.82
CA GLY D 48 -14.30 37.18 2.89
C GLY D 48 -15.26 36.03 2.67
N LYS D 49 -14.80 34.97 1.98
CA LYS D 49 -15.62 33.81 1.74
C LYS D 49 -15.73 32.91 2.97
N LYS D 50 -14.66 32.82 3.76
CA LYS D 50 -14.71 32.04 4.98
C LYS D 50 -15.62 32.67 6.04
N THR D 51 -15.76 34.01 6.01
CA THR D 51 -16.72 34.65 6.89
C THR D 51 -18.14 34.45 6.39
N ARG D 52 -18.34 34.51 5.08
CA ARG D 52 -19.66 34.31 4.51
C ARG D 52 -20.18 32.89 4.67
N CYS D 53 -19.30 31.89 4.62
CA CYS D 53 -19.73 30.52 4.86
C CYS D 53 -20.21 30.35 6.30
N MET D 54 -19.49 30.92 7.26
CA MET D 54 -19.92 30.85 8.65
C MET D 54 -21.19 31.65 8.88
N ALA D 55 -21.35 32.77 8.17
CA ALA D 55 -22.59 33.53 8.27
C ALA D 55 -23.77 32.76 7.70
N LEU D 56 -23.55 32.00 6.62
CA LEU D 56 -24.59 31.16 6.06
C LEU D 56 -24.94 30.01 7.00
N LEU D 57 -23.94 29.43 7.66
CA LEU D 57 -24.21 28.42 8.67
C LEU D 57 -24.99 29.01 9.84
N GLU D 58 -24.72 30.28 10.17
CA GLU D 58 -25.47 30.96 11.22
C GLU D 58 -26.92 31.17 10.83
N SER D 59 -27.22 31.15 9.54
CA SER D 59 -28.61 31.24 9.09
C SER D 59 -29.25 29.85 8.99
N ILE D 60 -28.44 28.84 8.66
CA ILE D 60 -28.97 27.47 8.60
C ILE D 60 -29.18 26.91 10.00
N PHE D 61 -28.35 27.29 10.96
CA PHE D 61 -28.46 26.79 12.31
C PHE D 61 -28.57 27.95 13.30
N GLY D 62 -28.49 27.65 14.60
CA GLY D 62 -28.55 28.69 15.60
C GLY D 62 -27.25 29.47 15.68
N PRO D 63 -27.24 30.46 16.58
CA PRO D 63 -26.02 31.28 16.75
C PRO D 63 -24.87 30.52 17.39
N GLY D 64 -25.09 29.31 17.89
CA GLY D 64 -24.04 28.53 18.50
C GLY D 64 -23.02 27.94 17.54
N VAL D 65 -23.14 28.24 16.24
CA VAL D 65 -22.19 27.74 15.25
C VAL D 65 -20.79 28.30 15.45
N TYR D 66 -20.67 29.52 15.98
CA TYR D 66 -19.38 30.13 16.23
C TYR D 66 -18.70 29.63 17.49
N ARG D 67 -19.47 29.14 18.46
CA ARG D 67 -18.89 28.51 19.65
C ARG D 67 -18.36 27.14 19.26
N LEU D 68 -17.08 27.08 18.89
CA LEU D 68 -16.47 25.87 18.37
C LEU D 68 -15.28 25.49 19.24
N LYS D 69 -14.79 24.27 19.03
CA LYS D 69 -13.69 23.73 19.81
C LYS D 69 -12.72 22.98 18.92
N ILE D 70 -11.46 22.91 19.36
CA ILE D 70 -10.42 22.21 18.62
C ILE D 70 -10.10 20.91 19.32
N ASP D 71 -10.26 19.79 18.60
CA ASP D 71 -9.94 18.46 19.09
C ASP D 71 -8.84 17.86 18.23
N VAL D 72 -8.42 16.65 18.57
CA VAL D 72 -7.35 15.95 17.86
C VAL D 72 -7.85 14.55 17.50
N ARG D 73 -7.43 14.07 16.34
CA ARG D 73 -7.74 12.71 15.89
C ARG D 73 -6.50 12.09 15.26
N GLN D 74 -6.25 10.83 15.59
CA GLN D 74 -5.09 10.12 15.13
C GLN D 74 -5.48 9.12 14.05
N PHE D 75 -4.58 8.91 13.09
CA PHE D 75 -4.81 7.97 12.00
C PHE D 75 -3.57 7.13 11.79
N VAL D 76 -3.77 5.91 11.28
CA VAL D 76 -2.69 4.98 10.99
C VAL D 76 -2.69 4.70 9.49
N THR D 77 -1.57 5.01 8.84
CA THR D 77 -1.42 4.76 7.41
C THR D 77 -1.03 3.31 7.18
N ALA D 78 -0.60 2.99 5.95
CA ALA D 78 -0.16 1.64 5.63
C ALA D 78 1.01 1.18 6.48
N SER D 79 1.78 2.12 7.04
CA SER D 79 2.88 1.83 7.94
C SER D 79 2.53 2.35 9.34
N ASN D 80 3.46 2.23 10.28
CA ASN D 80 3.24 2.67 11.65
C ASN D 80 3.46 4.16 11.85
N ARG D 81 3.59 4.93 10.77
CA ARG D 81 3.64 6.38 10.91
C ARG D 81 2.26 6.91 11.30
N LYS D 82 2.21 7.60 12.43
CA LYS D 82 0.95 8.11 12.99
C LYS D 82 0.67 9.50 12.43
N LEU D 83 -0.48 9.65 11.79
CA LEU D 83 -0.91 10.95 11.26
C LEU D 83 -1.71 11.67 12.33
N GLU D 84 -1.25 12.85 12.73
CA GLU D 84 -1.89 13.67 13.74
C GLU D 84 -2.60 14.83 13.04
N LEU D 85 -3.91 14.93 13.23
CA LEU D 85 -4.70 15.99 12.59
C LEU D 85 -5.66 16.59 13.62
N ASN D 86 -5.63 17.91 13.72
CA ASN D 86 -6.56 18.63 14.57
C ASN D 86 -7.81 19.00 13.79
N VAL D 87 -8.95 18.94 14.48
CA VAL D 87 -10.26 19.16 13.89
C VAL D 87 -10.96 20.30 14.61
N VAL D 88 -11.54 21.20 13.82
CA VAL D 88 -12.39 22.26 14.33
C VAL D 88 -13.84 21.78 14.28
N SER D 89 -14.46 21.63 15.45
CA SER D 89 -15.78 21.03 15.54
C SER D 89 -16.73 21.99 16.22
N SER D 90 -18.01 21.85 15.88
CA SER D 90 -19.09 22.67 16.42
C SER D 90 -20.31 21.78 16.60
N PRO D 91 -21.23 22.11 17.52
CA PRO D 91 -22.44 21.30 17.68
C PRO D 91 -23.34 21.26 16.46
N TYR D 92 -22.99 21.95 15.37
CA TYR D 92 -23.77 21.91 14.15
C TYR D 92 -22.94 21.66 12.89
N HIS D 93 -21.61 21.76 12.95
CA HIS D 93 -20.77 21.57 11.79
C HIS D 93 -19.36 21.25 12.24
N LEU D 94 -18.51 20.88 11.28
CA LEU D 94 -17.12 20.58 11.56
C LEU D 94 -16.27 21.05 10.38
N GLU D 95 -15.01 21.39 10.66
CA GLU D 95 -14.10 21.95 9.68
C GLU D 95 -12.83 21.10 9.61
N ILE D 96 -12.45 20.69 8.41
CA ILE D 96 -11.23 19.94 8.19
C ILE D 96 -10.37 20.70 7.18
N THR D 97 -9.06 20.67 7.41
CA THR D 97 -8.10 21.32 6.52
C THR D 97 -7.06 20.29 6.09
N PRO D 98 -7.26 19.64 4.95
CA PRO D 98 -6.32 18.60 4.51
C PRO D 98 -4.99 19.16 4.03
N SER D 99 -4.81 20.47 4.13
CA SER D 99 -3.56 21.12 3.73
C SER D 99 -2.51 21.10 4.83
N ASP D 100 -2.73 20.31 5.90
CA ASP D 100 -1.81 20.25 7.02
C ASP D 100 -0.91 19.02 6.98
N MET D 101 -0.90 18.28 5.88
CA MET D 101 -0.10 17.07 5.76
C MET D 101 0.36 16.90 4.32
N GLY D 102 1.02 15.77 4.06
CA GLY D 102 1.54 15.48 2.74
C GLY D 102 0.55 14.76 1.85
N ASN D 103 0.96 13.61 1.32
CA ASN D 103 0.13 12.81 0.42
C ASN D 103 -0.88 11.94 1.16
N ASN D 104 -1.09 12.16 2.46
CA ASN D 104 -2.02 11.37 3.26
C ASN D 104 -3.37 12.07 3.42
N ASP D 105 -3.76 12.89 2.44
CA ASP D 105 -5.07 13.55 2.51
C ASP D 105 -6.20 12.56 2.27
N ARG D 106 -5.98 11.56 1.41
CA ARG D 106 -7.05 10.62 1.07
C ARG D 106 -7.49 9.82 2.30
N ILE D 107 -6.54 9.37 3.11
CA ILE D 107 -6.88 8.55 4.27
C ILE D 107 -7.75 9.35 5.24
N VAL D 108 -7.27 10.53 5.64
CA VAL D 108 -8.03 11.36 6.57
C VAL D 108 -9.41 11.68 6.00
N ILE D 109 -9.45 12.12 4.73
CA ILE D 109 -10.72 12.46 4.10
C ILE D 109 -11.71 11.30 4.20
N GLN D 110 -11.32 10.14 3.65
CA GLN D 110 -12.26 9.02 3.57
C GLN D 110 -12.67 8.55 4.96
N GLU D 111 -11.71 8.31 5.85
CA GLU D 111 -12.04 7.75 7.16
C GLU D 111 -12.89 8.73 7.98
N LEU D 112 -12.44 9.98 8.11
CA LEU D 112 -13.18 10.94 8.92
C LEU D 112 -14.58 11.19 8.35
N LEU D 113 -14.70 11.34 7.03
CA LEU D 113 -16.02 11.63 6.46
C LEU D 113 -16.94 10.42 6.60
N LYS D 114 -16.40 9.20 6.49
CA LYS D 114 -17.23 8.02 6.67
C LYS D 114 -17.68 7.89 8.12
N GLU D 115 -16.81 8.22 9.08
CA GLU D 115 -17.21 8.19 10.48
C GLU D 115 -18.29 9.22 10.78
N VAL D 116 -18.16 10.42 10.23
CA VAL D 116 -19.17 11.46 10.49
C VAL D 116 -20.48 11.13 9.79
N ALA D 117 -20.41 10.48 8.61
CA ALA D 117 -21.61 10.14 7.88
C ALA D 117 -22.33 8.92 8.45
N HIS D 133 -30.04 21.34 11.80
CA HIS D 133 -31.30 20.67 11.47
C HIS D 133 -31.17 19.16 11.58
N ARG D 134 -31.05 18.50 10.42
CA ARG D 134 -30.92 17.05 10.37
C ARG D 134 -29.56 16.57 9.92
N TYR D 135 -28.78 17.40 9.23
CA TYR D 135 -27.45 17.02 8.74
C TYR D 135 -26.40 17.86 9.45
N LYS D 136 -25.15 17.42 9.32
CA LYS D 136 -24.00 18.09 9.91
C LYS D 136 -23.12 18.62 8.79
N CYS D 137 -22.87 19.92 8.79
CA CYS D 137 -22.12 20.54 7.71
C CYS D 137 -20.63 20.27 7.85
N VAL D 138 -19.95 20.23 6.72
CA VAL D 138 -18.51 19.97 6.66
C VAL D 138 -17.86 21.08 5.84
N ILE D 139 -16.84 21.71 6.42
CA ILE D 139 -16.12 22.80 5.76
C ILE D 139 -14.72 22.31 5.44
N ILE D 140 -14.43 22.11 4.16
CA ILE D 140 -13.11 21.70 3.70
C ILE D 140 -12.34 22.97 3.34
N ASN D 141 -11.36 23.31 4.17
CA ASN D 141 -10.57 24.52 3.97
C ASN D 141 -9.40 24.25 3.03
N GLU D 142 -9.17 25.18 2.11
CA GLU D 142 -8.09 25.10 1.13
C GLU D 142 -8.17 23.80 0.32
N ALA D 143 -9.26 23.66 -0.44
CA ALA D 143 -9.47 22.47 -1.26
C ALA D 143 -8.47 22.34 -2.40
N ASN D 144 -7.69 23.39 -2.68
CA ASN D 144 -6.69 23.31 -3.73
C ASN D 144 -5.54 22.38 -3.38
N SER D 145 -5.21 22.25 -2.09
CA SER D 145 -4.15 21.35 -1.66
C SER D 145 -4.57 19.89 -1.67
N LEU D 146 -5.85 19.61 -1.84
CA LEU D 146 -6.34 18.24 -1.90
C LEU D 146 -5.77 17.53 -3.13
N THR D 147 -5.04 16.44 -2.88
CA THR D 147 -4.47 15.66 -3.96
C THR D 147 -5.58 15.05 -4.81
N LYS D 148 -5.22 14.67 -6.05
CA LYS D 148 -6.21 14.13 -6.97
C LYS D 148 -6.80 12.84 -6.46
N ASP D 149 -6.01 12.04 -5.73
CA ASP D 149 -6.54 10.80 -5.18
C ASP D 149 -7.54 11.07 -4.05
N ALA D 150 -7.26 12.06 -3.21
CA ALA D 150 -8.21 12.44 -2.17
C ALA D 150 -9.50 12.99 -2.78
N GLN D 151 -9.38 13.77 -3.85
CA GLN D 151 -10.58 14.28 -4.53
C GLN D 151 -11.37 13.14 -5.15
N ALA D 152 -10.68 12.15 -5.73
CA ALA D 152 -11.37 11.00 -6.29
C ALA D 152 -12.08 10.19 -5.20
N ALA D 153 -11.45 10.08 -4.03
CA ALA D 153 -12.09 9.38 -2.91
C ALA D 153 -13.32 10.15 -2.43
N LEU D 154 -13.23 11.47 -2.37
CA LEU D 154 -14.36 12.29 -1.96
C LEU D 154 -15.47 12.33 -3.02
N ARG D 155 -15.14 12.03 -4.27
CA ARG D 155 -16.13 12.08 -5.34
C ARG D 155 -17.36 11.24 -5.02
N ARG D 156 -17.16 9.98 -4.65
CA ARG D 156 -18.29 9.10 -4.35
C ARG D 156 -18.84 9.30 -2.93
N THR D 157 -18.01 9.78 -2.00
CA THR D 157 -18.51 10.07 -0.66
C THR D 157 -19.47 11.25 -0.68
N MET D 158 -19.29 12.18 -1.62
CA MET D 158 -20.21 13.32 -1.74
C MET D 158 -21.60 12.85 -2.15
N GLU D 159 -21.69 11.79 -2.94
CA GLU D 159 -22.97 11.36 -3.48
C GLU D 159 -23.63 10.24 -2.66
N LYS D 160 -22.83 9.35 -2.07
CA LYS D 160 -23.41 8.25 -1.31
C LYS D 160 -24.12 8.73 -0.06
N TYR D 161 -23.53 9.69 0.65
CA TYR D 161 -24.11 10.26 1.86
C TYR D 161 -24.44 11.73 1.58
N SER D 162 -25.64 11.95 1.06
CA SER D 162 -26.12 13.29 0.75
C SER D 162 -27.22 13.76 1.69
N LYS D 163 -27.72 12.90 2.57
CA LYS D 163 -28.76 13.25 3.52
C LYS D 163 -28.22 13.49 4.91
N ASN D 164 -26.92 13.28 5.13
CA ASN D 164 -26.31 13.47 6.44
C ASN D 164 -25.09 14.38 6.42
N ILE D 165 -24.41 14.50 5.28
CA ILE D 165 -23.18 15.28 5.17
C ILE D 165 -23.29 16.21 3.97
N ARG D 166 -23.16 17.51 4.20
CA ARG D 166 -23.11 18.50 3.14
C ARG D 166 -21.77 19.23 3.21
N LEU D 167 -21.10 19.32 2.07
CA LEU D 167 -19.75 19.89 2.02
C LEU D 167 -19.81 21.36 1.62
N ILE D 168 -19.03 22.19 2.30
CA ILE D 168 -18.84 23.59 1.94
C ILE D 168 -17.35 23.80 1.77
N MET D 169 -16.86 23.67 0.54
CA MET D 169 -15.44 23.71 0.24
C MET D 169 -15.01 25.13 -0.10
N VAL D 170 -14.06 25.67 0.67
CA VAL D 170 -13.54 27.01 0.48
C VAL D 170 -12.21 26.90 -0.25
N CYS D 171 -12.09 27.57 -1.39
CA CYS D 171 -10.87 27.55 -2.18
C CYS D 171 -10.68 28.91 -2.84
N ASP D 172 -9.47 29.13 -3.36
CA ASP D 172 -9.14 30.38 -4.03
C ASP D 172 -9.12 30.28 -5.55
N SER D 173 -9.12 29.07 -6.11
CA SER D 173 -9.10 28.89 -7.56
C SER D 173 -9.54 27.47 -7.87
N MET D 174 -10.53 27.33 -8.73
CA MET D 174 -11.03 26.01 -9.12
C MET D 174 -10.14 25.30 -10.14
N SER D 175 -8.96 25.83 -10.44
CA SER D 175 -8.08 25.23 -11.44
C SER D 175 -7.61 23.83 -11.05
N PRO D 176 -7.12 23.60 -9.82
CA PRO D 176 -6.72 22.23 -9.45
C PRO D 176 -7.87 21.32 -9.04
N ILE D 177 -9.09 21.84 -8.92
CA ILE D 177 -10.23 21.01 -8.55
C ILE D 177 -10.67 20.22 -9.77
N ILE D 178 -10.88 18.91 -9.60
CA ILE D 178 -11.28 18.07 -10.73
C ILE D 178 -12.71 18.41 -11.14
N ALA D 179 -13.04 18.03 -12.38
CA ALA D 179 -14.35 18.29 -12.97
C ALA D 179 -15.48 17.54 -12.25
N PRO D 180 -15.32 16.28 -11.86
CA PRO D 180 -16.39 15.61 -11.11
C PRO D 180 -16.77 16.34 -9.82
N ILE D 181 -15.78 16.79 -9.05
CA ILE D 181 -16.09 17.53 -7.83
C ILE D 181 -16.76 18.85 -8.16
N LYS D 182 -16.30 19.54 -9.20
CA LYS D 182 -16.94 20.78 -9.64
C LYS D 182 -18.41 20.54 -9.96
N SER D 183 -18.72 19.44 -10.64
CA SER D 183 -20.10 19.15 -11.00
C SER D 183 -20.92 18.73 -9.79
N ARG D 184 -20.29 18.09 -8.81
CA ARG D 184 -21.01 17.54 -7.66
C ARG D 184 -21.43 18.60 -6.65
N CYS D 185 -21.05 19.86 -6.85
CA CYS D 185 -21.42 20.91 -5.92
C CYS D 185 -21.71 22.20 -6.68
N LEU D 186 -22.59 23.02 -6.10
CA LEU D 186 -22.83 24.36 -6.63
C LEU D 186 -21.55 25.18 -6.52
N LEU D 187 -21.37 26.11 -7.45
CA LEU D 187 -20.19 26.97 -7.48
C LEU D 187 -20.62 28.40 -7.20
N ILE D 188 -20.01 29.01 -6.18
CA ILE D 188 -20.34 30.37 -5.78
C ILE D 188 -19.08 31.21 -5.86
N ARG D 189 -19.11 32.24 -6.71
CA ARG D 189 -17.97 33.13 -6.87
C ARG D 189 -18.07 34.30 -5.90
N CYS D 190 -16.94 34.66 -5.29
CA CYS D 190 -16.87 35.79 -4.37
C CYS D 190 -15.93 36.84 -4.93
N PRO D 191 -16.43 37.82 -5.69
CA PRO D 191 -15.55 38.86 -6.23
C PRO D 191 -15.01 39.76 -5.14
N ALA D 192 -13.75 40.18 -5.31
CA ALA D 192 -13.13 41.05 -4.35
C ALA D 192 -13.90 42.37 -4.24
N PRO D 193 -14.04 42.90 -3.02
CA PRO D 193 -14.80 44.14 -2.85
C PRO D 193 -14.09 45.33 -3.50
N SER D 194 -14.91 46.27 -3.97
CA SER D 194 -14.38 47.46 -4.61
C SER D 194 -13.61 48.31 -3.61
N ASP D 195 -12.76 49.19 -4.14
CA ASP D 195 -11.95 50.06 -3.28
C ASP D 195 -12.84 50.97 -2.44
N SER D 196 -14.01 51.34 -2.94
CA SER D 196 -14.92 52.18 -2.18
C SER D 196 -15.47 51.46 -0.95
N GLU D 197 -15.85 50.19 -1.10
CA GLU D 197 -16.36 49.43 0.04
C GLU D 197 -15.26 49.18 1.06
N ILE D 198 -14.04 48.91 0.59
CA ILE D 198 -12.90 48.76 1.49
C ILE D 198 -12.66 50.05 2.26
N SER D 199 -12.77 51.19 1.57
CA SER D 199 -12.58 52.48 2.23
C SER D 199 -13.65 52.73 3.27
N THR D 200 -14.91 52.39 2.95
CA THR D 200 -15.99 52.58 3.92
C THR D 200 -15.79 51.68 5.14
N ILE D 201 -15.31 50.45 4.93
CA ILE D 201 -15.05 49.57 6.06
C ILE D 201 -13.91 50.10 6.92
N LEU D 202 -12.83 50.55 6.28
CA LEU D 202 -11.72 51.13 7.03
C LEU D 202 -12.15 52.39 7.78
N SER D 203 -13.10 53.15 7.23
CA SER D 203 -13.61 54.32 7.94
C SER D 203 -14.29 53.91 9.24
N ASP D 204 -15.21 52.94 9.18
CA ASP D 204 -15.86 52.47 10.40
C ASP D 204 -14.85 51.92 11.39
N VAL D 205 -13.81 51.23 10.88
CA VAL D 205 -12.81 50.65 11.76
C VAL D 205 -12.02 51.76 12.48
N VAL D 206 -11.62 52.80 11.75
CA VAL D 206 -10.81 53.84 12.36
C VAL D 206 -11.65 54.72 13.28
N THR D 207 -12.95 54.86 13.00
CA THR D 207 -13.80 55.59 13.95
C THR D 207 -14.11 54.75 15.18
N ASN D 208 -14.12 53.43 15.06
CA ASN D 208 -14.32 52.57 16.23
C ASN D 208 -13.02 52.36 17.00
N GLU D 209 -11.90 52.21 16.30
CA GLU D 209 -10.60 52.08 16.97
C GLU D 209 -9.99 53.42 17.35
N ARG D 210 -10.66 54.52 17.06
CA ARG D 210 -10.24 55.87 17.45
C ARG D 210 -8.87 56.21 16.84
N ILE D 211 -8.81 56.13 15.52
CA ILE D 211 -7.63 56.56 14.77
C ILE D 211 -7.85 57.99 14.30
N GLN D 212 -6.77 58.73 14.09
CA GLN D 212 -6.82 60.12 13.67
C GLN D 212 -6.39 60.22 12.22
N LEU D 213 -7.31 60.62 11.34
CA LEU D 213 -7.05 60.76 9.91
C LEU D 213 -7.06 62.24 9.57
N GLU D 214 -5.92 62.74 9.07
CA GLU D 214 -5.86 64.12 8.60
C GLU D 214 -6.67 64.29 7.32
N THR D 215 -6.59 63.31 6.41
CA THR D 215 -7.35 63.30 5.18
C THR D 215 -7.82 61.89 4.89
N LYS D 216 -9.08 61.76 4.46
CA LYS D 216 -9.70 60.45 4.28
C LYS D 216 -9.08 59.65 3.13
N ASP D 217 -8.57 60.33 2.11
CA ASP D 217 -8.10 59.66 0.90
C ASP D 217 -7.04 58.59 1.17
N ILE D 218 -6.30 58.71 2.27
CA ILE D 218 -5.30 57.69 2.62
C ILE D 218 -5.94 56.32 2.65
N LEU D 219 -7.16 56.23 3.20
CA LEU D 219 -7.87 54.94 3.22
C LEU D 219 -8.00 54.37 1.83
N LYS D 220 -8.42 55.20 0.86
CA LYS D 220 -8.47 54.77 -0.53
C LYS D 220 -7.14 54.19 -0.97
N ARG D 221 -6.03 54.88 -0.65
CA ARG D 221 -4.73 54.38 -1.05
C ARG D 221 -4.47 53.00 -0.46
N ILE D 222 -4.92 52.77 0.78
CA ILE D 222 -4.79 51.45 1.39
C ILE D 222 -5.43 50.40 0.48
N ALA D 223 -6.65 50.68 0.02
CA ALA D 223 -7.29 49.78 -0.93
C ALA D 223 -6.44 49.60 -2.19
N GLN D 224 -5.91 50.72 -2.72
CA GLN D 224 -5.05 50.65 -3.89
C GLN D 224 -3.75 49.90 -3.63
N ALA D 225 -3.41 49.65 -2.36
CA ALA D 225 -2.24 48.87 -2.03
C ALA D 225 -2.58 47.43 -1.66
N SER D 226 -3.88 47.09 -1.59
CA SER D 226 -4.29 45.77 -1.15
C SER D 226 -4.80 44.89 -2.29
N ASN D 227 -5.18 45.48 -3.42
CA ASN D 227 -5.67 44.73 -4.58
C ASN D 227 -6.90 43.90 -4.23
N GLY D 228 -7.87 44.55 -3.57
CA GLY D 228 -9.11 43.91 -3.20
C GLY D 228 -9.06 43.11 -1.92
N ASN D 229 -7.87 42.84 -1.38
CA ASN D 229 -7.75 42.05 -0.16
C ASN D 229 -8.19 42.88 1.05
N LEU D 230 -9.22 42.41 1.74
CA LEU D 230 -9.65 43.07 2.98
C LEU D 230 -8.81 42.62 4.16
N ARG D 231 -8.47 41.33 4.22
CA ARG D 231 -7.62 40.81 5.29
C ARG D 231 -6.27 41.53 5.30
N VAL D 232 -5.69 41.75 4.11
CA VAL D 232 -4.43 42.46 4.03
C VAL D 232 -4.64 43.95 4.31
N SER D 233 -5.77 44.50 3.87
CA SER D 233 -6.02 45.93 4.04
C SER D 233 -6.11 46.31 5.50
N LEU D 234 -6.93 45.59 6.27
CA LEU D 234 -7.08 45.91 7.70
C LEU D 234 -5.78 45.69 8.45
N LEU D 235 -5.07 44.61 8.13
CA LEU D 235 -3.81 44.33 8.82
C LEU D 235 -2.76 45.40 8.52
N MET D 236 -2.69 45.86 7.27
CA MET D 236 -1.75 46.93 6.93
C MET D 236 -2.15 48.25 7.57
N LEU D 237 -3.45 48.54 7.62
CA LEU D 237 -3.92 49.75 8.29
C LEU D 237 -3.53 49.74 9.76
N GLU D 238 -3.71 48.60 10.43
CA GLU D 238 -3.34 48.51 11.84
C GLU D 238 -1.84 48.54 12.04
N SER D 239 -1.08 47.97 11.10
CA SER D 239 0.38 47.99 11.21
C SER D 239 0.93 49.40 11.04
N MET D 240 0.38 50.17 10.11
CA MET D 240 0.81 51.54 9.93
C MET D 240 0.22 52.49 10.96
N ALA D 241 -0.86 52.08 11.64
CA ALA D 241 -1.38 52.87 12.76
C ALA D 241 -0.49 52.78 13.99
N LEU D 242 0.26 51.69 14.13
CA LEU D 242 1.20 51.56 15.24
C LEU D 242 2.50 52.32 15.00
N ASN D 243 2.88 52.52 13.74
CA ASN D 243 4.07 53.30 13.42
C ASN D 243 3.83 54.80 13.51
N ASN D 244 2.61 55.25 13.18
CA ASN D 244 2.24 56.65 13.29
C ASN D 244 1.65 57.00 14.65
N GLU D 245 1.67 56.05 15.59
CA GLU D 245 1.18 56.25 16.96
C GLU D 245 -0.29 56.67 16.96
N LEU D 246 -1.12 55.82 16.36
CA LEU D 246 -2.58 55.96 16.36
C LEU D 246 -3.05 57.27 15.72
N ALA D 247 -2.23 57.87 14.86
CA ALA D 247 -2.58 59.13 14.20
C ALA D 247 -1.98 59.12 12.79
N LEU D 248 -2.77 58.73 11.80
CA LEU D 248 -2.30 58.66 10.42
C LEU D 248 -2.29 60.05 9.80
N LYS D 249 -1.16 60.42 9.21
CA LYS D 249 -1.01 61.72 8.58
C LYS D 249 -1.35 61.63 7.09
N SER D 250 -1.07 62.70 6.36
CA SER D 250 -1.37 62.77 4.93
C SER D 250 -0.38 61.99 4.08
N SER D 251 0.83 61.72 4.58
CA SER D 251 1.85 61.01 3.82
C SER D 251 2.42 59.87 4.65
N SER D 252 1.55 59.09 5.29
CA SER D 252 2.01 57.94 6.06
C SER D 252 2.55 56.86 5.12
N PRO D 253 3.73 56.32 5.39
CA PRO D 253 4.29 55.30 4.50
C PRO D 253 3.45 54.02 4.53
N ILE D 254 3.51 53.30 3.42
CA ILE D 254 2.79 52.04 3.26
C ILE D 254 3.65 50.91 3.79
N ILE D 255 3.10 50.13 4.72
CA ILE D 255 3.81 49.02 5.34
C ILE D 255 3.69 47.80 4.44
N LYS D 256 4.80 47.38 3.86
CA LYS D 256 4.85 46.21 3.01
C LYS D 256 5.49 45.03 3.75
N PRO D 257 4.99 43.82 3.51
CA PRO D 257 5.60 42.65 4.16
C PRO D 257 7.05 42.46 3.76
N ASP D 258 7.77 41.69 4.58
CA ASP D 258 9.20 41.51 4.36
C ASP D 258 9.47 40.71 3.09
N TRP D 259 8.69 39.66 2.84
CA TRP D 259 8.93 38.83 1.66
C TRP D 259 8.69 39.61 0.37
N ILE D 260 7.74 40.55 0.37
CA ILE D 260 7.53 41.38 -0.81
C ILE D 260 8.75 42.26 -1.08
N ILE D 261 9.36 42.79 -0.01
CA ILE D 261 10.57 43.60 -0.18
C ILE D 261 11.72 42.74 -0.67
N VAL D 262 11.81 41.51 -0.17
CA VAL D 262 12.86 40.59 -0.64
C VAL D 262 12.67 40.28 -2.13
N ILE D 263 11.42 40.06 -2.54
CA ILE D 263 11.15 39.78 -3.95
C ILE D 263 11.46 40.99 -4.82
N HIS D 264 11.12 42.19 -4.33
CA HIS D 264 11.45 43.41 -5.09
C HIS D 264 12.95 43.59 -5.24
N LYS D 265 13.71 43.36 -4.17
CA LYS D 265 15.16 43.42 -4.27
C LYS D 265 15.69 42.35 -5.22
N LEU D 266 15.06 41.18 -5.23
CA LEU D 266 15.47 40.13 -6.15
C LEU D 266 15.25 40.55 -7.60
N THR D 267 14.13 41.21 -7.88
CA THR D 267 13.89 41.68 -9.25
C THR D 267 14.85 42.80 -9.63
N ARG D 268 15.18 43.68 -8.67
CA ARG D 268 16.19 44.69 -8.93
C ARG D 268 17.53 44.05 -9.28
N LYS D 269 17.93 43.03 -8.51
CA LYS D 269 19.16 42.30 -8.82
C LYS D 269 19.09 41.62 -10.18
N ILE D 270 17.90 41.11 -10.54
CA ILE D 270 17.74 40.44 -11.83
C ILE D 270 17.94 41.42 -12.97
N VAL D 271 17.24 42.56 -12.93
CA VAL D 271 17.33 43.51 -14.02
C VAL D 271 18.67 44.24 -14.01
N LYS D 272 19.39 44.24 -12.88
CA LYS D 272 20.67 44.93 -12.83
C LYS D 272 21.80 44.05 -13.37
N GLU D 273 21.88 42.80 -12.90
CA GLU D 273 22.93 41.89 -13.29
C GLU D 273 22.33 40.58 -13.80
N ARG D 274 22.83 40.10 -14.92
CA ARG D 274 22.39 38.84 -15.52
C ARG D 274 23.62 37.97 -15.74
N SER D 275 23.94 37.13 -14.75
CA SER D 275 25.11 36.27 -14.84
C SER D 275 24.91 35.09 -13.90
N VAL D 276 25.86 34.16 -13.96
CA VAL D 276 25.79 32.97 -13.11
C VAL D 276 26.18 33.31 -11.67
N ASN D 277 27.12 34.23 -11.50
CA ASN D 277 27.48 34.67 -10.15
C ASN D 277 26.29 35.30 -9.44
N SER D 278 25.47 36.07 -10.18
CA SER D 278 24.23 36.58 -9.61
C SER D 278 23.18 35.49 -9.49
N LEU D 279 23.25 34.46 -10.33
CA LEU D 279 22.32 33.35 -10.22
C LEU D 279 22.53 32.58 -8.93
N ILE D 280 23.78 32.52 -8.46
CA ILE D 280 24.06 31.84 -7.19
C ILE D 280 23.38 32.56 -6.04
N GLU D 281 23.52 33.89 -5.96
CA GLU D 281 22.88 34.64 -4.88
C GLU D 281 21.36 34.67 -5.05
N CYS D 282 20.88 34.57 -6.30
CA CYS D 282 19.44 34.43 -6.52
C CYS D 282 18.93 33.11 -5.96
N ARG D 283 19.68 32.02 -6.18
CA ARG D 283 19.31 30.74 -5.59
C ARG D 283 19.36 30.80 -4.08
N ALA D 284 20.34 31.51 -3.52
CA ALA D 284 20.42 31.67 -2.08
C ALA D 284 19.20 32.42 -1.54
N VAL D 285 18.79 33.49 -2.22
CA VAL D 285 17.61 34.24 -1.81
C VAL D 285 16.36 33.37 -1.90
N LEU D 286 16.26 32.57 -2.97
CA LEU D 286 15.13 31.66 -3.11
C LEU D 286 15.09 30.63 -1.98
N TYR D 287 16.26 30.10 -1.60
CA TYR D 287 16.33 29.16 -0.49
C TYR D 287 15.89 29.82 0.81
N ASP D 288 16.38 31.04 1.07
CA ASP D 288 16.01 31.75 2.30
C ASP D 288 14.52 32.07 2.32
N LEU D 289 13.91 32.31 1.16
CA LEU D 289 12.49 32.58 1.11
C LEU D 289 11.68 31.31 1.32
N LEU D 290 12.12 30.20 0.71
CA LEU D 290 11.37 28.95 0.83
C LEU D 290 11.48 28.35 2.22
N ALA D 291 12.62 28.58 2.90
CA ALA D 291 12.82 28.00 4.22
C ALA D 291 11.96 28.66 5.30
N HIS D 292 11.33 29.79 5.01
CA HIS D 292 10.55 30.54 5.99
C HIS D 292 9.06 30.48 5.70
N CYS D 293 8.57 29.32 5.26
CA CYS D 293 7.14 29.04 5.10
C CYS D 293 6.49 29.98 4.09
N ILE D 294 7.11 30.10 2.93
CA ILE D 294 6.59 30.91 1.83
C ILE D 294 6.40 29.99 0.63
N PRO D 295 5.18 29.81 0.13
CA PRO D 295 4.98 28.92 -1.03
C PRO D 295 5.70 29.43 -2.26
N ALA D 296 6.04 28.49 -3.13
CA ALA D 296 6.82 28.83 -4.32
C ALA D 296 5.95 29.38 -5.44
N ASN D 297 4.67 28.97 -5.47
CA ASN D 297 3.77 29.52 -6.49
C ASN D 297 3.52 31.01 -6.27
N ILE D 298 3.31 31.42 -5.02
CA ILE D 298 3.14 32.83 -4.72
C ILE D 298 4.44 33.59 -4.98
N ILE D 299 5.58 32.97 -4.67
CA ILE D 299 6.88 33.59 -4.95
C ILE D 299 7.01 33.85 -6.45
N LEU D 300 6.71 32.84 -7.27
CA LEU D 300 6.80 32.99 -8.72
C LEU D 300 5.83 34.05 -9.22
N LYS D 301 4.60 34.05 -8.72
CA LYS D 301 3.62 35.03 -9.15
C LYS D 301 4.07 36.45 -8.85
N GLU D 302 4.49 36.70 -7.61
CA GLU D 302 4.94 38.03 -7.23
C GLU D 302 6.19 38.44 -7.99
N LEU D 303 7.16 37.52 -8.14
CA LEU D 303 8.37 37.81 -8.89
C LEU D 303 8.07 38.19 -10.34
N THR D 304 7.22 37.42 -11.02
CA THR D 304 6.87 37.75 -12.40
C THR D 304 6.11 39.06 -12.50
N PHE D 305 5.14 39.29 -11.61
CA PHE D 305 4.33 40.50 -11.69
C PHE D 305 5.16 41.75 -11.41
N SER D 306 6.14 41.64 -10.49
CA SER D 306 6.98 42.78 -10.20
C SER D 306 8.13 42.93 -11.20
N LEU D 307 8.46 41.86 -11.91
CA LEU D 307 9.41 41.97 -13.03
C LEU D 307 8.78 42.62 -14.24
N LEU D 308 7.48 42.37 -14.47
CA LEU D 308 6.78 43.03 -15.57
C LEU D 308 6.66 44.53 -15.31
N ASP D 309 6.68 44.93 -14.04
CA ASP D 309 6.57 46.34 -13.69
C ASP D 309 7.86 47.12 -13.96
N VAL D 310 8.95 46.42 -14.26
CA VAL D 310 10.23 47.08 -14.53
C VAL D 310 10.10 47.85 -15.84
N GLU D 311 10.21 49.18 -15.77
CA GLU D 311 10.08 50.02 -16.94
C GLU D 311 11.28 49.96 -17.87
N THR D 312 12.39 49.36 -17.44
CA THR D 312 13.57 49.28 -18.30
C THR D 312 13.35 48.28 -19.44
N LEU D 313 12.51 47.27 -19.23
CA LEU D 313 12.26 46.26 -20.23
C LEU D 313 11.20 46.73 -21.23
N ASN D 314 11.14 46.04 -22.37
CA ASN D 314 10.19 46.33 -23.43
C ASN D 314 9.17 45.20 -23.54
N THR D 315 8.26 45.35 -24.51
CA THR D 315 7.21 44.37 -24.70
C THR D 315 7.78 43.01 -25.09
N THR D 316 8.85 43.00 -25.88
CA THR D 316 9.47 41.74 -26.28
C THR D 316 10.02 40.99 -25.08
N ASN D 317 10.56 41.70 -24.09
CA ASN D 317 11.06 41.04 -22.89
C ASN D 317 9.92 40.59 -21.99
N LYS D 318 8.88 41.41 -21.86
CA LYS D 318 7.77 41.07 -20.97
C LYS D 318 6.96 39.88 -21.48
N SER D 319 6.81 39.78 -22.80
CA SER D 319 6.09 38.63 -23.37
C SER D 319 6.85 37.33 -23.09
N SER D 320 8.16 37.33 -23.33
CA SER D 320 8.96 36.16 -23.03
C SER D 320 8.94 35.84 -21.54
N ILE D 321 8.95 36.89 -20.70
CA ILE D 321 8.91 36.67 -19.25
C ILE D 321 7.61 35.99 -18.84
N ILE D 322 6.48 36.47 -19.37
CA ILE D 322 5.21 35.87 -18.98
C ILE D 322 5.07 34.47 -19.54
N GLU D 323 5.62 34.21 -20.74
CA GLU D 323 5.58 32.86 -21.29
C GLU D 323 6.41 31.90 -20.44
N TYR D 324 7.63 32.30 -20.07
CA TYR D 324 8.46 31.47 -19.21
C TYR D 324 7.83 31.26 -17.84
N SER D 325 7.15 32.28 -17.31
CA SER D 325 6.51 32.13 -16.01
C SER D 325 5.36 31.15 -16.08
N SER D 326 4.57 31.18 -17.16
CA SER D 326 3.51 30.20 -17.32
C SER D 326 4.09 28.79 -17.46
N VAL D 327 5.14 28.64 -18.27
CA VAL D 327 5.76 27.33 -18.46
C VAL D 327 6.26 26.78 -17.13
N PHE D 328 7.02 27.58 -16.38
CA PHE D 328 7.58 27.11 -15.12
C PHE D 328 6.53 27.00 -14.02
N ASP D 329 5.40 27.71 -14.14
CA ASP D 329 4.29 27.47 -13.23
C ASP D 329 3.67 26.09 -13.47
N GLU D 330 3.52 25.72 -14.74
CA GLU D 330 3.10 24.36 -15.05
C GLU D 330 4.11 23.34 -14.52
N ARG D 331 5.41 23.63 -14.70
CA ARG D 331 6.45 22.74 -14.19
C ARG D 331 6.34 22.58 -12.67
N LEU D 332 6.15 23.68 -11.96
CA LEU D 332 6.06 23.63 -10.50
C LEU D 332 4.79 22.91 -10.04
N SER D 333 3.68 23.09 -10.76
CA SER D 333 2.47 22.36 -10.46
C SER D 333 2.60 20.88 -10.77
N LEU D 334 3.52 20.50 -11.65
CA LEU D 334 3.78 19.09 -11.96
C LEU D 334 4.97 18.52 -11.18
N GLY D 335 5.73 19.36 -10.49
CA GLY D 335 6.88 18.90 -9.74
C GLY D 335 6.70 19.06 -8.24
N ASN D 336 7.74 18.66 -7.50
CA ASN D 336 7.71 18.74 -6.04
C ASN D 336 8.90 19.54 -5.52
N LYS D 337 10.05 19.46 -6.20
CA LYS D 337 11.22 20.26 -5.85
C LYS D 337 11.03 21.64 -6.47
N ALA D 338 10.48 22.55 -5.65
CA ALA D 338 10.05 23.85 -6.16
C ALA D 338 11.23 24.71 -6.60
N ILE D 339 12.34 24.66 -5.86
CA ILE D 339 13.50 25.47 -6.23
C ILE D 339 14.05 25.02 -7.57
N PHE D 340 13.91 23.73 -7.91
CA PHE D 340 14.38 23.24 -9.19
C PHE D 340 13.69 23.93 -10.36
N HIS D 341 12.47 24.41 -10.17
CA HIS D 341 11.74 25.15 -11.19
C HIS D 341 11.95 26.65 -11.05
N LEU D 342 12.05 27.14 -9.81
CA LEU D 342 12.25 28.57 -9.59
C LEU D 342 13.59 29.03 -10.15
N GLU D 343 14.66 28.28 -9.89
CA GLU D 343 15.97 28.63 -10.42
C GLU D 343 15.99 28.54 -11.95
N GLY D 344 15.28 27.56 -12.51
CA GLY D 344 15.18 27.48 -13.96
C GLY D 344 14.47 28.67 -14.57
N PHE D 345 13.37 29.10 -13.96
CA PHE D 345 12.67 30.29 -14.43
C PHE D 345 13.54 31.52 -14.33
N ILE D 346 14.28 31.65 -13.22
CA ILE D 346 15.16 32.81 -13.05
C ILE D 346 16.26 32.81 -14.10
N ALA D 347 16.82 31.63 -14.40
CA ALA D 347 17.86 31.53 -15.41
C ALA D 347 17.31 31.86 -16.80
N LYS D 348 16.09 31.41 -17.09
CA LYS D 348 15.48 31.73 -18.38
C LYS D 348 15.20 33.21 -18.50
N VAL D 349 14.78 33.86 -17.41
CA VAL D 349 14.56 35.31 -17.45
C VAL D 349 15.88 36.04 -17.64
N MET D 350 16.94 35.58 -16.98
CA MET D 350 18.25 36.17 -17.17
C MET D 350 18.71 36.03 -18.61
N CYS D 351 18.46 34.88 -19.21
CA CYS D 351 18.82 34.68 -20.61
C CYS D 351 17.98 35.54 -21.54
N CYS D 352 16.73 35.82 -21.16
CA CYS D 352 15.87 36.65 -21.99
C CYS D 352 16.36 38.10 -22.01
N LEU D 353 16.63 38.65 -20.84
CA LEU D 353 17.08 40.04 -20.73
C LEU D 353 18.51 40.19 -21.22
N ASN E 1 48.90 5.12 1.03
CA ASN E 1 48.27 5.11 -0.32
C ASN E 1 47.66 3.73 -0.60
N THR E 2 46.41 3.52 -0.20
CA THR E 2 45.71 2.24 -0.50
C THR E 2 44.50 2.54 -1.41
N TRP E 3 44.48 1.97 -2.62
CA TRP E 3 43.39 2.25 -3.59
C TRP E 3 43.35 1.16 -4.67
N ALA E 4 44.40 0.34 -4.74
CA ALA E 4 44.48 -0.72 -5.77
C ALA E 4 43.30 -1.69 -5.62
N SER E 5 43.09 -2.18 -4.39
CA SER E 5 41.97 -3.12 -4.13
C SER E 5 40.63 -2.44 -4.40
N SER E 6 40.55 -1.12 -4.18
CA SER E 6 39.30 -0.36 -4.47
C SER E 6 39.05 -0.35 -5.99
N ASN E 7 40.07 -0.04 -6.77
CA ASN E 7 39.94 -0.07 -8.25
C ASN E 7 39.54 -1.50 -8.63
N LYS E 8 40.01 -2.48 -7.87
CA LYS E 8 39.72 -3.91 -8.17
C LYS E 8 38.26 -4.28 -7.91
N ASP E 9 37.64 -3.79 -6.82
CA ASP E 9 36.26 -4.29 -6.54
C ASP E 9 35.22 -3.20 -6.21
N SER E 10 35.62 -1.93 -6.06
CA SER E 10 34.65 -0.90 -5.61
C SER E 10 34.27 0.04 -6.77
N PRO E 11 33.04 0.61 -6.81
CA PRO E 11 32.61 1.48 -7.90
C PRO E 11 33.15 2.91 -7.76
N ILE E 12 32.45 3.89 -8.34
CA ILE E 12 32.94 5.30 -8.32
C ILE E 12 32.06 6.12 -7.37
N SER E 13 32.63 6.54 -6.23
CA SER E 13 31.87 7.40 -5.28
C SER E 13 31.01 8.37 -6.10
N TRP E 14 29.73 8.53 -5.72
CA TRP E 14 28.90 9.38 -6.59
C TRP E 14 29.52 10.77 -6.76
N PHE E 15 30.22 11.30 -5.74
CA PHE E 15 30.99 12.55 -5.82
C PHE E 15 32.06 12.54 -6.91
N LYS E 16 32.77 11.41 -7.07
CA LYS E 16 33.79 11.27 -8.09
C LYS E 16 33.16 11.28 -9.48
N ILE E 17 32.01 10.64 -9.64
CA ILE E 17 31.22 10.69 -10.87
C ILE E 17 30.75 12.11 -11.16
N VAL E 18 30.27 12.86 -10.17
CA VAL E 18 29.87 14.27 -10.41
C VAL E 18 31.06 15.11 -10.90
N ASN E 19 32.23 15.01 -10.26
CA ASN E 19 33.42 15.72 -10.72
C ASN E 19 33.88 15.25 -12.13
N GLN E 20 33.73 13.98 -12.44
CA GLN E 20 34.01 13.44 -13.78
C GLN E 20 33.00 13.94 -14.83
N LEU E 21 31.73 14.12 -14.47
CA LEU E 21 30.70 14.67 -15.36
C LEU E 21 31.02 16.12 -15.80
N PHE E 22 31.75 16.91 -15.00
CA PHE E 22 32.16 18.27 -15.39
C PHE E 22 33.53 18.35 -16.07
N ARG E 23 34.25 17.23 -16.18
CA ARG E 23 35.58 17.14 -16.80
C ARG E 23 35.50 16.59 -18.20
N LYS E 24 36.20 17.23 -19.13
CA LYS E 24 36.46 16.68 -20.46
C LYS E 24 37.95 16.43 -20.64
N ASP E 25 38.30 15.22 -21.00
CA ASP E 25 39.67 14.88 -21.38
C ASP E 25 39.90 15.25 -22.85
N PRO E 26 40.89 16.11 -23.17
CA PRO E 26 41.14 16.52 -24.55
C PRO E 26 41.75 15.41 -25.43
N HIS E 27 42.26 14.33 -24.82
CA HIS E 27 43.00 13.27 -25.50
C HIS E 27 42.15 12.03 -25.86
N ARG E 28 40.88 11.99 -25.47
CA ARG E 28 39.98 10.85 -25.70
C ARG E 28 38.78 11.28 -26.51
N ASP E 29 38.20 10.35 -27.28
CA ASP E 29 36.97 10.62 -28.02
C ASP E 29 35.82 10.94 -27.06
N ILE E 30 35.07 12.00 -27.35
CA ILE E 30 33.95 12.47 -26.51
C ILE E 30 32.88 11.37 -26.37
N LYS E 31 32.67 10.56 -27.43
CA LYS E 31 31.73 9.45 -27.43
C LYS E 31 32.15 8.34 -26.48
N GLU E 32 33.43 7.97 -26.48
CA GLU E 32 33.95 6.95 -25.56
C GLU E 32 33.84 7.41 -24.12
N GLN E 33 34.20 8.67 -23.83
CA GLN E 33 34.00 9.28 -22.52
C GLN E 33 32.52 9.25 -22.09
N PHE E 34 31.61 9.56 -23.00
CA PHE E 34 30.17 9.54 -22.74
C PHE E 34 29.66 8.15 -22.38
N TYR E 35 30.04 7.11 -23.13
CA TYR E 35 29.65 5.72 -22.83
C TYR E 35 30.27 5.20 -21.52
N GLU E 36 31.53 5.57 -21.23
CA GLU E 36 32.18 5.23 -19.96
C GLU E 36 31.42 5.86 -18.78
N LEU E 37 31.07 7.14 -18.88
CA LEU E 37 30.30 7.85 -17.85
C LEU E 37 28.88 7.29 -17.71
N LEU E 38 28.20 6.95 -18.80
CA LEU E 38 26.88 6.31 -18.77
C LEU E 38 26.93 5.00 -17.98
N ASN E 39 27.89 4.13 -18.29
CA ASN E 39 28.07 2.86 -17.58
C ASN E 39 28.34 3.10 -16.08
N GLN E 40 29.15 4.10 -15.72
CA GLN E 40 29.42 4.42 -14.31
C GLN E 40 28.19 4.94 -13.57
N VAL E 41 27.36 5.77 -14.22
CA VAL E 41 26.11 6.28 -13.64
C VAL E 41 25.08 5.16 -13.47
N GLU E 42 24.96 4.26 -14.45
CA GLU E 42 24.05 3.11 -14.40
C GLU E 42 24.45 2.11 -13.31
N LEU E 43 25.75 1.77 -13.21
CA LEU E 43 26.27 0.83 -12.20
C LEU E 43 26.06 1.33 -10.77
N ASN E 44 26.06 2.65 -10.56
CA ASN E 44 25.88 3.23 -9.24
C ASN E 44 24.45 3.14 -8.71
N GLY E 45 23.44 3.04 -9.58
CA GLY E 45 22.01 2.96 -9.23
C GLY E 45 21.41 4.18 -8.51
N ASN E 46 22.23 5.16 -8.12
CA ASN E 46 21.86 6.35 -7.35
C ASN E 46 21.88 7.62 -8.22
N SER E 47 21.15 7.60 -9.34
CA SER E 47 21.09 8.72 -10.30
C SER E 47 20.62 10.02 -9.66
N ASP E 48 19.65 9.96 -8.75
CA ASP E 48 19.13 11.10 -7.99
C ASP E 48 20.25 11.83 -7.24
N ARG E 49 21.04 11.14 -6.40
CA ARG E 49 22.15 11.78 -5.66
C ARG E 49 23.21 12.39 -6.57
N ILE E 50 23.50 11.74 -7.69
CA ILE E 50 24.44 12.25 -8.69
C ILE E 50 23.90 13.57 -9.26
N LEU E 51 22.62 13.60 -9.62
CA LEU E 51 21.97 14.80 -10.16
C LEU E 51 21.92 15.95 -9.15
N GLN E 52 21.58 15.67 -7.90
CA GLN E 52 21.60 16.65 -6.80
C GLN E 52 23.02 17.21 -6.61
N GLY E 53 24.04 16.36 -6.73
CA GLY E 53 25.43 16.76 -6.78
C GLY E 53 25.73 17.70 -7.94
N CYS E 54 25.29 17.34 -9.15
CA CYS E 54 25.43 18.18 -10.34
C CYS E 54 24.74 19.54 -10.16
N PHE E 55 23.54 19.55 -9.58
CA PHE E 55 22.76 20.76 -9.29
C PHE E 55 23.47 21.70 -8.30
N ASN E 56 24.12 21.16 -7.28
CA ASN E 56 24.86 21.98 -6.33
C ASN E 56 26.19 22.50 -6.91
N ILE E 57 26.81 21.76 -7.83
CA ILE E 57 28.14 22.07 -8.38
C ILE E 57 28.07 23.04 -9.57
N PHE E 58 27.08 22.92 -10.46
CA PHE E 58 27.07 23.66 -11.73
C PHE E 58 27.24 25.20 -11.60
N PRO E 59 26.76 25.90 -10.54
CA PRO E 59 26.96 27.35 -10.43
C PRO E 59 28.42 27.74 -10.16
N TYR E 60 29.20 26.84 -9.57
CA TYR E 60 30.59 27.07 -9.19
C TYR E 60 31.59 26.60 -10.25
N VAL E 61 31.12 25.82 -11.22
CA VAL E 61 31.92 25.29 -12.33
C VAL E 61 32.21 26.38 -13.35
N LYS E 62 33.41 26.35 -13.94
CA LYS E 62 33.76 27.23 -15.05
C LYS E 62 33.16 26.65 -16.33
N TYR E 63 32.32 27.42 -17.02
CA TYR E 63 31.79 26.97 -18.32
C TYR E 63 31.76 28.18 -19.26
N SER E 64 32.43 28.08 -20.42
CA SER E 64 32.35 29.19 -21.40
C SER E 64 30.91 29.74 -21.37
N ASP E 65 30.73 30.99 -20.95
CA ASP E 65 29.35 31.52 -20.80
C ASP E 65 29.04 32.55 -21.89
N ASN E 66 27.91 32.39 -22.58
CA ASN E 66 27.49 33.38 -23.60
C ASN E 66 26.43 34.29 -22.96
N GLY E 67 25.36 33.70 -22.44
CA GLY E 67 24.31 34.47 -21.75
C GLY E 67 23.71 33.66 -20.63
N ILE E 68 24.44 32.64 -20.16
CA ILE E 68 23.92 31.74 -19.09
C ILE E 68 22.63 31.08 -19.59
N ARG E 69 22.56 30.68 -20.86
CA ARG E 69 21.38 29.94 -21.38
C ARG E 69 21.57 28.49 -20.94
N LYS E 70 22.71 27.87 -21.27
CA LYS E 70 23.05 26.54 -20.74
C LYS E 70 22.29 26.22 -19.44
N PRO E 71 22.25 27.11 -18.43
CA PRO E 71 21.44 26.88 -17.24
C PRO E 71 19.93 26.78 -17.54
N ALA E 72 19.40 27.58 -18.47
CA ALA E 72 17.99 27.51 -18.87
C ALA E 72 17.63 26.15 -19.52
N ASN E 73 18.48 25.63 -20.41
CA ASN E 73 18.24 24.30 -20.98
C ASN E 73 18.26 23.21 -19.90
N ILE E 74 19.10 23.36 -18.89
CA ILE E 74 19.25 22.36 -17.83
C ILE E 74 18.11 22.42 -16.82
N SER E 75 17.48 23.58 -16.60
CA SER E 75 16.26 23.64 -15.79
C SER E 75 15.14 22.79 -16.37
N ASP E 76 15.01 22.71 -17.69
CA ASP E 76 14.00 21.85 -18.34
C ASP E 76 14.32 20.35 -18.13
N TRP E 77 15.59 19.99 -18.24
CA TRP E 77 15.94 18.59 -17.92
C TRP E 77 15.61 18.32 -16.45
N LEU E 78 16.15 19.14 -15.54
CA LEU E 78 15.93 18.94 -14.10
C LEU E 78 14.42 18.80 -13.81
N PHE E 79 13.57 19.62 -14.44
CA PHE E 79 12.13 19.49 -14.33
C PHE E 79 11.64 18.14 -14.88
N PHE E 80 12.18 17.69 -16.01
CA PHE E 80 11.91 16.35 -16.53
C PHE E 80 12.31 15.25 -15.53
N HIS E 81 13.46 15.37 -14.88
CA HIS E 81 13.87 14.43 -13.83
C HIS E 81 12.89 14.42 -12.65
N ASP E 82 12.43 15.58 -12.18
CA ASP E 82 11.49 15.67 -11.06
C ASP E 82 10.15 15.00 -11.38
N LEU E 83 9.62 15.19 -12.61
CA LEU E 83 8.43 14.49 -13.07
C LEU E 83 8.64 12.97 -13.12
N MET E 84 9.79 12.54 -13.64
CA MET E 84 10.16 11.13 -13.71
C MET E 84 10.25 10.52 -12.31
N TYR E 85 10.91 11.20 -11.37
CA TYR E 85 11.07 10.76 -9.99
C TYR E 85 9.72 10.68 -9.25
N GLN E 86 8.81 11.63 -9.48
CA GLN E 86 7.44 11.55 -8.94
C GLN E 86 6.68 10.35 -9.51
N SER E 87 6.82 10.08 -10.81
CA SER E 87 6.16 8.95 -11.48
C SER E 87 6.69 7.59 -11.02
N MET E 88 7.94 7.50 -10.53
CA MET E 88 8.51 6.26 -9.99
C MET E 88 7.75 5.71 -8.77
N TYR E 89 7.12 6.56 -7.98
CA TYR E 89 6.29 6.12 -6.85
C TYR E 89 4.86 5.73 -7.27
N ALA E 90 4.41 6.17 -8.44
CA ALA E 90 3.08 5.88 -8.98
C ALA E 90 3.07 4.67 -9.92
N HIS E 91 4.14 4.46 -10.69
CA HIS E 91 4.24 3.44 -11.73
C HIS E 91 5.41 2.49 -11.49
N ASN E 92 5.25 1.24 -11.92
CA ASN E 92 6.30 0.22 -11.91
C ASN E 92 7.54 0.78 -12.63
N GLY E 93 8.72 0.66 -12.01
CA GLY E 93 9.96 1.41 -12.31
C GLY E 93 10.63 1.22 -13.68
N GLU E 94 9.88 0.98 -14.75
CA GLU E 94 10.36 0.92 -16.15
C GLU E 94 11.07 2.22 -16.57
N LEU E 95 10.60 3.35 -16.05
CA LEU E 95 11.14 4.69 -16.29
C LEU E 95 12.53 4.92 -15.70
N LEU E 96 13.01 4.04 -14.81
CA LEU E 96 14.31 4.17 -14.14
C LEU E 96 15.48 4.21 -15.14
N ARG E 97 15.35 3.57 -16.30
CA ARG E 97 16.39 3.55 -17.36
C ARG E 97 16.72 4.95 -17.91
N TYR E 98 15.74 5.84 -17.95
CA TYR E 98 15.94 7.21 -18.44
C TYR E 98 16.58 8.13 -17.39
N SER E 99 16.61 7.72 -16.11
CA SER E 99 17.16 8.55 -15.03
C SER E 99 18.67 8.80 -15.19
N ALA E 100 19.41 7.86 -15.80
CA ALA E 100 20.85 7.98 -16.03
C ALA E 100 21.20 9.00 -17.14
N LEU E 101 20.24 9.34 -18.02
CA LEU E 101 20.47 10.27 -19.12
C LEU E 101 20.57 11.73 -18.64
N VAL E 102 19.82 12.11 -17.60
CA VAL E 102 19.79 13.50 -17.13
C VAL E 102 21.15 13.97 -16.60
N PRO E 103 21.88 13.21 -15.74
CA PRO E 103 23.25 13.54 -15.37
C PRO E 103 24.20 13.71 -16.57
N LEU E 104 24.02 12.96 -17.65
CA LEU E 104 24.88 13.05 -18.84
C LEU E 104 24.67 14.33 -19.65
N VAL E 105 23.51 14.97 -19.53
CA VAL E 105 23.28 16.29 -20.12
C VAL E 105 24.23 17.33 -19.49
N PHE E 106 24.59 17.20 -18.21
CA PHE E 106 25.59 18.06 -17.58
C PHE E 106 26.97 17.90 -18.23
N PHE E 107 27.37 16.68 -18.56
CA PHE E 107 28.62 16.44 -19.27
C PHE E 107 28.65 17.08 -20.65
N GLN E 108 27.54 16.99 -21.39
CA GLN E 108 27.44 17.61 -22.71
C GLN E 108 27.52 19.15 -22.62
N THR E 109 26.76 19.75 -21.71
CA THR E 109 26.54 21.21 -21.61
C THR E 109 27.65 21.95 -20.86
N PHE E 110 28.08 21.43 -19.71
CA PHE E 110 29.01 22.07 -18.78
C PHE E 110 30.39 21.40 -18.69
N GLY E 111 30.58 20.22 -19.30
CA GLY E 111 31.90 19.60 -19.33
C GLY E 111 32.91 20.51 -20.04
N ASP E 112 34.01 20.85 -19.35
CA ASP E 112 35.09 21.71 -19.86
C ASP E 112 36.45 21.19 -19.37
N ILE E 113 37.50 21.47 -20.13
CA ILE E 113 38.90 21.12 -19.85
C ILE E 113 39.43 21.95 -18.67
N ALA E 114 38.81 23.11 -18.41
CA ALA E 114 39.17 24.01 -17.31
C ALA E 114 38.91 23.42 -15.91
N ASN E 115 38.02 22.43 -15.80
CA ASN E 115 37.54 21.92 -14.51
C ASN E 115 38.45 20.82 -13.93
N LYS E 116 39.73 21.13 -13.71
CA LYS E 116 40.73 20.15 -13.24
C LYS E 116 40.69 19.89 -11.74
N ASP E 117 40.15 20.82 -10.95
CA ASP E 117 40.10 20.71 -9.50
C ASP E 117 38.78 20.06 -9.05
N ASP E 118 38.85 19.17 -8.05
CA ASP E 118 37.65 18.54 -7.49
C ASP E 118 36.94 19.56 -6.57
N ILE E 119 35.67 19.84 -6.85
CA ILE E 119 34.86 20.71 -6.01
C ILE E 119 34.23 19.82 -4.93
N ARG E 120 34.49 20.10 -3.65
CA ARG E 120 33.80 19.29 -2.61
C ARG E 120 32.33 19.71 -2.55
N MET E 121 31.46 18.87 -1.99
CA MET E 121 29.99 19.19 -1.99
C MET E 121 29.36 18.86 -0.62
N LYS E 122 28.08 19.19 -0.45
CA LYS E 122 27.37 18.95 0.83
C LYS E 122 25.90 18.59 0.52
N ASN E 123 25.04 18.53 1.55
CA ASN E 123 23.61 18.17 1.35
C ASN E 123 22.70 19.27 1.92
N SER E 124 22.63 20.41 1.25
CA SER E 124 21.78 21.54 1.72
C SER E 124 20.32 21.09 1.75
N GLU E 125 19.94 20.13 0.89
CA GLU E 125 18.53 19.72 0.80
C GLU E 125 18.00 19.00 2.03
N TYR E 126 18.79 18.09 2.61
CA TYR E 126 18.36 17.41 3.82
C TYR E 126 18.17 18.42 4.96
N GLU E 127 19.12 19.36 5.10
CA GLU E 127 19.01 20.43 6.09
C GLU E 127 17.80 21.33 5.83
N GLN E 128 17.57 21.71 4.56
CA GLN E 128 16.39 22.48 4.17
C GLN E 128 15.09 21.71 4.40
N ARG E 129 15.07 20.39 4.17
CA ARG E 129 13.90 19.54 4.39
C ARG E 129 13.58 19.42 5.87
N GLU E 130 14.59 19.18 6.70
CA GLU E 130 14.43 19.15 8.15
C GLU E 130 14.00 20.51 8.70
N LEU E 131 14.58 21.62 8.19
CA LEU E 131 14.16 22.97 8.57
C LEU E 131 12.72 23.27 8.12
N LYS E 132 12.35 22.90 6.89
CA LYS E 132 10.97 23.04 6.37
C LYS E 132 9.99 22.22 7.20
N ARG E 133 10.37 21.02 7.63
CA ARG E 133 9.57 20.17 8.52
C ARG E 133 9.38 20.85 9.88
N ALA E 134 10.47 21.30 10.50
CA ALA E 134 10.42 22.01 11.79
C ALA E 134 9.53 23.27 11.71
N ASN E 135 9.70 24.09 10.67
CA ASN E 135 8.89 25.29 10.44
C ASN E 135 7.42 24.94 10.19
N SER E 136 7.14 23.89 9.41
CA SER E 136 5.78 23.40 9.18
C SER E 136 5.14 22.91 10.48
N ASP E 137 5.90 22.27 11.36
CA ASP E 137 5.41 21.77 12.64
C ASP E 137 5.08 22.94 13.58
N ILE E 138 5.95 23.96 13.65
CA ILE E 138 5.68 25.21 14.39
C ILE E 138 4.40 25.87 13.88
N VAL E 139 4.26 26.03 12.56
CA VAL E 139 3.09 26.64 11.93
C VAL E 139 1.83 25.82 12.21
N SER E 140 1.92 24.49 12.14
CA SER E 140 0.80 23.60 12.44
C SER E 140 0.34 23.72 13.91
N LEU E 141 1.29 23.92 14.83
CA LEU E 141 1.02 24.14 16.24
C LEU E 141 0.34 25.50 16.46
N ILE E 142 0.82 26.58 15.82
CA ILE E 142 0.17 27.90 15.87
C ILE E 142 -1.25 27.83 15.31
N MET E 143 -1.45 27.15 14.18
CA MET E 143 -2.77 26.98 13.58
C MET E 143 -3.74 26.22 14.50
N ARG E 144 -3.25 25.20 15.22
CA ARG E 144 -4.03 24.51 16.25
C ARG E 144 -4.36 25.43 17.43
N HIS E 145 -3.42 26.24 17.89
CA HIS E 145 -3.66 27.20 18.97
C HIS E 145 -4.73 28.23 18.60
N ILE E 146 -4.69 28.76 17.38
CA ILE E 146 -5.71 29.68 16.84
C ILE E 146 -7.08 28.99 16.79
N SER E 147 -7.13 27.72 16.34
CA SER E 147 -8.37 26.94 16.29
C SER E 147 -9.02 26.75 17.66
N VAL E 148 -8.22 26.64 18.73
CA VAL E 148 -8.72 26.44 20.11
C VAL E 148 -9.20 27.75 20.74
N GLN E 149 -8.50 28.84 20.46
CA GLN E 149 -8.88 30.16 21.04
C GLN E 149 -9.80 30.89 20.05
N SER E 150 -9.22 31.45 18.98
CA SER E 150 -10.01 32.24 18.01
C SER E 150 -11.01 31.34 17.30
N PRO E 151 -12.32 31.42 17.61
CA PRO E 151 -13.30 30.53 17.01
C PRO E 151 -13.44 30.86 15.52
N LEU E 152 -13.41 32.15 15.19
CA LEU E 152 -13.62 32.56 13.77
C LEU E 152 -12.29 32.76 13.04
N MET E 153 -11.23 33.16 13.76
CA MET E 153 -9.99 33.46 13.02
C MET E 153 -9.54 32.24 12.22
N ALA E 154 -9.68 31.05 12.81
CA ALA E 154 -9.24 29.80 12.19
C ALA E 154 -9.92 29.52 10.83
N SER E 155 -11.16 29.98 10.63
CA SER E 155 -11.87 29.82 9.35
C SER E 155 -11.28 30.66 8.21
N PHE E 156 -10.64 31.78 8.52
CA PHE E 156 -10.07 32.70 7.50
C PHE E 156 -8.56 32.51 7.30
N THR E 157 -7.89 31.75 8.16
CA THR E 157 -6.44 31.57 8.10
C THR E 157 -6.06 30.31 7.33
N ASP E 158 -5.55 30.48 6.11
CA ASP E 158 -4.79 29.43 5.43
C ASP E 158 -3.34 29.39 5.94
N ARG E 159 -2.67 28.24 5.81
CA ARG E 159 -1.26 28.05 6.20
C ARG E 159 -0.35 29.07 5.52
N LYS E 160 -0.58 29.33 4.23
CA LYS E 160 0.24 30.29 3.46
C LYS E 160 0.01 31.72 3.93
N SER E 161 -1.24 32.15 4.08
CA SER E 161 -1.59 33.48 4.60
C SER E 161 -1.03 33.71 5.99
N LEU E 162 -1.04 32.69 6.85
CA LEU E 162 -0.46 32.78 8.19
C LEU E 162 1.06 33.04 8.14
N ILE E 163 1.80 32.33 7.29
CA ILE E 163 3.26 32.46 7.16
C ILE E 163 3.65 33.81 6.53
N PHE E 164 2.99 34.23 5.46
CA PHE E 164 3.43 35.39 4.67
C PHE E 164 2.81 36.71 5.11
N GLU E 165 1.59 36.70 5.67
CA GLU E 165 0.88 37.93 6.03
C GLU E 165 0.85 38.10 7.55
N ILE E 166 0.28 37.14 8.28
CA ILE E 166 -0.06 37.35 9.70
C ILE E 166 1.18 37.35 10.60
N LEU E 167 2.02 36.32 10.50
CA LEU E 167 3.18 36.16 11.40
C LEU E 167 4.21 37.29 11.26
N PRO E 168 4.58 37.76 10.05
CA PRO E 168 5.51 38.89 9.91
C PRO E 168 4.98 40.18 10.54
N TYR E 169 3.69 40.49 10.39
CA TYR E 169 3.10 41.65 11.05
C TYR E 169 3.07 41.48 12.56
N LEU E 170 2.67 40.31 13.06
CA LEU E 170 2.67 40.02 14.50
C LEU E 170 4.06 40.20 15.12
N ASP E 171 5.09 39.72 14.44
CA ASP E 171 6.46 39.88 14.90
C ASP E 171 6.94 41.34 14.85
N SER E 172 6.59 42.07 13.80
CA SER E 172 6.89 43.51 13.71
C SER E 172 6.23 44.32 14.84
N MET E 173 5.03 43.92 15.25
CA MET E 173 4.31 44.54 16.37
C MET E 173 5.01 44.28 17.71
N ILE E 174 5.48 43.04 17.95
CA ILE E 174 6.19 42.65 19.18
C ILE E 174 7.59 43.27 19.25
N SER E 175 8.28 43.39 18.11
CA SER E 175 9.65 43.92 18.00
C SER E 175 9.74 45.45 17.92
N SER E 176 8.60 46.15 17.89
CA SER E 176 8.56 47.61 17.79
C SER E 176 9.20 48.32 19.00
N ASP E 177 9.98 49.38 18.76
CA ASP E 177 10.73 50.08 19.81
C ASP E 177 9.80 50.92 20.72
N PHE E 178 9.28 50.35 21.82
CA PHE E 178 8.43 51.09 22.77
C PHE E 178 9.17 52.23 23.49
N ASN E 179 10.50 52.25 23.45
CA ASN E 179 11.31 53.31 24.07
C ASN E 179 11.15 54.68 23.38
N LYS E 180 10.67 54.72 22.13
CA LYS E 180 10.42 55.99 21.43
C LYS E 180 9.11 56.66 21.86
N ILE E 181 8.21 55.93 22.52
CA ILE E 181 6.89 56.43 22.92
C ILE E 181 7.00 57.14 24.27
N ARG E 182 6.92 58.48 24.25
CA ARG E 182 6.94 59.32 25.47
C ARG E 182 5.62 59.26 26.27
N ASN E 183 4.50 59.04 25.57
CA ASN E 183 3.18 58.99 26.20
C ASN E 183 2.94 57.66 26.91
N LEU E 184 3.00 57.67 28.26
CA LEU E 184 2.85 56.46 29.08
C LEU E 184 1.48 55.78 28.89
N LYS E 185 0.39 56.55 28.78
CA LYS E 185 -0.96 56.00 28.57
C LYS E 185 -1.07 55.21 27.25
N LEU E 186 -0.51 55.78 26.17
CA LEU E 186 -0.50 55.13 24.85
C LEU E 186 0.40 53.89 24.86
N LYS E 187 1.56 53.95 25.54
CA LYS E 187 2.41 52.78 25.75
C LYS E 187 1.66 51.68 26.51
N GLN E 188 0.90 52.02 27.55
CA GLN E 188 0.12 51.03 28.31
C GLN E 188 -1.01 50.41 27.46
N ALA E 189 -1.74 51.22 26.68
CA ALA E 189 -2.79 50.73 25.80
C ALA E 189 -2.25 49.76 24.73
N ILE E 190 -1.16 50.10 24.05
CA ILE E 190 -0.49 49.22 23.08
C ILE E 190 -0.05 47.91 23.75
N MET E 191 0.51 47.99 24.96
CA MET E 191 0.94 46.80 25.69
C MET E 191 -0.24 45.90 26.08
N GLU E 192 -1.40 46.46 26.39
CA GLU E 192 -2.62 45.70 26.68
C GLU E 192 -3.17 45.01 25.43
N GLU E 193 -3.17 45.67 24.27
CA GLU E 193 -3.52 45.07 22.98
C GLU E 193 -2.54 43.96 22.59
N LEU E 194 -1.23 44.18 22.76
CA LEU E 194 -0.22 43.14 22.48
C LEU E 194 -0.38 41.94 23.40
N VAL E 195 -0.72 42.13 24.67
CA VAL E 195 -1.02 41.02 25.59
C VAL E 195 -2.26 40.24 25.12
N GLN E 196 -3.27 40.93 24.60
CA GLN E 196 -4.45 40.29 24.01
C GLN E 196 -4.10 39.50 22.75
N LEU E 197 -3.23 40.03 21.88
CA LEU E 197 -2.74 39.33 20.69
C LEU E 197 -1.89 38.11 21.06
N LEU E 198 -0.96 38.23 22.02
CA LEU E 198 -0.18 37.09 22.52
C LEU E 198 -1.11 35.99 23.06
N LYS E 199 -2.20 36.38 23.73
CA LYS E 199 -3.20 35.43 24.24
C LYS E 199 -4.02 34.79 23.10
N SER E 200 -4.41 35.52 22.06
CA SER E 200 -5.18 34.97 20.94
C SER E 200 -4.38 33.94 20.15
N PHE E 201 -3.09 34.17 19.95
CA PHE E 201 -2.18 33.24 19.27
C PHE E 201 -1.55 32.18 20.21
N GLN E 202 -1.89 32.18 21.51
CA GLN E 202 -1.29 31.34 22.58
C GLN E 202 0.25 31.37 22.62
N LEU E 203 0.82 32.54 22.44
CA LEU E 203 2.27 32.75 22.48
C LEU E 203 2.70 32.95 23.94
N ASN E 204 3.47 31.99 24.46
CA ASN E 204 3.98 32.04 25.83
C ASN E 204 5.35 32.71 25.85
N LEU E 205 5.56 33.61 26.81
CA LEU E 205 6.89 34.16 27.09
C LEU E 205 7.59 33.24 28.09
N ILE E 206 8.65 32.57 27.63
CA ILE E 206 9.48 31.71 28.47
C ILE E 206 10.77 32.45 28.78
N GLN E 207 11.13 32.51 30.07
CA GLN E 207 12.45 32.94 30.48
C GLN E 207 13.43 31.78 30.27
N ASN E 208 14.19 31.84 29.19
CA ASN E 208 15.29 30.91 29.01
C ASN E 208 16.40 31.30 29.99
N ARG E 209 16.53 30.48 31.03
CA ARG E 209 17.58 30.73 32.05
C ARG E 209 18.80 29.87 31.72
N SER E 210 18.93 29.44 30.46
CA SER E 210 20.10 28.64 30.02
C SER E 210 21.27 29.59 29.71
N GLU E 211 21.68 30.39 30.70
CA GLU E 211 22.80 31.36 30.50
C GLU E 211 23.89 31.07 31.55
N GLY E 212 25.08 30.65 31.10
CA GLY E 212 26.17 30.31 32.02
C GLY E 212 26.68 31.52 32.79
N PHE E 213 26.25 31.69 34.04
CA PHE E 213 26.75 32.80 34.88
C PHE E 213 26.53 34.25 34.40
N ASP E 214 26.12 34.49 33.15
CA ASP E 214 25.81 35.81 32.62
C ASP E 214 24.37 36.19 32.95
N VAL E 215 24.25 37.32 33.65
CA VAL E 215 23.12 37.79 34.48
C VAL E 215 21.88 38.21 33.67
N ARG E 216 21.73 37.78 32.41
CA ARG E 216 20.55 38.12 31.59
C ARG E 216 19.99 36.89 30.88
N GLY E 217 19.17 36.12 31.59
CA GLY E 217 18.33 35.10 30.96
C GLY E 217 17.41 35.76 29.93
N GLY E 218 17.71 35.56 28.64
CA GLY E 218 16.92 36.09 27.54
C GLY E 218 15.50 35.53 27.55
N LEU E 219 14.51 36.40 27.36
CA LEU E 219 13.12 35.98 27.17
C LEU E 219 12.93 35.54 25.73
N THR E 220 12.29 34.39 25.53
CA THR E 220 11.98 33.83 24.21
C THR E 220 10.48 33.56 24.11
N ILE E 221 9.93 33.72 22.91
CA ILE E 221 8.54 33.39 22.59
C ILE E 221 8.46 31.89 22.27
N ASP E 222 7.50 31.18 22.86
CA ASP E 222 7.19 29.78 22.57
C ASP E 222 5.73 29.69 22.05
N PRO E 223 5.50 29.17 20.84
CA PRO E 223 6.49 28.73 19.84
C PRO E 223 7.36 29.88 19.26
N PRO E 224 8.60 29.60 18.83
CA PRO E 224 9.51 30.61 18.30
C PRO E 224 9.09 31.02 16.88
N ILE E 225 8.26 32.06 16.80
CA ILE E 225 7.83 32.68 15.53
C ILE E 225 9.03 33.21 14.74
N ASP E 226 10.06 33.64 15.48
CA ASP E 226 11.29 34.24 14.98
C ASP E 226 11.99 33.35 13.94
N GLU E 227 11.99 32.04 14.15
CA GLU E 227 12.64 31.07 13.25
C GLU E 227 11.89 30.92 11.91
N VAL E 228 10.60 31.25 11.88
CA VAL E 228 9.75 31.17 10.69
C VAL E 228 9.76 32.48 9.90
N VAL E 229 9.75 33.62 10.61
CA VAL E 229 9.59 34.95 10.00
C VAL E 229 10.94 35.58 9.61
N LEU E 230 11.95 35.46 10.45
CA LEU E 230 13.21 36.18 10.24
C LEU E 230 14.14 35.44 9.28
N LEU E 231 14.02 35.76 7.99
CA LEU E 231 14.87 35.19 6.94
C LEU E 231 16.25 35.87 6.86
N ASN E 232 16.35 37.16 7.23
CA ASN E 232 17.55 37.96 7.03
C ASN E 232 18.46 37.97 8.28
N PRO E 233 19.72 37.49 8.20
CA PRO E 233 20.61 37.39 9.37
C PRO E 233 20.95 38.74 10.00
N LYS E 234 21.00 39.82 9.21
CA LYS E 234 21.24 41.18 9.73
C LYS E 234 20.08 41.66 10.59
N HIS E 235 18.84 41.41 10.16
CA HIS E 235 17.64 41.78 10.90
C HIS E 235 17.48 40.95 12.18
N ILE E 236 17.94 39.71 12.21
CA ILE E 236 17.89 38.85 13.42
C ILE E 236 18.58 39.54 14.61
N ASN E 237 19.79 40.05 14.42
CA ASN E 237 20.55 40.68 15.52
C ASN E 237 19.89 41.97 16.02
N GLU E 238 19.43 42.83 15.10
CA GLU E 238 18.73 44.06 15.46
C GLU E 238 17.44 43.78 16.24
N VAL E 239 16.66 42.82 15.76
CA VAL E 239 15.38 42.45 16.36
C VAL E 239 15.58 41.80 17.72
N GLN E 240 16.58 40.93 17.90
CA GLN E 240 16.87 40.28 19.19
C GLN E 240 17.16 41.29 20.31
N HIS E 241 17.96 42.33 20.03
CA HIS E 241 18.26 43.37 21.03
C HIS E 241 17.04 44.20 21.42
N LYS E 242 16.19 44.55 20.44
CA LYS E 242 14.96 45.32 20.68
C LYS E 242 13.93 44.50 21.44
N ARG E 243 13.73 43.25 21.02
CA ARG E 243 12.80 42.32 21.65
C ARG E 243 13.13 42.07 23.11
N ALA E 244 14.40 41.91 23.49
CA ALA E 244 14.76 41.60 24.88
C ALA E 244 14.17 42.60 25.91
N ASN E 245 14.17 43.90 25.59
CA ASN E 245 13.60 44.95 26.44
C ASN E 245 12.06 45.00 26.39
N ASN E 246 11.49 44.70 25.23
CA ASN E 246 10.04 44.67 25.06
C ASN E 246 9.41 43.46 25.77
N LEU E 247 10.03 42.28 25.62
CA LEU E 247 9.55 41.04 26.22
C LEU E 247 9.60 41.10 27.74
N SER E 248 10.57 41.77 28.35
CA SER E 248 10.60 41.96 29.81
C SER E 248 9.45 42.85 30.28
N SER E 249 9.15 43.92 29.54
CA SER E 249 8.01 44.79 29.80
C SER E 249 6.67 44.06 29.60
N LEU E 250 6.57 43.22 28.56
CA LEU E 250 5.38 42.41 28.26
C LEU E 250 5.17 41.33 29.33
N LEU E 251 6.23 40.67 29.76
CA LEU E 251 6.17 39.67 30.84
C LEU E 251 5.70 40.32 32.13
N ALA E 252 6.25 41.47 32.52
CA ALA E 252 5.80 42.21 33.70
C ALA E 252 4.30 42.55 33.61
N LYS E 253 3.82 42.95 32.43
CA LYS E 253 2.39 43.24 32.20
C LYS E 253 1.52 41.98 32.26
N ILE E 254 1.99 40.84 31.72
CA ILE E 254 1.30 39.55 31.81
C ILE E 254 1.22 39.09 33.27
N GLU E 255 2.28 39.26 34.05
CA GLU E 255 2.30 38.95 35.48
C GLU E 255 1.38 39.87 36.27
N GLU E 256 1.37 41.18 35.97
CA GLU E 256 0.41 42.13 36.55
C GLU E 256 -1.03 41.69 36.27
N ASN E 257 -1.36 41.33 35.02
CA ASN E 257 -2.69 40.85 34.65
C ASN E 257 -3.05 39.52 35.34
N ARG E 258 -2.07 38.62 35.51
CA ARG E 258 -2.25 37.37 36.27
C ARG E 258 -2.47 37.64 37.75
N MET F 1 -7.17 14.46 51.40
CA MET F 1 -6.06 13.64 50.88
C MET F 1 -6.66 12.33 50.46
N LEU F 2 -5.89 11.55 49.70
CA LEU F 2 -6.30 10.24 49.27
C LEU F 2 -5.61 9.19 50.16
N GLU F 3 -6.40 8.28 50.71
CA GLU F 3 -5.84 7.20 51.52
C GLU F 3 -6.83 6.05 51.48
N ALA F 4 -6.62 5.16 50.52
CA ALA F 4 -7.52 4.05 50.33
C ALA F 4 -6.75 2.73 50.27
N LYS F 5 -7.04 1.87 51.22
CA LYS F 5 -6.39 0.58 51.25
C LYS F 5 -7.31 -0.56 50.89
N PHE F 6 -6.95 -1.24 49.81
CA PHE F 6 -7.67 -2.40 49.34
C PHE F 6 -7.07 -3.64 50.06
N GLU F 7 -7.96 -4.50 50.53
CA GLU F 7 -7.62 -5.75 51.19
C GLU F 7 -6.75 -6.59 50.23
N GLU F 8 -7.23 -6.73 49.00
CA GLU F 8 -6.53 -7.48 47.97
C GLU F 8 -6.26 -6.57 46.78
N ALA F 9 -5.00 -6.44 46.39
CA ALA F 9 -4.66 -5.62 45.26
C ALA F 9 -5.42 -6.09 44.02
N SER F 10 -5.86 -7.35 44.05
CA SER F 10 -6.55 -7.93 42.93
C SER F 10 -7.82 -7.17 42.51
N LEU F 11 -8.59 -6.67 43.48
CA LEU F 11 -9.82 -5.99 43.10
C LEU F 11 -9.53 -4.78 42.25
N PHE F 12 -8.53 -4.00 42.62
CA PHE F 12 -8.22 -2.78 41.89
C PHE F 12 -7.68 -3.10 40.50
N LYS F 13 -6.92 -4.18 40.42
CA LYS F 13 -6.33 -4.61 39.17
C LYS F 13 -7.41 -5.04 38.15
N ARG F 14 -8.46 -5.68 38.63
CA ARG F 14 -9.54 -6.11 37.75
C ARG F 14 -10.37 -4.91 37.32
N ILE F 15 -10.56 -3.96 38.24
CA ILE F 15 -11.31 -2.76 37.95
C ILE F 15 -10.59 -2.01 36.81
N ILE F 16 -9.29 -1.78 36.99
CA ILE F 16 -8.50 -1.09 35.96
C ILE F 16 -8.47 -1.91 34.65
N ASP F 17 -8.54 -3.23 34.75
CA ASP F 17 -8.57 -4.06 33.56
C ASP F 17 -9.77 -3.67 32.71
N GLY F 18 -10.81 -3.17 33.37
CA GLY F 18 -12.03 -2.76 32.70
C GLY F 18 -11.92 -1.49 31.88
N PHE F 19 -11.07 -0.57 32.32
CA PHE F 19 -10.88 0.69 31.63
C PHE F 19 -9.86 0.44 30.55
N LYS F 20 -9.00 -0.53 30.81
CA LYS F 20 -7.92 -0.89 29.93
C LYS F 20 -8.29 -1.03 28.47
N ASP F 21 -7.38 -0.53 27.65
CA ASP F 21 -7.50 -0.57 26.20
C ASP F 21 -8.54 0.37 25.63
N CYS F 22 -9.79 0.29 26.08
CA CYS F 22 -10.81 1.16 25.53
C CYS F 22 -10.74 2.64 25.85
N VAL F 23 -9.94 3.03 26.85
CA VAL F 23 -9.76 4.46 27.17
C VAL F 23 -8.30 4.70 27.50
N GLN F 24 -7.85 5.94 27.30
CA GLN F 24 -6.48 6.35 27.57
C GLN F 24 -6.32 7.16 28.85
N LEU F 25 -7.24 8.08 29.11
CA LEU F 25 -7.16 8.94 30.28
C LEU F 25 -8.32 8.67 31.23
N VAL F 26 -8.01 8.62 32.52
CA VAL F 26 -9.04 8.38 33.53
C VAL F 26 -8.97 9.48 34.59
N ASN F 27 -10.14 9.95 35.01
CA ASN F 27 -10.19 10.99 36.01
C ASN F 27 -10.81 10.40 37.27
N PHE F 28 -9.99 10.30 38.31
CA PHE F 28 -10.41 9.77 39.60
C PHE F 28 -10.71 10.92 40.52
N GLN F 29 -11.59 10.65 41.48
CA GLN F 29 -11.89 11.62 42.51
C GLN F 29 -12.26 10.86 43.76
N CYS F 30 -11.52 11.08 44.83
CA CYS F 30 -11.83 10.44 46.09
C CYS F 30 -12.56 11.50 46.92
N LYS F 31 -13.47 11.04 47.79
CA LYS F 31 -14.24 11.92 48.65
C LYS F 31 -14.76 11.16 49.85
N GLU F 32 -15.54 11.86 50.67
CA GLU F 32 -16.05 11.28 51.90
C GLU F 32 -16.84 9.97 51.78
N ASP F 33 -17.55 9.78 50.67
CA ASP F 33 -18.33 8.57 50.51
C ASP F 33 -17.68 7.57 49.54
N GLY F 34 -16.41 7.78 49.21
CA GLY F 34 -15.76 6.81 48.36
C GLY F 34 -15.00 7.39 47.21
N ILE F 35 -14.74 6.53 46.23
CA ILE F 35 -13.99 6.92 45.06
C ILE F 35 -14.80 6.75 43.80
N ILE F 36 -14.74 7.73 42.90
CA ILE F 36 -15.41 7.57 41.62
C ILE F 36 -14.33 7.81 40.56
N ALA F 37 -14.59 7.34 39.35
CA ALA F 37 -13.66 7.52 38.24
C ALA F 37 -14.43 7.51 36.93
N GLN F 38 -14.04 8.37 35.99
CA GLN F 38 -14.69 8.40 34.69
C GLN F 38 -13.67 8.49 33.59
N ALA F 39 -13.94 7.82 32.48
CA ALA F 39 -13.03 7.85 31.34
C ALA F 39 -13.90 7.77 30.08
N VAL F 40 -13.57 8.60 29.10
CA VAL F 40 -14.32 8.63 27.84
C VAL F 40 -13.34 8.34 26.73
N ASP F 41 -13.71 7.48 25.77
CA ASP F 41 -12.80 7.18 24.67
C ASP F 41 -12.70 8.38 23.69
N ASP F 42 -11.75 8.39 22.75
CA ASP F 42 -11.58 9.55 21.85
C ASP F 42 -12.77 9.87 20.97
N SER F 43 -13.45 8.85 20.50
CA SER F 43 -14.60 9.08 19.64
C SER F 43 -15.82 9.48 20.43
N ARG F 44 -15.72 9.42 21.75
CA ARG F 44 -16.83 9.78 22.63
C ARG F 44 -18.09 8.91 22.46
N VAL F 45 -17.92 7.60 22.29
CA VAL F 45 -19.10 6.72 22.17
C VAL F 45 -19.17 5.85 23.42
N LEU F 46 -18.10 5.83 24.20
CA LEU F 46 -18.03 5.02 25.40
C LEU F 46 -17.55 5.80 26.60
N LEU F 47 -18.29 5.62 27.69
CA LEU F 47 -17.94 6.25 28.95
C LEU F 47 -17.80 5.09 29.93
N VAL F 48 -16.70 5.06 30.66
CA VAL F 48 -16.49 4.05 31.70
C VAL F 48 -16.58 4.81 33.03
N SER F 49 -17.50 4.37 33.88
CA SER F 49 -17.76 5.05 35.13
C SER F 49 -17.71 4.09 36.31
N LEU F 50 -16.85 4.41 37.27
CA LEU F 50 -16.67 3.61 38.47
C LEU F 50 -17.12 4.27 39.78
N GLU F 51 -17.59 3.45 40.71
CA GLU F 51 -17.97 3.92 42.04
C GLU F 51 -17.58 2.84 43.03
N ILE F 52 -16.77 3.19 44.02
CA ILE F 52 -16.33 2.25 45.06
C ILE F 52 -16.67 2.93 46.38
N GLY F 53 -17.59 2.33 47.14
CA GLY F 53 -17.97 2.94 48.41
C GLY F 53 -16.93 2.69 49.44
N VAL F 54 -17.04 3.41 50.55
CA VAL F 54 -16.10 3.31 51.67
C VAL F 54 -15.94 1.89 52.21
N GLU F 55 -17.03 1.13 52.22
CA GLU F 55 -17.02 -0.23 52.71
C GLU F 55 -16.27 -1.25 51.88
N ALA F 56 -15.92 -0.91 50.65
CA ALA F 56 -15.16 -1.83 49.80
C ALA F 56 -13.68 -1.88 50.23
N PHE F 57 -13.27 -0.92 51.05
CA PHE F 57 -11.88 -0.80 51.50
C PHE F 57 -11.68 -1.37 52.88
N GLN F 58 -10.41 -1.66 53.20
CA GLN F 58 -10.07 -2.18 54.51
C GLN F 58 -9.81 -0.97 55.38
N GLU F 59 -9.42 0.12 54.75
CA GLU F 59 -9.16 1.34 55.46
C GLU F 59 -9.32 2.47 54.44
N TYR F 60 -10.06 3.50 54.82
CA TYR F 60 -10.31 4.63 53.95
C TYR F 60 -10.44 5.87 54.80
N ARG F 61 -9.70 6.90 54.43
CA ARG F 61 -9.74 8.12 55.18
C ARG F 61 -9.78 9.27 54.19
N CYS F 62 -10.74 10.18 54.38
CA CYS F 62 -10.84 11.32 53.49
C CYS F 62 -11.40 12.52 54.18
N ASP F 63 -10.60 13.54 54.40
CA ASP F 63 -11.07 14.74 55.05
C ASP F 63 -11.03 15.85 54.03
N HIS F 64 -10.74 15.52 52.77
CA HIS F 64 -10.60 16.56 51.78
C HIS F 64 -10.48 15.91 50.41
N PRO F 65 -11.55 15.96 49.63
CA PRO F 65 -11.59 15.37 48.29
C PRO F 65 -10.39 15.75 47.44
N VAL F 66 -9.95 14.80 46.61
CA VAL F 66 -8.84 15.04 45.69
C VAL F 66 -9.24 14.47 44.33
N THR F 67 -9.03 15.25 43.27
CA THR F 67 -9.32 14.84 41.91
C THR F 67 -7.94 14.65 41.22
N LEU F 68 -7.78 13.55 40.50
CA LEU F 68 -6.52 13.30 39.85
C LEU F 68 -6.69 12.56 38.55
N GLY F 69 -5.99 13.02 37.52
CA GLY F 69 -6.12 12.40 36.21
C GLY F 69 -4.87 11.66 35.85
N MET F 70 -5.04 10.57 35.13
CA MET F 70 -3.87 9.82 34.72
C MET F 70 -4.06 8.99 33.52
N ASP F 71 -2.92 8.65 32.94
CA ASP F 71 -2.87 7.83 31.79
C ASP F 71 -3.13 6.39 32.21
N LEU F 72 -4.14 5.80 31.59
CA LEU F 72 -4.53 4.43 31.91
C LEU F 72 -3.42 3.45 31.64
N THR F 73 -2.73 3.59 30.51
CA THR F 73 -1.66 2.67 30.19
C THR F 73 -0.58 2.65 31.26
N SER F 74 -0.18 3.83 31.74
CA SER F 74 0.85 3.93 32.79
C SER F 74 0.41 3.21 34.04
N LEU F 75 -0.87 3.37 34.38
CA LEU F 75 -1.44 2.75 35.56
C LEU F 75 -1.43 1.24 35.46
N SER F 76 -1.89 0.67 34.35
CA SER F 76 -1.90 -0.78 34.23
C SER F 76 -0.49 -1.34 34.21
N LYS F 77 0.43 -0.62 33.60
CA LYS F 77 1.83 -1.07 33.56
C LYS F 77 2.28 -1.35 34.96
N ILE F 78 1.79 -0.55 35.89
CA ILE F 78 2.19 -0.69 37.29
C ILE F 78 1.27 -1.61 38.08
N LEU F 79 0.12 -1.90 37.49
CA LEU F 79 -0.86 -2.71 38.15
C LEU F 79 -0.72 -4.21 38.07
N ARG F 80 0.48 -4.71 37.84
CA ARG F 80 0.69 -6.15 37.85
C ARG F 80 1.67 -6.53 39.00
N CYS F 81 1.79 -5.68 40.02
CA CYS F 81 2.70 -5.95 41.16
C CYS F 81 1.94 -6.39 42.40
N GLY F 82 0.61 -6.39 42.28
CA GLY F 82 -0.20 -6.72 43.42
C GLY F 82 -0.16 -8.13 43.96
N ASN F 83 0.48 -9.04 43.24
CA ASN F 83 0.50 -10.45 43.68
C ASN F 83 -0.94 -10.91 43.91
N ASN F 84 -1.90 -10.01 43.62
CA ASN F 84 -3.31 -10.22 43.80
C ASN F 84 -3.67 -10.28 45.28
N THR F 85 -2.83 -10.96 46.06
CA THR F 85 -3.06 -11.13 47.49
C THR F 85 -2.38 -10.04 48.29
N ASP F 86 -1.55 -9.27 47.62
CA ASP F 86 -0.86 -8.17 48.29
C ASP F 86 -1.93 -7.17 48.72
N THR F 87 -1.55 -6.33 49.65
CA THR F 87 -2.43 -5.30 50.14
C THR F 87 -2.09 -4.07 49.25
N LEU F 88 -3.08 -3.29 48.83
CA LEU F 88 -2.76 -2.10 48.01
C LEU F 88 -3.30 -0.83 48.66
N THR F 89 -2.45 0.19 48.81
CA THR F 89 -2.92 1.46 49.38
C THR F 89 -2.63 2.56 48.36
N LEU F 90 -3.69 3.31 48.02
CA LEU F 90 -3.59 4.45 47.10
C LEU F 90 -3.43 5.65 48.02
N ILE F 91 -2.43 6.49 47.75
CA ILE F 91 -2.10 7.64 48.57
C ILE F 91 -1.81 8.91 47.78
N ALA F 92 -2.37 10.05 48.22
CA ALA F 92 -2.07 11.32 47.53
C ALA F 92 -2.38 12.51 48.38
N ASP F 93 -1.60 13.57 48.28
CA ASP F 93 -1.86 14.75 49.07
C ASP F 93 -2.98 15.56 48.39
N ASN F 94 -3.36 16.69 48.98
CA ASN F 94 -4.47 17.52 48.49
C ASN F 94 -4.23 18.28 47.22
N THR F 95 -2.97 18.40 46.81
CA THR F 95 -2.61 19.12 45.60
C THR F 95 -1.49 18.24 45.04
N PRO F 96 -1.86 17.05 44.55
CA PRO F 96 -0.85 16.12 44.02
C PRO F 96 -0.29 16.32 42.63
N ASP F 97 0.97 15.94 42.46
CA ASP F 97 1.61 15.94 41.15
C ASP F 97 1.78 14.46 40.80
N SER F 98 1.55 13.61 41.80
CA SER F 98 1.65 12.15 41.62
C SER F 98 0.66 11.38 42.46
N ILE F 99 0.53 10.09 42.16
CA ILE F 99 -0.30 9.17 42.93
C ILE F 99 0.64 8.02 43.32
N ILE F 100 0.61 7.69 44.60
CA ILE F 100 1.43 6.64 45.16
C ILE F 100 0.65 5.36 45.32
N LEU F 101 1.19 4.29 44.76
CA LEU F 101 0.58 2.98 44.91
C LEU F 101 1.55 2.22 45.82
N LEU F 102 1.04 1.70 46.93
CA LEU F 102 1.88 1.00 47.89
C LEU F 102 1.40 -0.43 48.09
N PHE F 103 2.18 -1.39 47.58
CA PHE F 103 1.85 -2.79 47.73
C PHE F 103 2.74 -3.36 48.83
N GLU F 104 2.13 -4.06 49.78
CA GLU F 104 2.87 -4.68 50.88
C GLU F 104 2.34 -6.08 51.16
N ASP F 105 3.26 -6.96 51.52
CA ASP F 105 2.90 -8.32 51.88
C ASP F 105 2.58 -8.27 53.37
N THR F 106 1.85 -9.28 53.87
CA THR F 106 1.46 -9.31 55.28
C THR F 106 2.61 -8.98 56.21
N LYS F 107 3.70 -9.71 56.05
CA LYS F 107 4.90 -9.48 56.86
C LYS F 107 5.58 -8.20 56.37
N LYS F 108 6.47 -7.64 57.18
CA LYS F 108 7.17 -6.41 56.78
C LYS F 108 8.01 -6.55 55.50
N ASP F 109 8.37 -7.80 55.20
CA ASP F 109 9.22 -8.22 54.09
C ASP F 109 9.47 -7.39 52.84
N ARG F 110 8.52 -7.46 51.92
CA ARG F 110 8.64 -6.78 50.65
C ARG F 110 7.60 -5.67 50.47
N ILE F 111 8.11 -4.49 50.12
CA ILE F 111 7.27 -3.33 49.92
C ILE F 111 7.52 -2.71 48.58
N ALA F 112 6.57 -2.84 47.67
CA ALA F 112 6.71 -2.25 46.37
C ALA F 112 5.91 -0.97 46.40
N GLU F 113 6.58 0.14 46.15
CA GLU F 113 5.93 1.43 46.13
C GLU F 113 6.18 2.17 44.81
N TYR F 114 5.11 2.72 44.24
CA TYR F 114 5.19 3.45 42.99
C TYR F 114 4.71 4.86 43.13
N SER F 115 5.31 5.75 42.35
CA SER F 115 4.92 7.15 42.33
C SER F 115 4.64 7.47 40.87
N LEU F 116 3.37 7.41 40.51
CA LEU F 116 2.87 7.68 39.15
C LEU F 116 2.61 9.17 38.89
N LYS F 117 3.15 9.65 37.78
CA LYS F 117 2.99 11.05 37.39
C LYS F 117 1.52 11.25 36.96
N LEU F 118 0.90 12.35 37.37
CA LEU F 118 -0.50 12.64 37.01
C LEU F 118 -0.58 13.56 35.80
N MET F 119 -1.75 13.56 35.16
CA MET F 119 -2.03 14.42 34.02
C MET F 119 -3.10 15.41 34.51
N ASP F 120 -3.11 16.62 33.96
CA ASP F 120 -4.13 17.61 34.31
C ASP F 120 -5.28 17.47 33.34
N ILE F 121 -6.45 17.14 33.84
CA ILE F 121 -7.63 16.97 32.99
C ILE F 121 -8.74 17.90 33.50
N ASP F 122 -9.36 18.67 32.62
CA ASP F 122 -10.45 19.54 33.08
C ASP F 122 -11.56 18.68 33.69
N ALA F 123 -11.80 18.89 34.99
CA ALA F 123 -12.83 18.17 35.72
C ALA F 123 -14.17 18.49 35.06
N ASP F 124 -14.84 17.43 34.61
CA ASP F 124 -16.11 17.56 33.92
C ASP F 124 -16.76 16.18 33.90
N PHE F 125 -17.18 15.74 35.07
CA PHE F 125 -17.84 14.45 35.16
C PHE F 125 -19.24 14.52 34.53
N LEU F 126 -19.55 13.53 33.70
CA LEU F 126 -20.85 13.43 33.05
C LEU F 126 -21.86 12.69 33.94
N LYS F 127 -23.14 13.03 33.80
CA LYS F 127 -24.19 12.38 34.59
C LYS F 127 -25.30 12.05 33.59
N ILE F 128 -24.98 11.16 32.67
CA ILE F 128 -25.88 10.74 31.63
C ILE F 128 -26.82 9.57 31.92
N GLU F 129 -26.78 9.02 33.12
CA GLU F 129 -27.67 7.93 33.43
C GLU F 129 -29.13 8.38 33.50
N GLU F 130 -30.03 7.55 32.98
CA GLU F 130 -31.47 7.80 32.89
C GLU F 130 -32.27 7.30 34.07
N LEU F 131 -33.47 7.88 34.24
CA LEU F 131 -34.31 7.43 35.31
C LEU F 131 -34.85 6.08 34.83
N GLN F 132 -35.58 6.06 33.72
CA GLN F 132 -36.06 4.79 33.26
C GLN F 132 -35.56 4.47 31.86
N TYR F 133 -35.26 3.20 31.64
CA TYR F 133 -34.83 2.71 30.35
C TYR F 133 -35.98 1.92 29.77
N ASP F 134 -36.05 1.87 28.43
CA ASP F 134 -37.07 1.12 27.69
C ASP F 134 -37.12 -0.35 28.15
N SER F 135 -35.96 -0.95 28.31
CA SER F 135 -35.88 -2.32 28.76
C SER F 135 -34.65 -2.49 29.60
N THR F 136 -34.74 -3.46 30.51
CA THR F 136 -33.72 -3.81 31.48
C THR F 136 -33.61 -5.32 31.50
N LEU F 137 -32.40 -5.82 31.51
CA LEU F 137 -32.16 -7.28 31.58
C LEU F 137 -30.83 -7.55 32.26
N SER F 138 -30.76 -8.70 32.91
CA SER F 138 -29.51 -9.14 33.53
C SER F 138 -29.40 -10.62 33.20
N LEU F 139 -28.16 -11.08 33.09
CA LEU F 139 -27.88 -12.46 32.78
C LEU F 139 -26.43 -12.67 33.19
N PRO F 140 -26.00 -13.93 33.29
CA PRO F 140 -24.63 -14.23 33.67
C PRO F 140 -23.68 -13.49 32.74
N SER F 141 -22.63 -12.88 33.27
CA SER F 141 -21.71 -12.14 32.40
C SER F 141 -20.89 -13.02 31.48
N SER F 142 -20.67 -14.28 31.87
CA SER F 142 -19.88 -15.17 31.03
C SER F 142 -20.73 -15.52 29.83
N GLU F 143 -22.04 -15.62 30.04
CA GLU F 143 -22.95 -15.89 28.94
C GLU F 143 -22.92 -14.68 27.97
N PHE F 144 -23.01 -13.46 28.51
CA PHE F 144 -22.98 -12.23 27.70
C PHE F 144 -21.68 -12.18 26.90
N SER F 145 -20.55 -12.52 27.54
CA SER F 145 -19.25 -12.54 26.84
C SER F 145 -19.26 -13.52 25.65
N LYS F 146 -19.82 -14.71 25.85
CA LYS F 146 -19.89 -15.70 24.79
C LYS F 146 -20.74 -15.15 23.66
N ILE F 147 -21.91 -14.61 24.01
CA ILE F 147 -22.80 -14.03 23.01
C ILE F 147 -22.05 -12.98 22.21
N VAL F 148 -21.32 -12.11 22.88
CA VAL F 148 -20.60 -11.09 22.16
C VAL F 148 -19.49 -11.70 21.31
N ARG F 149 -18.72 -12.63 21.89
CA ARG F 149 -17.61 -13.30 21.17
C ARG F 149 -18.09 -14.11 19.94
N ASP F 150 -19.26 -14.72 20.02
CA ASP F 150 -19.83 -15.42 18.89
C ASP F 150 -19.97 -14.39 17.73
N LEU F 151 -21.03 -13.59 17.82
CA LEU F 151 -21.38 -12.57 16.83
C LEU F 151 -20.29 -11.64 16.31
N SER F 152 -19.35 -11.30 17.17
CA SER F 152 -18.28 -10.40 16.77
C SER F 152 -17.57 -10.82 15.49
N GLN F 153 -17.42 -12.13 15.30
CA GLN F 153 -16.72 -12.70 14.15
C GLN F 153 -17.40 -12.39 12.84
N LEU F 154 -18.72 -12.17 12.89
CA LEU F 154 -19.52 -11.95 11.70
C LEU F 154 -19.67 -10.56 11.23
N SER F 155 -19.53 -9.59 12.13
CA SER F 155 -19.77 -8.21 11.73
C SER F 155 -19.15 -7.27 12.74
N ASP F 156 -19.10 -5.99 12.36
CA ASP F 156 -18.59 -4.94 13.21
C ASP F 156 -19.76 -4.32 13.95
N SER F 157 -20.96 -4.84 13.71
CA SER F 157 -22.17 -4.35 14.36
C SER F 157 -22.95 -5.51 14.86
N ILE F 158 -23.41 -5.40 16.11
CA ILE F 158 -24.24 -6.44 16.76
C ILE F 158 -25.52 -5.72 17.22
N ASN F 159 -26.65 -6.23 16.78
CA ASN F 159 -27.92 -5.62 17.11
C ASN F 159 -28.55 -6.35 18.30
N ILE F 160 -29.14 -5.58 19.20
CA ILE F 160 -29.83 -6.17 20.35
C ILE F 160 -31.29 -5.79 20.16
N MET F 161 -32.18 -6.79 20.14
CA MET F 161 -33.60 -6.53 19.96
C MET F 161 -34.39 -7.13 21.10
N ILE F 162 -35.29 -6.34 21.66
CA ILE F 162 -36.09 -6.81 22.77
C ILE F 162 -37.58 -6.65 22.53
N THR F 163 -38.29 -7.73 22.75
CA THR F 163 -39.74 -7.81 22.61
C THR F 163 -40.16 -8.58 23.86
N LYS F 164 -41.47 -8.63 24.11
CA LYS F 164 -41.96 -9.31 25.30
C LYS F 164 -41.31 -10.69 25.42
N GLU F 165 -40.75 -10.95 26.59
CA GLU F 165 -40.11 -12.23 26.87
C GLU F 165 -39.12 -12.73 25.84
N THR F 166 -38.47 -11.81 25.11
CA THR F 166 -37.49 -12.25 24.13
C THR F 166 -36.36 -11.25 23.94
N ILE F 167 -35.15 -11.76 24.04
CA ILE F 167 -33.96 -10.97 23.85
C ILE F 167 -33.22 -11.65 22.69
N LYS F 168 -32.88 -10.87 21.67
CA LYS F 168 -32.21 -11.41 20.52
C LYS F 168 -31.03 -10.57 20.07
N PHE F 169 -29.85 -11.20 20.02
CA PHE F 169 -28.61 -10.58 19.56
C PHE F 169 -28.38 -11.06 18.11
N VAL F 170 -28.08 -10.13 17.21
CA VAL F 170 -27.89 -10.46 15.81
C VAL F 170 -26.71 -9.75 15.15
N ALA F 171 -26.01 -10.47 14.27
CA ALA F 171 -24.87 -9.95 13.54
C ALA F 171 -25.05 -10.47 12.13
N ASP F 172 -24.70 -9.66 11.15
CA ASP F 172 -24.90 -10.04 9.78
C ASP F 172 -23.83 -9.32 9.01
N GLY F 173 -23.00 -10.07 8.29
CA GLY F 173 -21.91 -9.49 7.55
C GLY F 173 -21.60 -10.28 6.31
N ASP F 174 -20.34 -10.22 5.89
CA ASP F 174 -19.87 -10.91 4.69
C ASP F 174 -20.07 -12.42 4.60
N ILE F 175 -19.55 -13.16 5.55
CA ILE F 175 -19.67 -14.60 5.51
C ILE F 175 -21.08 -15.12 5.76
N GLY F 176 -21.96 -14.27 6.26
CA GLY F 176 -23.31 -14.70 6.55
C GLY F 176 -23.94 -13.94 7.73
N SER F 177 -24.82 -14.60 8.45
CA SER F 177 -25.50 -13.98 9.58
C SER F 177 -25.59 -14.95 10.73
N GLY F 178 -25.74 -14.40 11.94
CA GLY F 178 -25.86 -15.21 13.13
C GLY F 178 -26.79 -14.52 14.10
N SER F 179 -27.31 -15.29 15.04
CA SER F 179 -28.21 -14.78 16.04
C SER F 179 -28.19 -15.66 17.26
N VAL F 180 -28.40 -15.05 18.42
CA VAL F 180 -28.46 -15.75 19.68
C VAL F 180 -29.73 -15.26 20.32
N ILE F 181 -30.63 -16.18 20.60
CA ILE F 181 -31.89 -15.87 21.21
C ILE F 181 -31.93 -16.49 22.59
N ILE F 182 -32.23 -15.65 23.58
CA ILE F 182 -32.34 -16.10 24.97
C ILE F 182 -33.69 -15.71 25.51
N LYS F 183 -34.18 -16.49 26.46
CA LYS F 183 -35.48 -16.25 27.09
C LYS F 183 -35.34 -16.13 28.60
N PRO F 184 -36.15 -15.26 29.19
CA PRO F 184 -36.11 -15.05 30.64
C PRO F 184 -36.43 -16.38 31.37
N PHE F 185 -35.76 -16.63 32.48
CA PHE F 185 -36.01 -17.83 33.26
C PHE F 185 -35.38 -17.77 34.65
N VAL F 186 -36.10 -18.28 35.64
CA VAL F 186 -35.65 -18.31 37.03
C VAL F 186 -35.12 -19.68 37.37
N ASP F 187 -33.85 -19.79 37.68
CA ASP F 187 -33.29 -21.09 38.07
C ASP F 187 -33.08 -21.10 39.59
N MET F 188 -33.91 -21.86 40.29
CA MET F 188 -33.79 -21.94 41.74
C MET F 188 -32.62 -22.77 42.17
N GLU F 189 -32.19 -23.66 41.29
CA GLU F 189 -31.05 -24.54 41.55
C GLU F 189 -29.78 -23.68 41.76
N HIS F 190 -29.94 -22.39 41.48
CA HIS F 190 -28.93 -21.33 41.63
C HIS F 190 -29.35 -20.17 40.74
N PRO F 191 -29.96 -19.13 41.33
CA PRO F 191 -30.44 -17.94 40.63
C PRO F 191 -29.40 -17.01 40.02
N GLU F 192 -28.11 -17.33 40.16
CA GLU F 192 -27.08 -16.49 39.55
C GLU F 192 -26.96 -16.83 38.07
N THR F 193 -27.76 -17.80 37.64
CA THR F 193 -27.75 -18.23 36.26
C THR F 193 -29.07 -17.85 35.57
N SER F 194 -29.98 -17.27 36.33
CA SER F 194 -31.25 -16.83 35.79
C SER F 194 -31.05 -15.70 34.76
N ILE F 195 -32.09 -15.43 33.97
CA ILE F 195 -32.04 -14.38 32.97
C ILE F 195 -33.30 -13.57 33.15
N LYS F 196 -33.16 -12.37 33.72
CA LYS F 196 -34.32 -11.52 33.98
C LYS F 196 -34.50 -10.50 32.88
N LEU F 197 -35.74 -10.05 32.67
CA LEU F 197 -36.04 -9.09 31.64
C LEU F 197 -37.26 -8.32 32.03
N GLU F 198 -37.17 -7.00 32.02
CA GLU F 198 -38.32 -6.16 32.32
C GLU F 198 -38.40 -5.25 31.11
N MET F 199 -39.46 -5.39 30.33
CA MET F 199 -39.63 -4.59 29.12
C MET F 199 -40.79 -3.62 29.18
N ASP F 200 -40.54 -2.32 29.12
CA ASP F 200 -41.62 -1.33 29.16
C ASP F 200 -41.97 -0.97 27.75
N GLN F 201 -41.03 -1.22 26.86
CA GLN F 201 -41.19 -0.89 25.46
C GLN F 201 -40.18 -1.71 24.68
N PRO F 202 -40.60 -2.29 23.55
CA PRO F 202 -39.67 -3.09 22.76
C PRO F 202 -38.57 -2.16 22.31
N VAL F 203 -37.34 -2.67 22.27
CA VAL F 203 -36.19 -1.88 21.84
C VAL F 203 -35.44 -2.64 20.75
N ASP F 204 -34.68 -1.92 19.95
CA ASP F 204 -33.92 -2.50 18.86
C ASP F 204 -32.78 -1.54 18.58
N LEU F 205 -31.60 -1.83 19.11
CA LEU F 205 -30.46 -0.95 18.95
C LEU F 205 -29.26 -1.69 18.37
N THR F 206 -28.39 -0.97 17.67
CA THR F 206 -27.18 -1.57 17.11
C THR F 206 -25.96 -0.93 17.75
N PHE F 207 -24.96 -1.77 18.08
CA PHE F 207 -23.72 -1.32 18.70
C PHE F 207 -22.54 -1.86 17.92
N GLY F 208 -21.42 -1.14 17.98
CA GLY F 208 -20.17 -1.52 17.34
C GLY F 208 -19.56 -2.64 18.17
N ALA F 209 -19.36 -3.77 17.52
CA ALA F 209 -18.82 -4.97 18.13
C ALA F 209 -17.50 -4.78 18.84
N LYS F 210 -16.68 -3.87 18.34
CA LYS F 210 -15.40 -3.57 18.95
C LYS F 210 -15.60 -3.05 20.38
N TYR F 211 -16.68 -2.30 20.61
CA TYR F 211 -16.99 -1.73 21.92
C TYR F 211 -17.59 -2.70 22.89
N LEU F 212 -18.47 -3.58 22.39
CA LEU F 212 -19.09 -4.58 23.23
C LEU F 212 -17.97 -5.51 23.70
N LEU F 213 -17.00 -5.76 22.82
CA LEU F 213 -15.86 -6.59 23.16
C LEU F 213 -15.08 -5.95 24.31
N ASP F 214 -14.89 -4.62 24.30
CA ASP F 214 -14.22 -3.93 25.41
C ASP F 214 -15.03 -4.11 26.70
N ILE F 215 -16.33 -3.93 26.60
CA ILE F 215 -17.23 -4.05 27.74
C ILE F 215 -17.29 -5.41 28.46
N ILE F 216 -17.20 -6.52 27.71
CA ILE F 216 -17.34 -7.82 28.34
C ILE F 216 -16.33 -8.15 29.43
N LYS F 217 -15.23 -7.39 29.44
CA LYS F 217 -14.18 -7.54 30.45
C LYS F 217 -14.74 -7.50 31.89
N GLY F 218 -15.83 -6.77 32.09
CA GLY F 218 -16.41 -6.67 33.41
C GLY F 218 -16.82 -8.00 34.02
N SER F 219 -16.87 -9.07 33.22
CA SER F 219 -17.24 -10.41 33.73
C SER F 219 -16.37 -10.77 34.92
N SER F 220 -15.12 -10.35 34.88
CA SER F 220 -14.18 -10.65 35.94
C SER F 220 -14.49 -9.93 37.23
N LEU F 221 -15.49 -9.06 37.25
CA LEU F 221 -15.80 -8.34 38.48
C LEU F 221 -17.10 -8.77 39.07
N SER F 222 -17.96 -9.32 38.24
CA SER F 222 -19.26 -9.74 38.73
C SER F 222 -19.79 -10.95 37.95
N ASP F 223 -20.59 -11.78 38.62
CA ASP F 223 -21.18 -12.97 38.01
C ASP F 223 -22.24 -12.60 36.99
N ARG F 224 -22.96 -11.52 37.28
CA ARG F 224 -24.02 -11.05 36.40
C ARG F 224 -23.74 -9.67 35.83
N VAL F 225 -24.43 -9.36 34.73
CA VAL F 225 -24.28 -8.08 34.08
C VAL F 225 -25.67 -7.55 33.87
N GLY F 226 -25.85 -6.25 34.10
CA GLY F 226 -27.15 -5.64 33.89
C GLY F 226 -27.02 -4.84 32.63
N ILE F 227 -28.03 -4.90 31.75
CA ILE F 227 -28.00 -4.15 30.50
C ILE F 227 -29.27 -3.31 30.46
N ARG F 228 -29.13 -2.00 30.33
CA ARG F 228 -30.30 -1.14 30.27
C ARG F 228 -30.29 -0.40 28.93
N LEU F 229 -31.38 -0.53 28.19
CA LEU F 229 -31.42 0.04 26.86
C LEU F 229 -32.52 1.05 26.68
N SER F 230 -32.24 2.04 25.86
CA SER F 230 -33.21 3.06 25.60
C SER F 230 -32.96 3.61 24.21
N SER F 231 -34.02 4.10 23.59
CA SER F 231 -33.92 4.68 22.27
C SER F 231 -33.59 6.17 22.43
N GLU F 232 -33.53 6.64 23.67
CA GLU F 232 -33.25 8.03 23.93
C GLU F 232 -31.84 8.30 24.43
N ALA F 233 -31.09 7.25 24.76
CA ALA F 233 -29.77 7.48 25.31
C ALA F 233 -28.76 6.33 25.16
N PRO F 234 -27.50 6.55 25.61
CA PRO F 234 -26.50 5.49 25.51
C PRO F 234 -27.00 4.30 26.35
N ALA F 235 -26.64 3.08 25.96
CA ALA F 235 -27.04 1.90 26.71
C ALA F 235 -26.13 1.78 27.92
N LEU F 236 -26.62 1.19 28.99
CA LEU F 236 -25.83 1.03 30.18
C LEU F 236 -25.59 -0.48 30.45
N PHE F 237 -24.33 -0.88 30.59
CA PHE F 237 -23.96 -2.26 30.90
C PHE F 237 -23.32 -2.11 32.28
N GLN F 238 -23.83 -2.80 33.28
CA GLN F 238 -23.31 -2.61 34.62
C GLN F 238 -22.88 -3.86 35.33
N PHE F 239 -21.71 -3.76 35.96
CA PHE F 239 -21.08 -4.84 36.72
C PHE F 239 -20.95 -4.41 38.18
N ASP F 240 -21.77 -4.98 39.06
CA ASP F 240 -21.76 -4.66 40.48
C ASP F 240 -20.57 -5.19 41.25
N LEU F 241 -20.12 -4.39 42.21
CA LEU F 241 -19.01 -4.76 43.08
C LEU F 241 -19.61 -4.78 44.47
N LYS F 242 -18.85 -5.26 45.45
CA LYS F 242 -19.33 -5.22 46.82
C LYS F 242 -19.17 -3.74 47.13
N SER F 243 -20.28 -3.03 47.30
CA SER F 243 -20.22 -1.59 47.56
C SER F 243 -19.61 -0.91 46.35
N GLY F 244 -20.38 -0.79 45.28
CA GLY F 244 -19.86 -0.14 44.12
C GLY F 244 -20.35 -0.77 42.84
N PHE F 245 -19.79 -0.31 41.73
CA PHE F 245 -20.15 -0.82 40.43
C PHE F 245 -19.25 -0.21 39.38
N LEU F 246 -19.13 -0.92 38.26
CA LEU F 246 -18.38 -0.47 37.13
C LEU F 246 -19.47 -0.38 36.06
N GLN F 247 -19.59 0.78 35.42
CA GLN F 247 -20.59 0.98 34.41
C GLN F 247 -19.96 1.37 33.09
N PHE F 248 -20.53 0.87 32.00
CA PHE F 248 -20.10 1.20 30.64
C PHE F 248 -21.34 1.78 29.92
N PHE F 249 -21.27 3.04 29.48
CA PHE F 249 -22.38 3.63 28.73
C PHE F 249 -21.91 3.66 27.30
N LEU F 250 -22.68 3.08 26.40
CA LEU F 250 -22.31 2.98 25.00
C LEU F 250 -23.36 3.58 24.11
N ALA F 251 -22.98 4.52 23.26
CA ALA F 251 -23.94 5.15 22.36
C ALA F 251 -24.29 4.21 21.23
N PRO F 252 -25.60 4.03 20.92
CA PRO F 252 -25.99 3.13 19.83
C PRO F 252 -25.46 3.66 18.49
N LYS F 253 -25.31 2.82 17.49
CA LYS F 253 -24.89 3.31 16.18
C LYS F 253 -26.11 4.04 15.62
N PHE F 254 -25.89 5.18 14.98
CA PHE F 254 -26.98 5.95 14.38
C PHE F 254 -27.39 5.14 13.15
N ASN F 255 -26.37 4.58 12.52
CA ASN F 255 -26.46 3.79 11.30
C ASN F 255 -24.99 3.42 11.14
N ASP F 256 -24.15 4.32 11.66
CA ASP F 256 -22.72 4.20 11.64
C ASP F 256 -22.20 5.00 12.84
N GLU F 257 -22.37 4.46 14.06
CA GLU F 257 -21.87 5.16 15.23
C GLU F 257 -21.47 4.45 16.52
N GLU F 258 -20.88 3.26 16.38
CA GLU F 258 -20.32 2.52 17.50
C GLU F 258 -21.19 2.20 18.73
N MET G 1 37.27 -39.69 25.63
CA MET G 1 36.00 -39.62 24.88
C MET G 1 34.97 -39.10 25.82
N LEU G 2 33.82 -38.70 25.27
CA LEU G 2 32.70 -38.22 26.06
C LEU G 2 31.67 -39.35 26.17
N GLU G 3 31.26 -39.66 27.38
CA GLU G 3 30.23 -40.66 27.61
C GLU G 3 29.56 -40.35 28.93
N ALA G 4 28.49 -39.57 28.85
CA ALA G 4 27.79 -39.15 30.03
C ALA G 4 26.29 -39.42 29.91
N LYS G 5 25.81 -40.26 30.81
CA LYS G 5 24.41 -40.60 30.81
C LYS G 5 23.66 -39.99 31.98
N PHE G 6 22.70 -39.14 31.65
CA PHE G 6 21.83 -38.52 32.62
C PHE G 6 20.62 -39.47 32.84
N GLU G 7 20.28 -39.65 34.11
CA GLU G 7 19.14 -40.45 34.54
C GLU G 7 17.87 -39.91 33.87
N GLU G 8 17.69 -38.59 33.98
CA GLU G 8 16.53 -37.91 33.40
C GLU G 8 17.02 -36.84 32.44
N ALA G 9 16.57 -36.90 31.19
CA ALA G 9 16.98 -35.91 30.22
C ALA G 9 16.59 -34.52 30.72
N SER G 10 15.64 -34.47 31.63
CA SER G 10 15.16 -33.20 32.14
C SER G 10 16.24 -32.34 32.78
N LEU G 11 17.17 -32.95 33.52
CA LEU G 11 18.20 -32.14 34.17
C LEU G 11 19.01 -31.37 33.17
N PHE G 12 19.41 -32.02 32.08
CA PHE G 12 20.24 -31.37 31.08
C PHE G 12 19.48 -30.27 30.35
N LYS G 13 18.20 -30.52 30.14
CA LYS G 13 17.34 -29.58 29.45
C LYS G 13 17.17 -28.28 30.25
N ARG G 14 17.09 -28.39 31.58
CA ARG G 14 16.93 -27.22 32.42
C ARG G 14 18.25 -26.47 32.50
N ILE G 15 19.36 -27.21 32.53
CA ILE G 15 20.68 -26.61 32.58
C ILE G 15 20.87 -25.75 31.31
N ILE G 16 20.60 -26.36 30.15
CA ILE G 16 20.72 -25.63 28.89
C ILE G 16 19.72 -24.45 28.82
N ASP G 17 18.56 -24.60 29.46
CA ASP G 17 17.60 -23.52 29.50
C ASP G 17 18.25 -22.28 30.11
N GLY G 18 19.24 -22.52 30.99
CA GLY G 18 19.93 -21.45 31.66
C GLY G 18 20.89 -20.64 30.79
N PHE G 19 21.47 -21.30 29.79
CA PHE G 19 22.40 -20.65 28.89
C PHE G 19 21.57 -19.99 27.82
N LYS G 20 20.42 -20.60 27.57
CA LYS G 20 19.52 -20.16 26.53
C LYS G 20 19.24 -18.67 26.50
N ASP G 21 19.19 -18.20 25.26
CA ASP G 21 18.91 -16.81 24.96
C ASP G 21 20.05 -15.85 25.28
N CYS G 22 20.54 -15.85 26.52
CA CYS G 22 21.63 -14.93 26.86
C CYS G 22 22.99 -15.17 26.27
N VAL G 23 23.23 -16.36 25.72
CA VAL G 23 24.51 -16.65 25.03
C VAL G 23 24.24 -17.45 23.78
N GLN G 24 25.15 -17.35 22.81
CA GLN G 24 25.04 -18.06 21.55
C GLN G 24 25.97 -19.26 21.43
N LEU G 25 27.20 -19.13 21.90
CA LEU G 25 28.17 -20.22 21.82
C LEU G 25 28.56 -20.73 23.19
N VAL G 26 28.65 -22.04 23.33
CA VAL G 26 29.03 -22.65 24.60
C VAL G 26 30.18 -23.59 24.39
N ASN G 27 31.14 -23.56 25.32
CA ASN G 27 32.30 -24.42 25.20
C ASN G 27 32.25 -25.42 26.35
N PHE G 28 32.04 -26.68 26.00
CA PHE G 28 31.97 -27.77 26.96
C PHE G 28 33.31 -28.47 27.00
N GLN G 29 33.59 -29.08 28.14
CA GLN G 29 34.78 -29.88 28.29
C GLN G 29 34.48 -30.96 29.30
N CYS G 30 34.59 -32.22 28.87
CA CYS G 30 34.38 -33.32 29.79
C CYS G 30 35.78 -33.79 30.20
N LYS G 31 35.88 -34.32 31.42
CA LYS G 31 37.14 -34.80 31.97
C LYS G 31 36.90 -35.80 33.08
N GLU G 32 37.98 -36.24 33.70
CA GLU G 32 37.89 -37.25 34.74
C GLU G 32 36.98 -36.95 35.94
N ASP G 33 36.86 -35.67 36.30
CA ASP G 33 36.03 -35.32 37.43
C ASP G 33 34.69 -34.69 37.03
N GLY G 34 34.34 -34.81 35.76
CA GLY G 34 33.05 -34.29 35.36
C GLY G 34 33.05 -33.45 34.12
N ILE G 35 31.99 -32.66 33.98
CA ILE G 35 31.83 -31.81 32.83
C ILE G 35 31.74 -30.35 33.23
N ILE G 36 32.43 -29.49 32.51
CA ILE G 36 32.29 -28.06 32.77
C ILE G 36 31.88 -27.43 31.44
N ALA G 37 31.33 -26.23 31.51
CA ALA G 37 30.93 -25.51 30.30
C ALA G 37 30.95 -24.01 30.59
N GLN G 38 31.39 -23.22 29.62
CA GLN G 38 31.41 -21.77 29.78
C GLN G 38 30.89 -21.09 28.56
N ALA G 39 30.18 -19.99 28.74
CA ALA G 39 29.64 -19.23 27.61
C ALA G 39 29.65 -17.77 28.03
N VAL G 40 30.08 -16.91 27.12
CA VAL G 40 30.15 -15.47 27.38
C VAL G 40 29.30 -14.79 26.33
N ASP G 41 28.48 -13.82 26.73
CA ASP G 41 27.65 -13.10 25.76
C ASP G 41 28.51 -12.15 24.89
N ASP G 42 27.97 -11.60 23.79
CA ASP G 42 28.77 -10.75 22.89
C ASP G 42 29.34 -9.52 23.52
N SER G 43 28.59 -8.88 24.41
CA SER G 43 29.07 -7.67 25.03
C SER G 43 30.06 -7.96 26.14
N ARG G 44 30.22 -9.24 26.47
CA ARG G 44 31.13 -9.66 27.53
C ARG G 44 30.80 -9.11 28.92
N VAL G 45 29.52 -9.08 29.28
CA VAL G 45 29.15 -8.62 30.64
C VAL G 45 28.63 -9.82 31.43
N LEU G 46 28.36 -10.91 30.74
CA LEU G 46 27.83 -12.10 31.38
C LEU G 46 28.59 -13.35 30.99
N LEU G 47 28.92 -14.13 32.01
CA LEU G 47 29.59 -15.39 31.82
C LEU G 47 28.69 -16.41 32.46
N VAL G 48 28.39 -17.49 31.75
CA VAL G 48 27.59 -18.58 32.29
C VAL G 48 28.57 -19.76 32.45
N SER G 49 28.69 -20.26 33.66
CA SER G 49 29.65 -21.30 33.96
C SER G 49 28.99 -22.49 34.67
N LEU G 50 29.14 -23.66 34.08
CA LEU G 50 28.58 -24.89 34.62
C LEU G 50 29.61 -25.93 35.09
N GLU G 51 29.22 -26.68 36.12
CA GLU G 51 30.06 -27.75 36.63
C GLU G 51 29.12 -28.89 37.05
N ILE G 52 29.32 -30.08 36.49
CA ILE G 52 28.50 -31.25 36.82
C ILE G 52 29.50 -32.34 37.21
N GLY G 53 29.47 -32.77 38.47
CA GLY G 53 30.41 -33.78 38.91
C GLY G 53 29.98 -35.14 38.42
N VAL G 54 30.90 -36.09 38.54
CA VAL G 54 30.66 -37.47 38.11
C VAL G 54 29.41 -38.11 38.72
N GLU G 55 29.16 -37.78 39.98
CA GLU G 55 28.01 -38.33 40.70
C GLU G 55 26.64 -37.87 40.23
N ALA G 56 26.58 -36.80 39.44
CA ALA G 56 25.29 -36.33 38.93
C ALA G 56 24.77 -37.24 37.80
N PHE G 57 25.64 -38.11 37.29
CA PHE G 57 25.30 -39.00 36.19
C PHE G 57 24.98 -40.40 36.65
N GLN G 58 24.29 -41.14 35.78
CA GLN G 58 23.95 -42.52 36.09
C GLN G 58 25.11 -43.35 35.60
N GLU G 59 25.83 -42.83 34.63
CA GLU G 59 26.97 -43.53 34.09
C GLU G 59 27.85 -42.45 33.45
N TYR G 60 29.14 -42.49 33.75
CA TYR G 60 30.09 -41.53 33.25
C TYR G 60 31.42 -42.22 33.07
N ARG G 61 32.00 -42.08 31.89
CA ARG G 61 33.25 -42.69 31.63
C ARG G 61 34.12 -41.69 30.88
N CYS G 62 35.34 -41.48 31.37
CA CYS G 62 36.24 -40.56 30.71
C CYS G 62 37.68 -40.94 30.89
N ASP G 63 38.33 -41.36 29.83
CA ASP G 63 39.73 -41.74 29.92
C ASP G 63 40.51 -40.74 29.11
N HIS G 64 39.86 -39.69 28.64
CA HIS G 64 40.55 -38.73 27.78
C HIS G 64 39.65 -37.54 27.56
N PRO G 65 39.95 -36.43 28.23
CA PRO G 65 39.17 -35.19 28.12
C PRO G 65 38.90 -34.80 26.69
N VAL G 66 37.71 -34.22 26.47
CA VAL G 66 37.33 -33.73 25.15
C VAL G 66 36.69 -32.35 25.33
N THR G 67 37.12 -31.38 24.52
CA THR G 67 36.59 -30.03 24.54
C THR G 67 35.76 -29.88 23.24
N LEU G 68 34.56 -29.31 23.37
CA LEU G 68 33.73 -29.15 22.21
C LEU G 68 32.88 -27.92 22.28
N GLY G 69 32.83 -27.17 21.18
CA GLY G 69 32.06 -25.95 21.18
C GLY G 69 30.84 -26.07 20.32
N MET G 70 29.77 -25.40 20.71
CA MET G 70 28.57 -25.47 19.92
C MET G 70 27.67 -24.31 20.08
N ASP G 71 26.82 -24.19 19.08
CA ASP G 71 25.82 -23.16 19.05
C ASP G 71 24.70 -23.56 20.01
N LEU G 72 24.43 -22.66 20.95
CA LEU G 72 23.42 -22.89 21.95
C LEU G 72 22.05 -23.09 21.33
N THR G 73 21.69 -22.26 20.36
CA THR G 73 20.39 -22.38 19.74
C THR G 73 20.16 -23.75 19.13
N SER G 74 21.17 -24.28 18.44
CA SER G 74 21.07 -25.60 17.80
C SER G 74 20.83 -26.67 18.86
N LEU G 75 21.54 -26.55 19.98
CA LEU G 75 21.42 -27.48 21.08
C LEU G 75 20.03 -27.47 21.68
N SER G 76 19.49 -26.30 22.00
CA SER G 76 18.15 -26.27 22.59
C SER G 76 17.11 -26.78 21.62
N LYS G 77 17.28 -26.48 20.33
CA LYS G 77 16.34 -26.94 19.32
C LYS G 77 16.18 -28.43 19.45
N ILE G 78 17.27 -29.09 19.81
CA ILE G 78 17.27 -30.55 19.94
C ILE G 78 16.95 -31.01 21.34
N LEU G 79 17.00 -30.08 22.28
CA LEU G 79 16.78 -30.42 23.65
C LEU G 79 15.34 -30.46 24.15
N ARG G 80 14.39 -30.68 23.26
CA ARG G 80 13.01 -30.86 23.70
C ARG G 80 12.52 -32.30 23.36
N CYS G 81 13.45 -33.25 23.19
CA CYS G 81 13.07 -34.64 22.86
C CYS G 81 13.21 -35.57 24.06
N GLY G 82 13.69 -34.99 25.15
CA GLY G 82 13.92 -35.80 26.33
C GLY G 82 12.74 -36.39 27.04
N ASN G 83 11.52 -36.00 26.68
CA ASN G 83 10.34 -36.49 27.38
C ASN G 83 10.52 -36.23 28.89
N ASN G 84 11.62 -35.58 29.24
CA ASN G 84 12.02 -35.28 30.59
C ASN G 84 12.39 -36.54 31.36
N THR G 85 11.61 -37.60 31.15
CA THR G 85 11.83 -38.86 31.84
C THR G 85 12.70 -39.78 31.04
N ASP G 86 12.95 -39.41 29.79
CA ASP G 86 13.81 -40.21 28.92
C ASP G 86 15.20 -40.19 29.55
N THR G 87 16.00 -41.15 29.13
CA THR G 87 17.36 -41.23 29.59
C THR G 87 18.17 -40.46 28.52
N LEU G 88 19.17 -39.67 28.91
CA LEU G 88 19.97 -38.96 27.90
C LEU G 88 21.44 -39.30 28.00
N THR G 89 22.07 -39.68 26.89
CA THR G 89 23.51 -39.98 26.92
C THR G 89 24.20 -39.07 25.91
N LEU G 90 25.22 -38.34 26.40
CA LEU G 90 26.03 -37.45 25.56
C LEU G 90 27.22 -38.31 25.19
N ILE G 91 27.55 -38.34 23.89
CA ILE G 91 28.63 -39.17 23.35
C ILE G 91 29.51 -38.46 22.33
N ALA G 92 30.83 -38.61 22.45
CA ALA G 92 31.73 -38.00 21.46
C ALA G 92 33.10 -38.63 21.48
N ASP G 93 33.74 -38.74 20.32
CA ASP G 93 35.06 -39.32 20.26
C ASP G 93 36.07 -38.26 20.70
N ASN G 94 37.36 -38.62 20.72
CA ASN G 94 38.44 -37.72 21.16
C ASN G 94 38.78 -36.58 20.26
N THR G 95 38.34 -36.63 19.02
CA THR G 95 38.62 -35.57 18.05
C THR G 95 37.28 -35.48 17.31
N PRO G 96 36.24 -34.97 17.98
CA PRO G 96 34.92 -34.87 17.35
C PRO G 96 34.61 -33.74 16.40
N ASP G 97 33.75 -34.05 15.42
CA ASP G 97 33.26 -33.05 14.49
C ASP G 97 31.80 -32.86 14.87
N SER G 98 31.29 -33.75 15.73
CA SER G 98 29.92 -33.70 16.20
C SER G 98 29.76 -34.20 17.63
N ILE G 99 28.59 -33.93 18.20
CA ILE G 99 28.22 -34.42 19.52
C ILE G 99 26.89 -35.18 19.32
N ILE G 100 26.86 -36.38 19.86
CA ILE G 100 25.72 -37.26 19.76
C ILE G 100 24.88 -37.19 21.01
N LEU G 101 23.60 -36.92 20.84
CA LEU G 101 22.68 -36.93 21.97
C LEU G 101 21.80 -38.16 21.73
N LEU G 102 21.74 -39.04 22.71
CA LEU G 102 20.97 -40.27 22.57
C LEU G 102 19.90 -40.37 23.64
N PHE G 103 18.64 -40.22 23.24
CA PHE G 103 17.52 -40.33 24.17
C PHE G 103 16.89 -41.69 23.96
N GLU G 104 16.68 -42.41 25.05
CA GLU G 104 16.04 -43.73 25.00
C GLU G 104 15.04 -43.89 26.13
N ASP G 105 13.96 -44.60 25.82
CA ASP G 105 12.93 -44.88 26.82
C ASP G 105 13.39 -46.17 27.50
N THR G 106 12.87 -46.43 28.70
CA THR G 106 13.25 -47.62 29.47
C THR G 106 13.29 -48.87 28.60
N LYS G 107 12.18 -49.14 27.94
CA LYS G 107 12.10 -50.30 27.05
C LYS G 107 12.89 -50.00 25.77
N LYS G 108 13.22 -51.03 25.01
CA LYS G 108 13.99 -50.84 23.77
C LYS G 108 13.28 -49.94 22.74
N ASP G 109 11.97 -49.85 22.87
CA ASP G 109 11.04 -49.13 22.00
C ASP G 109 11.45 -48.00 21.07
N ARG G 110 11.58 -46.81 21.64
CA ARG G 110 11.90 -45.62 20.89
C ARG G 110 13.26 -45.04 21.25
N ILE G 111 14.07 -44.82 20.21
CA ILE G 111 15.40 -44.28 20.39
C ILE G 111 15.60 -43.07 19.50
N ALA G 112 15.66 -41.90 20.12
CA ALA G 112 15.90 -40.70 19.36
C ALA G 112 17.35 -40.38 19.51
N GLU G 113 18.06 -40.31 18.40
CA GLU G 113 19.47 -40.01 18.41
C GLU G 113 19.79 -38.82 17.49
N TYR G 114 20.58 -37.88 18.02
CA TYR G 114 20.98 -36.69 17.26
C TYR G 114 22.45 -36.58 17.12
N SER G 115 22.88 -36.00 16.00
CA SER G 115 24.28 -35.78 15.73
C SER G 115 24.40 -34.29 15.41
N LEU G 116 24.76 -33.52 16.42
CA LEU G 116 24.93 -32.06 16.34
C LEU G 116 26.32 -31.64 15.85
N LYS G 117 26.34 -30.77 14.86
CA LYS G 117 27.59 -30.26 14.30
C LYS G 117 28.24 -29.35 15.33
N LEU G 118 29.56 -29.45 15.52
CA LEU G 118 30.28 -28.62 16.49
C LEU G 118 30.90 -27.41 15.83
N MET G 119 31.23 -26.40 16.63
CA MET G 119 31.90 -25.18 16.18
C MET G 119 33.29 -25.22 16.81
N ASP G 120 34.28 -24.63 16.15
CA ASP G 120 35.64 -24.57 16.70
C ASP G 120 35.75 -23.25 17.47
N ILE G 121 36.01 -23.34 18.76
CA ILE G 121 36.13 -22.14 19.60
C ILE G 121 37.49 -22.18 20.30
N ASP G 122 38.26 -21.10 20.26
CA ASP G 122 39.56 -21.11 20.95
C ASP G 122 39.32 -21.35 22.43
N ALA G 123 39.85 -22.47 22.93
CA ALA G 123 39.73 -22.84 24.34
C ALA G 123 40.41 -21.73 25.16
N ASP G 124 39.62 -21.15 26.05
CA ASP G 124 40.09 -20.05 26.87
C ASP G 124 39.10 -19.88 28.02
N PHE G 125 39.07 -20.86 28.91
CA PHE G 125 38.18 -20.77 30.04
C PHE G 125 38.65 -19.70 31.04
N LEU G 126 37.72 -18.88 31.49
CA LEU G 126 38.00 -17.82 32.45
C LEU G 126 37.89 -18.35 33.88
N LYS G 127 38.65 -17.77 34.79
CA LYS G 127 38.62 -18.17 36.20
C LYS G 127 38.56 -16.87 37.00
N ILE G 128 37.44 -16.17 36.84
CA ILE G 128 37.22 -14.90 37.49
C ILE G 128 36.58 -14.91 38.87
N GLU G 129 36.30 -16.09 39.43
CA GLU G 129 35.70 -16.13 40.75
C GLU G 129 36.69 -15.66 41.82
N GLU G 130 36.17 -14.91 42.78
CA GLU G 130 36.94 -14.32 43.89
C GLU G 130 37.03 -15.17 45.14
N LEU G 131 38.03 -14.89 45.96
CA LEU G 131 38.16 -15.62 47.20
C LEU G 131 37.05 -15.06 48.08
N GLN G 132 37.09 -13.78 48.40
CA GLN G 132 36.04 -13.24 49.22
C GLN G 132 35.29 -12.12 48.52
N TYR G 133 33.98 -12.09 48.74
CA TYR G 133 33.12 -11.06 48.19
C TYR G 133 32.73 -10.16 49.35
N ASP G 134 32.46 -8.89 49.05
CA ASP G 134 32.03 -7.88 50.02
C ASP G 134 30.81 -8.38 50.82
N SER G 135 29.86 -8.96 50.12
CA SER G 135 28.67 -9.49 50.77
C SER G 135 28.21 -10.71 50.04
N THR G 136 27.55 -11.58 50.79
CA THR G 136 27.03 -12.86 50.34
C THR G 136 25.64 -13.00 50.91
N LEU G 137 24.70 -13.45 50.08
CA LEU G 137 23.33 -13.69 50.51
C LEU G 137 22.69 -14.80 49.69
N SER G 138 21.76 -15.49 50.30
CA SER G 138 21.00 -16.53 49.61
C SER G 138 19.55 -16.35 50.04
N LEU G 139 18.65 -16.69 49.15
CA LEU G 139 17.23 -16.57 49.39
C LEU G 139 16.57 -17.47 48.37
N PRO G 140 15.28 -17.78 48.56
CA PRO G 140 14.57 -18.65 47.62
C PRO G 140 14.69 -18.05 46.22
N SER G 141 14.95 -18.88 45.21
CA SER G 141 15.10 -18.34 43.88
C SER G 141 13.81 -17.82 43.26
N SER G 142 12.67 -18.32 43.72
CA SER G 142 11.39 -17.86 43.19
C SER G 142 11.17 -16.46 43.70
N GLU G 143 11.62 -16.21 44.93
CA GLU G 143 11.51 -14.88 45.51
C GLU G 143 12.39 -13.91 44.69
N PHE G 144 13.64 -14.32 44.40
CA PHE G 144 14.58 -13.50 43.61
C PHE G 144 13.98 -13.20 42.25
N SER G 145 13.37 -14.21 41.61
CA SER G 145 12.71 -14.00 40.31
C SER G 145 11.60 -12.94 40.38
N LYS G 146 10.78 -12.99 41.43
CA LYS G 146 9.71 -12.03 41.59
C LYS G 146 10.31 -10.65 41.77
N ILE G 147 11.31 -10.55 42.64
CA ILE G 147 11.98 -9.27 42.86
C ILE G 147 12.48 -8.71 41.54
N VAL G 148 13.11 -9.56 40.74
CA VAL G 148 13.62 -9.07 39.47
C VAL G 148 12.48 -8.69 38.54
N ARG G 149 11.46 -9.56 38.44
CA ARG G 149 10.30 -9.30 37.57
C ARG G 149 9.51 -8.02 37.96
N ASP G 150 9.42 -7.73 39.26
CA ASP G 150 8.79 -6.51 39.71
C ASP G 150 9.55 -5.33 39.06
N LEU G 151 10.70 -5.00 39.64
CA LEU G 151 11.56 -3.90 39.23
C LEU G 151 11.88 -3.73 37.75
N SER G 152 12.00 -4.85 37.05
CA SER G 152 12.32 -4.78 35.63
C SER G 152 11.42 -3.86 34.84
N GLN G 153 10.14 -3.80 35.19
CA GLN G 153 9.14 -3.00 34.50
C GLN G 153 9.42 -1.52 34.57
N LEU G 154 10.14 -1.10 35.62
CA LEU G 154 10.41 0.30 35.87
C LEU G 154 11.63 0.88 35.27
N SER G 155 12.62 0.03 35.00
CA SER G 155 13.88 0.56 34.51
C SER G 155 14.69 -0.54 33.87
N ASP G 156 15.75 -0.13 33.17
CA ASP G 156 16.67 -1.04 32.54
C ASP G 156 17.84 -1.30 33.49
N SER G 157 17.77 -0.68 34.67
CA SER G 157 18.80 -0.84 35.69
C SER G 157 18.15 -1.12 36.99
N ILE G 158 18.67 -2.11 37.71
CA ILE G 158 18.17 -2.50 39.04
C ILE G 158 19.40 -2.45 39.98
N ASN G 159 19.28 -1.68 41.03
CA ASN G 159 20.37 -1.50 41.96
C ASN G 159 20.20 -2.44 43.15
N ILE G 160 21.29 -3.04 43.60
CA ILE G 160 21.26 -3.91 44.77
C ILE G 160 22.11 -3.21 45.80
N MET G 161 21.54 -2.94 46.98
CA MET G 161 22.29 -2.26 48.04
C MET G 161 22.27 -3.09 49.31
N ILE G 162 23.43 -3.26 49.90
CA ILE G 162 23.53 -4.05 51.12
C ILE G 162 24.20 -3.29 52.25
N THR G 163 23.53 -3.32 53.39
CA THR G 163 23.98 -2.69 54.63
C THR G 163 23.69 -3.76 55.67
N LYS G 164 24.20 -3.55 56.89
CA LYS G 164 23.99 -4.54 57.95
C LYS G 164 22.53 -4.93 58.02
N GLU G 165 22.31 -6.25 57.98
CA GLU G 165 20.97 -6.79 58.05
C GLU G 165 19.94 -6.20 57.11
N THR G 166 20.37 -5.69 55.97
CA THR G 166 19.41 -5.14 55.02
C THR G 166 19.86 -5.30 53.58
N ILE G 167 18.95 -5.84 52.78
CA ILE G 167 19.16 -6.03 51.37
C ILE G 167 18.05 -5.23 50.68
N LYS G 168 18.43 -4.35 49.77
CA LYS G 168 17.46 -3.54 49.10
C LYS G 168 17.67 -3.47 47.59
N PHE G 169 16.65 -3.87 46.83
CA PHE G 169 16.64 -3.84 45.37
C PHE G 169 15.85 -2.58 44.95
N VAL G 170 16.39 -1.79 44.03
CA VAL G 170 15.74 -0.56 43.61
C VAL G 170 15.82 -0.31 42.10
N ALA G 171 14.72 0.22 41.56
CA ALA G 171 14.61 0.55 40.15
C ALA G 171 13.94 1.91 40.11
N ASP G 172 14.34 2.74 39.19
CA ASP G 172 13.82 4.08 39.11
C ASP G 172 13.91 4.46 37.66
N GLY G 173 12.77 4.80 37.07
CA GLY G 173 12.74 5.16 35.67
C GLY G 173 11.67 6.17 35.37
N ASP G 174 11.15 6.13 34.15
CA ASP G 174 10.12 7.05 33.69
C ASP G 174 8.81 7.13 34.47
N ILE G 175 8.13 6.00 34.61
CA ILE G 175 6.88 6.01 35.32
C ILE G 175 6.98 6.22 36.82
N GLY G 176 8.19 6.12 37.36
CA GLY G 176 8.38 6.29 38.79
C GLY G 176 9.52 5.44 39.35
N SER G 177 9.40 5.02 40.61
CA SER G 177 10.44 4.24 41.24
C SER G 177 9.83 3.14 42.06
N GLY G 178 10.61 2.10 42.31
CA GLY G 178 10.16 0.98 43.10
C GLY G 178 11.33 0.43 43.90
N SER G 179 11.01 -0.32 44.95
CA SER G 179 12.02 -0.91 45.79
C SER G 179 11.44 -2.11 46.50
N VAL G 180 12.30 -3.09 46.74
CA VAL G 180 11.93 -4.29 47.47
C VAL G 180 13.00 -4.42 48.54
N ILE G 181 12.56 -4.42 49.78
CA ILE G 181 13.44 -4.54 50.91
C ILE G 181 13.16 -5.85 51.62
N ILE G 182 14.23 -6.64 51.80
CA ILE G 182 14.13 -7.92 52.48
C ILE G 182 15.11 -7.93 53.64
N LYS G 183 14.77 -8.71 54.67
CA LYS G 183 15.61 -8.82 55.86
C LYS G 183 15.97 -10.29 56.13
N PRO G 184 17.17 -10.51 56.63
CA PRO G 184 17.63 -11.88 56.93
C PRO G 184 16.69 -12.51 57.98
N PHE G 185 16.42 -13.81 57.83
CA PHE G 185 15.58 -14.52 58.78
C PHE G 185 15.66 -16.03 58.62
N VAL G 186 15.67 -16.73 59.75
CA VAL G 186 15.75 -18.19 59.77
C VAL G 186 14.37 -18.77 60.01
N ASP G 187 13.85 -19.51 59.05
CA ASP G 187 12.54 -20.14 59.23
C ASP G 187 12.74 -21.63 59.51
N MET G 188 12.50 -22.05 60.74
CA MET G 188 12.67 -23.45 61.10
C MET G 188 11.55 -24.31 60.58
N GLU G 189 10.41 -23.67 60.33
CA GLU G 189 9.24 -24.37 59.79
C GLU G 189 9.57 -24.95 58.41
N HIS G 190 10.74 -24.57 57.91
CA HIS G 190 11.35 -24.99 56.64
C HIS G 190 12.38 -23.94 56.25
N PRO G 191 13.66 -24.24 56.51
CA PRO G 191 14.80 -23.35 56.21
C PRO G 191 15.11 -23.09 54.74
N GLU G 192 14.36 -23.68 53.81
CA GLU G 192 14.61 -23.42 52.40
C GLU G 192 13.96 -22.10 52.01
N THR G 193 13.30 -21.47 52.98
CA THR G 193 12.65 -20.20 52.75
C THR G 193 13.36 -19.08 53.52
N SER G 194 14.38 -19.45 54.27
CA SER G 194 15.17 -18.46 55.02
C SER G 194 15.91 -17.50 54.07
N ILE G 195 16.40 -16.40 54.61
CA ILE G 195 17.14 -15.42 53.83
C ILE G 195 18.38 -15.12 54.61
N LYS G 196 19.52 -15.63 54.16
CA LYS G 196 20.78 -15.42 54.86
C LYS G 196 21.55 -14.27 54.27
N LEU G 197 22.39 -13.63 55.08
CA LEU G 197 23.18 -12.51 54.63
C LEU G 197 24.42 -12.40 55.46
N GLU G 198 25.57 -12.35 54.82
CA GLU G 198 26.82 -12.18 55.53
C GLU G 198 27.44 -10.98 54.86
N MET G 199 27.57 -9.88 55.60
CA MET G 199 28.13 -8.66 55.05
C MET G 199 29.45 -8.26 55.66
N ASP G 200 30.52 -8.21 54.87
CA ASP G 200 31.83 -7.81 55.38
C ASP G 200 32.02 -6.36 55.13
N GLN G 201 31.26 -5.87 54.16
CA GLN G 201 31.35 -4.47 53.76
C GLN G 201 30.06 -4.14 53.02
N PRO G 202 29.49 -2.97 53.29
CA PRO G 202 28.26 -2.60 52.60
C PRO G 202 28.58 -2.50 51.13
N VAL G 203 27.65 -2.92 50.28
CA VAL G 203 27.84 -2.86 48.83
C VAL G 203 26.65 -2.15 48.21
N ASP G 204 26.87 -1.63 47.01
CA ASP G 204 25.84 -0.91 46.29
C ASP G 204 26.22 -0.98 44.82
N LEU G 205 25.61 -1.90 44.08
CA LEU G 205 25.93 -2.08 42.68
C LEU G 205 24.70 -2.01 41.80
N THR G 206 24.87 -1.61 40.55
CA THR G 206 23.76 -1.54 39.60
C THR G 206 24.00 -2.52 38.47
N PHE G 207 22.92 -3.22 38.06
CA PHE G 207 22.98 -4.21 36.99
C PHE G 207 21.88 -3.91 35.98
N GLY G 208 22.12 -4.33 34.75
CA GLY G 208 21.17 -4.17 33.65
C GLY G 208 20.09 -5.23 33.84
N ALA G 209 18.87 -4.75 33.95
CA ALA G 209 17.69 -5.58 34.18
C ALA G 209 17.51 -6.69 33.17
N LYS G 210 17.91 -6.45 31.94
CA LYS G 210 17.81 -7.45 30.89
C LYS G 210 18.64 -8.69 31.26
N TYR G 211 19.77 -8.49 31.93
CA TYR G 211 20.66 -9.58 32.33
C TYR G 211 20.20 -10.33 33.55
N LEU G 212 19.65 -9.61 34.52
CA LEU G 212 19.14 -10.23 35.73
C LEU G 212 17.96 -11.11 35.30
N LEU G 213 17.20 -10.65 34.31
CA LEU G 213 16.08 -11.40 33.79
C LEU G 213 16.58 -12.71 33.19
N ASP G 214 17.70 -12.69 32.47
CA ASP G 214 18.29 -13.93 31.92
C ASP G 214 18.69 -14.86 33.08
N ILE G 215 19.33 -14.31 34.08
CA ILE G 215 19.78 -15.08 35.23
C ILE G 215 18.73 -15.79 36.06
N ILE G 216 17.55 -15.20 36.23
CA ILE G 216 16.54 -15.81 37.09
C ILE G 216 16.07 -17.20 36.69
N LYS G 217 16.34 -17.54 35.43
CA LYS G 217 15.99 -18.86 34.88
C LYS G 217 16.52 -20.01 35.77
N GLY G 218 17.64 -19.78 36.45
CA GLY G 218 18.21 -20.81 37.29
C GLY G 218 17.28 -21.32 38.38
N SER G 219 16.18 -20.61 38.65
CA SER G 219 15.23 -21.04 39.68
C SER G 219 14.78 -22.48 39.44
N SER G 220 14.67 -22.84 38.17
CA SER G 220 14.26 -24.17 37.80
C SER G 220 15.27 -25.24 38.14
N LEU G 221 16.45 -24.87 38.63
CA LEU G 221 17.45 -25.87 38.95
C LEU G 221 17.67 -25.99 40.42
N SER G 222 17.34 -24.95 41.15
CA SER G 222 17.56 -24.97 42.58
C SER G 222 16.51 -24.14 43.33
N ASP G 223 16.20 -24.53 44.56
CA ASP G 223 15.24 -23.81 45.39
C ASP G 223 15.78 -22.49 45.85
N ARG G 224 17.08 -22.44 46.09
CA ARG G 224 17.74 -21.23 46.55
C ARG G 224 18.76 -20.71 45.55
N VAL G 225 19.09 -19.43 45.68
CA VAL G 225 20.06 -18.80 44.83
C VAL G 225 21.04 -18.10 45.74
N GLY G 226 22.33 -18.17 45.40
CA GLY G 226 23.33 -17.50 46.20
C GLY G 226 23.77 -16.31 45.38
N ILE G 227 23.93 -15.14 46.01
CA ILE G 227 24.35 -13.94 45.31
C ILE G 227 25.58 -13.42 46.03
N ARG G 228 26.69 -13.27 45.31
CA ARG G 228 27.90 -12.76 45.92
C ARG G 228 28.31 -11.48 45.21
N LEU G 229 28.45 -10.41 45.99
CA LEU G 229 28.74 -9.11 45.39
C LEU G 229 30.03 -8.52 45.86
N SER G 230 30.66 -7.79 44.95
CA SER G 230 31.90 -7.15 45.27
C SER G 230 32.03 -5.90 44.43
N SER G 231 32.76 -4.93 44.94
CA SER G 231 32.99 -3.70 44.23
C SER G 231 34.24 -3.87 43.36
N GLU G 232 34.87 -5.03 43.46
CA GLU G 232 36.09 -5.30 42.71
C GLU G 232 35.88 -6.24 41.54
N ALA G 233 34.70 -6.86 41.43
CA ALA G 233 34.52 -7.83 40.37
C ALA G 233 33.06 -8.10 39.95
N PRO G 234 32.87 -8.94 38.90
CA PRO G 234 31.53 -9.26 38.46
C PRO G 234 30.79 -9.93 39.64
N ALA G 235 29.48 -9.76 39.74
CA ALA G 235 28.70 -10.38 40.80
C ALA G 235 28.49 -11.85 40.42
N LEU G 236 28.35 -12.70 41.41
CA LEU G 236 28.13 -14.10 41.15
C LEU G 236 26.74 -14.52 41.67
N PHE G 237 25.92 -15.11 40.79
CA PHE G 237 24.58 -15.61 41.15
C PHE G 237 24.75 -17.11 40.94
N GLN G 238 24.51 -17.91 41.97
CA GLN G 238 24.74 -19.34 41.83
C GLN G 238 23.58 -20.22 42.19
N PHE G 239 23.35 -21.20 41.34
CA PHE G 239 22.29 -22.20 41.48
C PHE G 239 22.91 -23.58 41.61
N ASP G 240 22.88 -24.16 42.81
CA ASP G 240 23.44 -25.47 43.08
C ASP G 240 22.66 -26.64 42.50
N LEU G 241 23.40 -27.64 42.06
CA LEU G 241 22.81 -28.87 41.51
C LEU G 241 23.29 -29.96 42.46
N LYS G 242 22.76 -31.17 42.29
CA LYS G 242 23.24 -32.28 43.08
C LYS G 242 24.57 -32.55 42.40
N SER G 243 25.67 -32.28 43.10
CA SER G 243 27.01 -32.47 42.52
C SER G 243 27.16 -31.51 41.35
N GLY G 244 27.34 -30.23 41.65
CA GLY G 244 27.51 -29.28 40.58
C GLY G 244 26.88 -27.96 40.90
N PHE G 245 26.86 -27.09 39.91
CA PHE G 245 26.28 -25.77 40.05
C PHE G 245 26.30 -25.06 38.72
N LEU G 246 25.40 -24.10 38.59
CA LEU G 246 25.28 -23.27 37.43
C LEU G 246 25.57 -21.89 38.01
N GLN G 247 26.55 -21.18 37.44
CA GLN G 247 26.90 -19.88 37.91
C GLN G 247 26.77 -18.85 36.82
N PHE G 248 26.32 -17.65 37.20
CA PHE G 248 26.19 -16.50 36.30
C PHE G 248 27.05 -15.37 36.90
N PHE G 249 28.07 -14.91 36.18
CA PHE G 249 28.89 -13.79 36.67
C PHE G 249 28.46 -12.62 35.83
N LEU G 250 28.05 -11.54 36.48
CA LEU G 250 27.55 -10.35 35.79
C LEU G 250 28.31 -9.13 36.18
N ALA G 251 28.85 -8.42 35.21
CA ALA G 251 29.62 -7.20 35.50
C ALA G 251 28.68 -6.08 35.88
N PRO G 252 28.95 -5.35 36.98
CA PRO G 252 28.08 -4.24 37.38
C PRO G 252 28.10 -3.14 36.31
N LYS G 253 27.08 -2.30 36.24
CA LYS G 253 27.11 -1.18 35.30
C LYS G 253 28.12 -0.21 35.87
N PHE G 254 28.95 0.38 35.01
CA PHE G 254 29.95 1.37 35.45
C PHE G 254 29.14 2.62 35.78
N ASN G 255 28.11 2.82 34.95
CA ASN G 255 27.19 3.94 35.02
C ASN G 255 26.28 3.57 33.87
N ASP G 256 26.87 2.84 32.92
CA ASP G 256 26.19 2.36 31.73
C ASP G 256 26.97 1.10 31.31
N GLU G 257 26.77 0.00 32.03
CA GLU G 257 27.45 -1.23 31.65
C GLU G 257 26.90 -2.63 31.98
N GLU G 258 25.58 -2.76 31.94
CA GLU G 258 24.92 -4.05 32.10
C GLU G 258 25.20 -4.92 33.35
N MET H 1 -31.85 -33.43 1.17
CA MET H 1 -31.52 -32.27 2.01
C MET H 1 -30.49 -32.75 3.00
N LEU H 2 -29.83 -31.80 3.66
CA LEU H 2 -28.85 -32.11 4.68
C LEU H 2 -29.50 -31.92 6.06
N GLU H 3 -29.40 -32.92 6.90
CA GLU H 3 -29.91 -32.83 8.25
C GLU H 3 -29.13 -33.80 9.13
N ALA H 4 -28.06 -33.29 9.71
CA ALA H 4 -27.20 -34.12 10.52
C ALA H 4 -26.96 -33.49 11.89
N LYS H 5 -27.38 -34.21 12.92
CA LYS H 5 -27.20 -33.73 14.26
C LYS H 5 -26.15 -34.51 15.03
N PHE H 6 -25.11 -33.80 15.43
CA PHE H 6 -24.05 -34.36 16.23
C PHE H 6 -24.45 -34.19 17.72
N GLU H 7 -24.25 -35.26 18.47
CA GLU H 7 -24.51 -35.31 19.91
C GLU H 7 -23.70 -34.19 20.59
N GLU H 8 -22.41 -34.14 20.26
CA GLU H 8 -21.50 -33.15 20.82
C GLU H 8 -20.89 -32.35 19.68
N ALA H 9 -21.02 -31.04 19.72
CA ALA H 9 -20.45 -30.20 18.68
C ALA H 9 -18.95 -30.43 18.62
N SER H 10 -18.39 -30.94 19.70
CA SER H 10 -16.95 -31.16 19.77
C SER H 10 -16.41 -32.08 18.69
N LEU H 11 -17.15 -33.14 18.34
CA LEU H 11 -16.62 -34.06 17.34
C LEU H 11 -16.40 -33.37 16.02
N PHE H 12 -17.36 -32.54 15.60
CA PHE H 12 -17.24 -31.86 14.33
C PHE H 12 -16.13 -30.84 14.32
N LYS H 13 -15.95 -30.19 15.47
CA LYS H 13 -14.92 -29.19 15.64
C LYS H 13 -13.51 -29.78 15.52
N ARG H 14 -13.33 -30.99 16.04
CA ARG H 14 -12.03 -31.65 15.97
C ARG H 14 -11.78 -32.13 14.56
N ILE H 15 -12.84 -32.61 13.89
CA ILE H 15 -12.74 -33.09 12.52
C ILE H 15 -12.28 -31.92 11.65
N ILE H 16 -12.96 -30.78 11.75
CA ILE H 16 -12.59 -29.59 10.98
C ILE H 16 -11.18 -29.10 11.36
N ASP H 17 -10.79 -29.29 12.62
CA ASP H 17 -9.46 -28.91 13.04
C ASP H 17 -8.43 -29.63 12.18
N GLY H 18 -8.81 -30.81 11.69
CA GLY H 18 -7.92 -31.61 10.86
C GLY H 18 -7.69 -31.09 9.45
N PHE H 19 -8.69 -30.42 8.91
CA PHE H 19 -8.60 -29.86 7.57
C PHE H 19 -7.93 -28.52 7.70
N LYS H 20 -8.14 -27.92 8.86
CA LYS H 20 -7.64 -26.60 9.17
C LYS H 20 -6.19 -26.36 8.80
N ASP H 21 -5.97 -25.16 8.28
CA ASP H 21 -4.66 -24.69 7.88
C ASP H 21 -4.11 -25.33 6.61
N CYS H 22 -4.03 -26.66 6.57
CA CYS H 22 -3.51 -27.30 5.37
C CYS H 22 -4.31 -27.25 4.10
N VAL H 23 -5.60 -26.90 4.19
CA VAL H 23 -6.44 -26.75 2.99
C VAL H 23 -7.33 -25.53 3.16
N GLN H 24 -7.75 -24.95 2.03
CA GLN H 24 -8.62 -23.78 2.02
C GLN H 24 -10.06 -24.09 1.66
N LEU H 25 -10.28 -24.97 0.68
CA LEU H 25 -11.62 -25.31 0.24
C LEU H 25 -11.95 -26.76 0.52
N VAL H 26 -13.15 -27.00 1.01
CA VAL H 26 -13.58 -28.37 1.30
C VAL H 26 -14.90 -28.65 0.60
N ASN H 27 -15.02 -29.85 0.04
CA ASN H 27 -16.23 -30.22 -0.66
C ASN H 27 -16.89 -31.33 0.13
N PHE H 28 -18.05 -31.02 0.69
CA PHE H 28 -18.84 -31.97 1.47
C PHE H 28 -19.92 -32.53 0.60
N GLN H 29 -20.36 -33.74 0.95
CA GLN H 29 -21.47 -34.35 0.28
C GLN H 29 -22.16 -35.26 1.27
N CYS H 30 -23.44 -34.99 1.54
CA CYS H 30 -24.19 -35.85 2.44
C CYS H 30 -25.01 -36.76 1.52
N LYS H 31 -25.30 -37.97 2.02
CA LYS H 31 -26.06 -38.96 1.29
C LYS H 31 -26.67 -39.98 2.22
N GLU H 32 -27.33 -40.96 1.66
CA GLU H 32 -28.03 -41.98 2.45
C GLU H 32 -27.18 -42.75 3.48
N ASP H 33 -25.90 -42.95 3.18
CA ASP H 33 -25.06 -43.69 4.10
C ASP H 33 -24.10 -42.79 4.90
N GLY H 34 -24.34 -41.48 4.86
CA GLY H 34 -23.51 -40.62 5.66
C GLY H 34 -22.98 -39.41 4.95
N ILE H 35 -21.92 -38.85 5.52
CA ILE H 35 -21.31 -37.66 4.98
C ILE H 35 -19.87 -37.90 4.60
N ILE H 36 -19.46 -37.41 3.44
CA ILE H 36 -18.05 -37.51 3.09
C ILE H 36 -17.59 -36.09 2.78
N ALA H 37 -16.29 -35.87 2.81
CA ALA H 37 -15.72 -34.55 2.51
C ALA H 37 -14.30 -34.72 1.98
N GLN H 38 -13.93 -33.92 1.00
CA GLN H 38 -12.57 -33.99 0.46
C GLN H 38 -12.02 -32.60 0.27
N ALA H 39 -10.73 -32.45 0.52
CA ALA H 39 -10.07 -31.16 0.34
C ALA H 39 -8.65 -31.44 -0.12
N VAL H 40 -8.19 -30.69 -1.11
CA VAL H 40 -6.85 -30.86 -1.66
C VAL H 40 -6.13 -29.53 -1.51
N ASP H 41 -4.87 -29.55 -1.05
CA ASP H 41 -4.13 -28.31 -0.91
C ASP H 41 -3.73 -27.73 -2.30
N ASP H 42 -3.25 -26.48 -2.38
CA ASP H 42 -2.94 -25.86 -3.69
C ASP H 42 -1.87 -26.57 -4.47
N SER H 43 -0.86 -27.08 -3.81
CA SER H 43 0.20 -27.76 -4.51
C SER H 43 -0.18 -29.17 -4.90
N ARG H 44 -1.34 -29.61 -4.45
CA ARG H 44 -1.82 -30.95 -4.76
C ARG H 44 -0.94 -32.10 -4.26
N VAL H 45 -0.38 -31.97 -3.05
CA VAL H 45 0.44 -33.07 -2.50
C VAL H 45 -0.32 -33.71 -1.33
N LEU H 46 -1.37 -33.05 -0.88
CA LEU H 46 -2.14 -33.53 0.24
C LEU H 46 -3.63 -33.53 -0.04
N LEU H 47 -4.26 -34.65 0.29
CA LEU H 47 -5.69 -34.80 0.14
C LEU H 47 -6.19 -35.15 1.53
N VAL H 48 -7.21 -34.44 1.99
CA VAL H 48 -7.83 -34.75 3.29
C VAL H 48 -9.22 -35.32 2.94
N SER H 49 -9.47 -36.53 3.40
CA SER H 49 -10.70 -37.22 3.08
C SER H 49 -11.41 -37.73 4.32
N LEU H 50 -12.67 -37.32 4.48
CA LEU H 50 -13.49 -37.69 5.62
C LEU H 50 -14.70 -38.58 5.28
N GLU H 51 -15.06 -39.44 6.22
CA GLU H 51 -16.22 -40.29 6.08
C GLU H 51 -16.86 -40.42 7.45
N ILE H 52 -18.13 -40.06 7.58
CA ILE H 52 -18.85 -40.14 8.85
C ILE H 52 -20.12 -40.95 8.53
N GLY H 53 -20.25 -42.14 9.11
CA GLY H 53 -21.42 -42.95 8.83
C GLY H 53 -22.60 -42.43 9.58
N VAL H 54 -23.77 -42.94 9.21
CA VAL H 54 -25.04 -42.54 9.82
C VAL H 54 -25.08 -42.72 11.35
N GLU H 55 -24.43 -43.78 11.82
CA GLU H 55 -24.40 -44.07 13.23
C GLU H 55 -23.60 -43.12 14.10
N ALA H 56 -22.75 -42.29 13.51
CA ALA H 56 -21.98 -41.30 14.28
C ALA H 56 -22.86 -40.14 14.75
N PHE H 57 -24.05 -40.03 14.18
CA PHE H 57 -24.98 -38.95 14.49
C PHE H 57 -26.05 -39.35 15.46
N GLN H 58 -26.68 -38.36 16.09
CA GLN H 58 -27.75 -38.62 17.02
C GLN H 58 -29.02 -38.62 16.19
N GLU H 59 -28.99 -37.94 15.07
CA GLU H 59 -30.12 -37.90 14.18
C GLU H 59 -29.57 -37.54 12.81
N TYR H 60 -29.98 -38.30 11.80
CA TYR H 60 -29.54 -38.08 10.43
C TYR H 60 -30.66 -38.45 9.49
N ARG H 61 -30.97 -37.55 8.59
CA ARG H 61 -32.01 -37.79 7.65
C ARG H 61 -31.55 -37.34 6.28
N CYS H 62 -31.68 -38.21 5.29
CA CYS H 62 -31.28 -37.87 3.94
C CYS H 62 -32.09 -38.57 2.90
N ASP H 63 -32.91 -37.84 2.20
CA ASP H 63 -33.72 -38.44 1.15
C ASP H 63 -33.25 -37.90 -0.17
N HIS H 64 -32.15 -37.16 -0.17
CA HIS H 64 -31.68 -36.55 -1.39
C HIS H 64 -30.32 -35.94 -1.15
N PRO H 65 -29.27 -36.59 -1.65
CA PRO H 65 -27.90 -36.12 -1.49
C PRO H 65 -27.72 -34.66 -1.84
N VAL H 66 -26.83 -34.01 -1.11
CA VAL H 66 -26.51 -32.60 -1.37
C VAL H 66 -24.99 -32.45 -1.31
N THR H 67 -24.41 -31.77 -2.30
CA THR H 67 -22.99 -31.52 -2.37
C THR H 67 -22.81 -29.99 -2.10
N LEU H 68 -21.86 -29.65 -1.25
CA LEU H 68 -21.65 -28.26 -0.95
C LEU H 68 -20.21 -27.94 -0.67
N GLY H 69 -19.74 -26.85 -1.25
CA GLY H 69 -18.34 -26.49 -1.06
C GLY H 69 -18.21 -25.26 -0.22
N MET H 70 -17.15 -25.20 0.55
CA MET H 70 -16.95 -24.04 1.37
C MET H 70 -15.55 -23.79 1.76
N ASP H 71 -15.34 -22.54 2.14
CA ASP H 71 -14.07 -22.08 2.60
C ASP H 71 -13.84 -22.62 4.01
N LEU H 72 -12.74 -23.32 4.18
CA LEU H 72 -12.40 -23.91 5.46
C LEU H 72 -12.23 -22.85 6.53
N THR H 73 -11.55 -21.77 6.22
CA THR H 73 -11.33 -20.74 7.21
C THR H 73 -12.63 -20.18 7.77
N SER H 74 -13.60 -19.93 6.89
CA SER H 74 -14.91 -19.40 7.30
C SER H 74 -15.59 -20.37 8.24
N LEU H 75 -15.49 -21.65 7.93
CA LEU H 75 -16.09 -22.69 8.73
C LEU H 75 -15.49 -22.77 10.12
N SER H 76 -14.16 -22.79 10.24
CA SER H 76 -13.54 -22.85 11.56
C SER H 76 -13.84 -21.61 12.36
N LYS H 77 -13.88 -20.46 11.71
CA LYS H 77 -14.20 -19.20 12.40
C LYS H 77 -15.48 -19.38 13.16
N ILE H 78 -16.39 -20.15 12.58
CA ILE H 78 -17.69 -20.36 13.20
C ILE H 78 -17.73 -21.59 14.09
N LEU H 79 -16.70 -22.41 13.95
CA LEU H 79 -16.66 -23.64 14.70
C LEU H 79 -16.11 -23.59 16.12
N ARG H 80 -16.16 -22.44 16.76
CA ARG H 80 -15.75 -22.37 18.15
C ARG H 80 -16.97 -21.97 19.03
N CYS H 81 -18.20 -22.22 18.56
CA CYS H 81 -19.40 -21.87 19.33
C CYS H 81 -20.06 -23.10 19.94
N GLY H 82 -19.49 -24.25 19.63
CA GLY H 82 -20.07 -25.48 20.11
C GLY H 82 -20.06 -25.76 21.59
N ASN H 83 -19.35 -24.96 22.37
CA ASN H 83 -19.26 -25.23 23.81
C ASN H 83 -18.79 -26.67 24.01
N ASN H 84 -18.49 -27.36 22.90
CA ASN H 84 -18.08 -28.73 22.85
C ASN H 84 -19.22 -29.67 23.26
N THR H 85 -19.96 -29.27 24.28
CA THR H 85 -21.05 -30.08 24.80
C THR H 85 -22.37 -29.70 24.16
N ASP H 86 -22.35 -28.60 23.42
CA ASP H 86 -23.56 -28.17 22.72
C ASP H 86 -23.90 -29.24 21.70
N THR H 87 -25.14 -29.20 21.26
CA THR H 87 -25.60 -30.12 20.25
C THR H 87 -25.38 -29.35 18.92
N LEU H 88 -24.93 -30.03 17.86
CA LEU H 88 -24.74 -29.32 16.58
C LEU H 88 -25.56 -29.96 15.47
N THR H 89 -26.34 -29.18 14.74
CA THR H 89 -27.11 -29.73 13.62
C THR H 89 -26.71 -28.99 12.35
N LEU H 90 -26.30 -29.76 11.33
CA LEU H 90 -25.93 -29.20 10.02
C LEU H 90 -27.20 -29.34 9.20
N ILE H 91 -27.61 -28.25 8.54
CA ILE H 91 -28.85 -28.19 7.77
C ILE H 91 -28.70 -27.51 6.41
N ALA H 92 -29.27 -28.11 5.36
CA ALA H 92 -29.22 -27.45 4.04
C ALA H 92 -30.27 -28.00 3.12
N ASP H 93 -30.83 -27.16 2.25
CA ASP H 93 -31.83 -27.62 1.32
C ASP H 93 -31.11 -28.31 0.14
N ASN H 94 -31.88 -28.82 -0.82
CA ASN H 94 -31.36 -29.56 -1.97
C ASN H 94 -30.60 -28.76 -3.01
N THR H 95 -30.75 -27.44 -2.98
CA THR H 95 -30.06 -26.58 -3.92
C THR H 95 -29.66 -25.39 -3.04
N PRO H 96 -28.70 -25.62 -2.13
CA PRO H 96 -28.28 -24.55 -1.21
C PRO H 96 -27.34 -23.47 -1.67
N ASP H 97 -27.51 -22.28 -1.11
CA ASP H 97 -26.61 -21.17 -1.36
C ASP H 97 -25.84 -20.99 -0.05
N SER H 98 -26.32 -21.66 1.00
CA SER H 98 -25.71 -21.61 2.33
C SER H 98 -25.82 -22.93 3.09
N ILE H 99 -25.06 -23.02 4.18
CA ILE H 99 -25.12 -24.15 5.09
C ILE H 99 -25.39 -23.54 6.47
N ILE H 100 -26.38 -24.11 7.14
CA ILE H 100 -26.79 -23.68 8.45
C ILE H 100 -26.21 -24.55 9.54
N LEU H 101 -25.54 -23.91 10.49
CA LEU H 101 -25.01 -24.63 11.63
C LEU H 101 -25.89 -24.16 12.81
N LEU H 102 -26.48 -25.12 13.50
CA LEU H 102 -27.35 -24.79 14.61
C LEU H 102 -26.87 -25.43 15.91
N PHE H 103 -26.37 -24.58 16.83
CA PHE H 103 -25.91 -25.06 18.11
C PHE H 103 -26.98 -24.73 19.13
N GLU H 104 -27.34 -25.72 19.93
CA GLU H 104 -28.36 -25.54 20.98
C GLU H 104 -27.91 -26.25 22.27
N ASP H 105 -28.26 -25.63 23.39
CA ASP H 105 -27.97 -26.21 24.69
C ASP H 105 -29.16 -27.10 25.01
N THR H 106 -28.98 -28.04 25.93
CA THR H 106 -30.06 -28.97 26.29
C THR H 106 -31.38 -28.27 26.49
N LYS H 107 -31.37 -27.27 27.35
CA LYS H 107 -32.58 -26.49 27.62
C LYS H 107 -32.85 -25.56 26.42
N LYS H 108 -34.06 -25.04 26.31
CA LYS H 108 -34.40 -24.16 25.19
C LYS H 108 -33.53 -22.88 25.13
N ASP H 109 -32.97 -22.52 26.28
CA ASP H 109 -32.16 -21.34 26.54
C ASP H 109 -31.45 -20.53 25.45
N ARG H 110 -30.30 -21.03 25.04
CA ARG H 110 -29.47 -20.36 24.07
C ARG H 110 -29.34 -21.14 22.77
N ILE H 111 -29.62 -20.46 21.67
CA ILE H 111 -29.55 -21.05 20.36
C ILE H 111 -28.68 -20.21 19.44
N ALA H 112 -27.51 -20.73 19.11
CA ALA H 112 -26.63 -20.03 18.21
C ALA H 112 -26.82 -20.67 16.86
N GLU H 113 -27.24 -19.88 15.89
CA GLU H 113 -27.44 -20.37 14.54
C GLU H 113 -26.64 -19.55 13.52
N TYR H 114 -25.94 -20.26 12.62
CA TYR H 114 -25.14 -19.61 11.58
C TYR H 114 -25.59 -19.99 10.21
N SER H 115 -25.43 -19.07 9.28
CA SER H 115 -25.75 -19.30 7.90
C SER H 115 -24.50 -18.94 7.11
N LEU H 116 -23.72 -19.97 6.78
CA LEU H 116 -22.46 -19.85 6.05
C LEU H 116 -22.65 -19.86 4.53
N LYS H 117 -22.05 -18.89 3.87
CA LYS H 117 -22.13 -18.77 2.41
C LYS H 117 -21.31 -19.92 1.80
N LEU H 118 -21.82 -20.57 0.76
CA LEU H 118 -21.12 -21.67 0.10
C LEU H 118 -20.35 -21.19 -1.12
N MET H 119 -19.38 -21.99 -1.56
CA MET H 119 -18.59 -21.72 -2.75
C MET H 119 -18.97 -22.81 -3.76
N ASP H 120 -18.91 -22.51 -5.05
CA ASP H 120 -19.22 -23.51 -6.08
C ASP H 120 -17.89 -24.17 -6.46
N ILE H 121 -17.80 -25.47 -6.26
CA ILE H 121 -16.60 -26.21 -6.59
C ILE H 121 -16.95 -27.35 -7.54
N ASP H 122 -16.23 -27.51 -8.64
CA ASP H 122 -16.56 -28.62 -9.55
C ASP H 122 -16.39 -29.93 -8.80
N ALA H 123 -17.50 -30.67 -8.67
CA ALA H 123 -17.51 -31.96 -7.99
C ALA H 123 -16.57 -32.89 -8.77
N ASP H 124 -15.58 -33.39 -8.05
CA ASP H 124 -14.59 -34.26 -8.62
C ASP H 124 -13.86 -34.96 -7.48
N PHE H 125 -14.56 -35.85 -6.80
CA PHE H 125 -13.95 -36.57 -5.72
C PHE H 125 -12.93 -37.60 -6.25
N LEU H 126 -11.77 -37.63 -5.63
CA LEU H 126 -10.70 -38.55 -6.00
C LEU H 126 -10.87 -39.88 -5.26
N LYS H 127 -10.40 -40.97 -5.87
CA LYS H 127 -10.48 -42.29 -5.26
C LYS H 127 -9.11 -42.93 -5.47
N ILE H 128 -8.12 -42.33 -4.84
CA ILE H 128 -6.74 -42.77 -4.94
C ILE H 128 -6.26 -43.83 -3.96
N GLU H 129 -7.13 -44.32 -3.09
CA GLU H 129 -6.69 -45.35 -2.15
C GLU H 129 -6.39 -46.67 -2.87
N GLU H 130 -5.34 -47.33 -2.42
CA GLU H 130 -4.83 -48.60 -2.99
C GLU H 130 -5.39 -49.85 -2.34
N LEU H 131 -5.32 -50.95 -3.08
CA LEU H 131 -5.79 -52.20 -2.53
C LEU H 131 -4.71 -52.59 -1.52
N GLN H 132 -3.49 -52.81 -1.96
CA GLN H 132 -2.47 -53.16 -1.01
C GLN H 132 -1.32 -52.17 -1.01
N TYR H 133 -0.80 -51.90 0.18
CA TYR H 133 0.34 -51.02 0.35
C TYR H 133 1.53 -51.89 0.69
N ASP H 134 2.72 -51.42 0.33
CA ASP H 134 4.00 -52.11 0.61
C ASP H 134 4.12 -52.45 2.09
N SER H 135 3.77 -51.50 2.95
CA SER H 135 3.83 -51.72 4.38
C SER H 135 2.73 -50.95 5.03
N THR H 136 2.30 -51.48 6.18
CA THR H 136 1.22 -50.96 7.00
C THR H 136 1.69 -50.99 8.44
N LEU H 137 1.42 -49.93 9.16
CA LEU H 137 1.77 -49.86 10.59
C LEU H 137 0.82 -48.94 11.32
N SER H 138 0.62 -49.22 12.60
CA SER H 138 -0.20 -48.38 13.46
C SER H 138 0.55 -48.25 14.77
N LEU H 139 0.36 -47.11 15.42
CA LEU H 139 1.02 -46.83 16.67
C LEU H 139 0.21 -45.70 17.29
N PRO H 140 0.42 -45.44 18.58
CA PRO H 140 -0.31 -44.37 19.26
C PRO H 140 -0.09 -43.06 18.49
N SER H 141 -1.14 -42.29 18.29
CA SER H 141 -0.97 -41.04 17.54
C SER H 141 -0.16 -39.98 18.27
N SER H 142 -0.14 -40.04 19.59
CA SER H 142 0.62 -39.05 20.36
C SER H 142 2.09 -39.36 20.16
N GLU H 143 2.40 -40.64 20.05
CA GLU H 143 3.77 -41.06 19.79
C GLU H 143 4.19 -40.55 18.39
N PHE H 144 3.33 -40.75 17.38
CA PHE H 144 3.60 -40.29 16.00
C PHE H 144 3.80 -38.78 15.99
N SER H 145 2.97 -38.04 16.73
CA SER H 145 3.12 -36.58 16.83
C SER H 145 4.50 -36.18 17.39
N LYS H 146 4.93 -36.87 18.44
CA LYS H 146 6.23 -36.57 19.05
C LYS H 146 7.31 -36.86 18.03
N ILE H 147 7.24 -38.01 17.38
CA ILE H 147 8.22 -38.38 16.38
C ILE H 147 8.29 -37.29 15.31
N VAL H 148 7.15 -36.82 14.85
CA VAL H 148 7.16 -35.79 13.83
C VAL H 148 7.72 -34.49 14.40
N ARG H 149 7.25 -34.09 15.58
CA ARG H 149 7.72 -32.85 16.24
C ARG H 149 9.25 -32.84 16.54
N ASP H 150 9.80 -34.00 16.90
CA ASP H 150 11.23 -34.11 17.10
C ASP H 150 11.92 -33.69 15.77
N LEU H 151 11.94 -34.63 14.82
CA LEU H 151 12.57 -34.47 13.51
C LEU H 151 12.31 -33.20 12.73
N SER H 152 11.11 -32.66 12.84
CA SER H 152 10.77 -31.45 12.12
C SER H 152 11.78 -30.33 12.29
N GLN H 153 12.34 -30.21 13.49
CA GLN H 153 13.28 -29.15 13.82
C GLN H 153 14.56 -29.21 13.03
N LEU H 154 14.90 -30.42 12.56
CA LEU H 154 16.15 -30.66 11.85
C LEU H 154 16.12 -30.48 10.38
N SER H 155 14.97 -30.65 9.76
CA SER H 155 14.91 -30.60 8.32
C SER H 155 13.49 -30.37 7.84
N ASP H 156 13.36 -30.07 6.56
CA ASP H 156 12.07 -29.87 5.92
C ASP H 156 11.63 -31.19 5.31
N SER H 157 12.45 -32.23 5.48
CA SER H 157 12.16 -33.55 4.95
C SER H 157 12.39 -34.55 6.02
N ILE H 158 11.44 -35.48 6.19
CA ILE H 158 11.53 -36.57 7.17
C ILE H 158 11.33 -37.87 6.37
N ASN H 159 12.30 -38.77 6.49
CA ASN H 159 12.25 -40.00 5.76
C ASN H 159 11.70 -41.11 6.64
N ILE H 160 10.85 -41.96 6.06
CA ILE H 160 10.31 -43.10 6.80
C ILE H 160 10.86 -44.32 6.08
N MET H 161 11.54 -45.20 6.83
CA MET H 161 12.12 -46.40 6.25
C MET H 161 11.62 -47.62 6.97
N ILE H 162 11.18 -48.62 6.21
CA ILE H 162 10.66 -49.83 6.79
C ILE H 162 11.35 -51.08 6.27
N THR H 163 11.79 -51.90 7.21
CA THR H 163 12.46 -53.17 6.94
C THR H 163 11.78 -54.11 7.93
N LYS H 164 12.04 -55.41 7.78
CA LYS H 164 11.43 -56.39 8.67
C LYS H 164 11.57 -55.97 10.11
N GLU H 165 10.45 -55.95 10.82
CA GLU H 165 10.42 -55.57 12.22
C GLU H 165 11.13 -54.28 12.59
N THR H 166 11.22 -53.34 11.66
CA THR H 166 11.87 -52.07 11.99
C THR H 166 11.28 -50.90 11.24
N ILE H 167 10.94 -49.87 11.99
CA ILE H 167 10.41 -48.65 11.45
C ILE H 167 11.39 -47.56 11.90
N LYS H 168 11.89 -46.78 10.94
CA LYS H 168 12.83 -45.74 11.25
C LYS H 168 12.51 -44.42 10.59
N PHE H 169 12.35 -43.37 11.41
CA PHE H 169 12.09 -42.01 10.95
C PHE H 169 13.42 -41.24 11.02
N VAL H 170 13.79 -40.53 9.96
CA VAL H 170 15.06 -39.82 9.91
C VAL H 170 14.96 -38.42 9.29
N ALA H 171 15.71 -37.48 9.86
CA ALA H 171 15.77 -36.11 9.40
C ALA H 171 17.24 -35.75 9.44
N ASP H 172 17.68 -34.98 8.47
CA ASP H 172 19.07 -34.62 8.38
C ASP H 172 19.11 -33.27 7.71
N GLY H 173 19.69 -32.30 8.39
CA GLY H 173 19.75 -30.96 7.84
C GLY H 173 20.99 -30.23 8.30
N ASP H 174 20.89 -28.92 8.38
CA ASP H 174 21.99 -28.04 8.78
C ASP H 174 22.67 -28.31 10.12
N ILE H 175 21.91 -28.27 11.19
CA ILE H 175 22.49 -28.48 12.50
C ILE H 175 22.95 -29.91 12.77
N GLY H 176 22.54 -30.85 11.94
CA GLY H 176 22.92 -32.23 12.14
C GLY H 176 21.86 -33.22 11.65
N SER H 177 21.77 -34.37 12.29
CA SER H 177 20.82 -35.39 11.90
C SER H 177 20.19 -36.02 13.11
N GLY H 178 19.01 -36.61 12.91
CA GLY H 178 18.30 -37.25 13.99
C GLY H 178 17.56 -38.45 13.43
N SER H 179 17.18 -39.36 14.32
CA SER H 179 16.46 -40.55 13.94
C SER H 179 15.71 -41.08 15.13
N VAL H 180 14.56 -41.69 14.84
CA VAL H 180 13.73 -42.31 15.85
C VAL H 180 13.46 -43.70 15.30
N ILE H 181 13.86 -44.70 16.07
CA ILE H 181 13.67 -46.07 15.69
C ILE H 181 12.70 -46.72 16.66
N ILE H 182 11.65 -47.32 16.10
CA ILE H 182 10.64 -48.02 16.90
C ILE H 182 10.52 -49.43 16.41
N LYS H 183 10.13 -50.33 17.31
CA LYS H 183 9.98 -51.74 17.00
C LYS H 183 8.57 -52.22 17.35
N PRO H 184 8.04 -53.14 16.54
CA PRO H 184 6.69 -53.67 16.78
C PRO H 184 6.65 -54.35 18.15
N PHE H 185 5.52 -54.21 18.85
CA PHE H 185 5.35 -54.85 20.16
C PHE H 185 3.90 -54.83 20.63
N VAL H 186 3.48 -55.94 21.24
CA VAL H 186 2.12 -56.09 21.75
C VAL H 186 2.12 -55.85 23.24
N ASP H 187 1.43 -54.82 23.70
CA ASP H 187 1.35 -54.57 25.13
C ASP H 187 -0.04 -55.00 25.63
N MET H 188 -0.10 -56.09 26.39
CA MET H 188 -1.37 -56.57 26.89
C MET H 188 -1.87 -55.75 28.04
N GLU H 189 -0.95 -55.06 28.71
CA GLU H 189 -1.29 -54.20 29.84
C GLU H 189 -2.22 -53.06 29.36
N HIS H 190 -2.36 -52.99 28.03
CA HIS H 190 -3.21 -52.06 27.30
C HIS H 190 -2.70 -51.99 25.87
N PRO H 191 -3.36 -52.71 24.95
CA PRO H 191 -3.00 -52.77 23.52
C PRO H 191 -3.15 -51.50 22.70
N GLU H 192 -3.62 -50.40 23.30
CA GLU H 192 -3.75 -49.16 22.56
C GLU H 192 -2.40 -48.48 22.48
N THR H 193 -1.40 -49.10 23.09
CA THR H 193 -0.05 -48.57 23.10
C THR H 193 0.89 -49.46 22.28
N SER H 194 0.35 -50.56 21.76
CA SER H 194 1.13 -51.46 20.93
C SER H 194 1.56 -50.77 19.62
N ILE H 195 2.51 -51.39 18.91
CA ILE H 195 3.00 -50.85 17.65
C ILE H 195 3.00 -52.01 16.69
N LYS H 196 2.04 -52.02 15.76
CA LYS H 196 1.94 -53.12 14.81
C LYS H 196 2.61 -52.76 13.50
N LEU H 197 3.06 -53.77 12.77
CA LEU H 197 3.73 -53.55 11.51
C LEU H 197 3.58 -54.77 10.64
N GLU H 198 3.08 -54.58 9.43
CA GLU H 198 2.95 -55.68 8.49
C GLU H 198 3.71 -55.20 7.28
N MET H 199 4.82 -55.85 6.95
CA MET H 199 5.64 -55.45 5.82
C MET H 199 5.67 -56.47 4.70
N ASP H 200 5.18 -56.11 3.52
CA ASP H 200 5.19 -57.03 2.37
C ASP H 200 6.41 -56.77 1.56
N GLN H 201 6.94 -55.56 1.73
CA GLN H 201 8.09 -55.12 0.99
C GLN H 201 8.70 -53.94 1.75
N PRO H 202 10.03 -53.91 1.87
CA PRO H 202 10.66 -52.80 2.58
C PRO H 202 10.34 -51.54 1.81
N VAL H 203 10.10 -50.45 2.53
CA VAL H 203 9.80 -49.17 1.91
C VAL H 203 10.74 -48.11 2.46
N ASP H 204 10.91 -47.03 1.71
CA ASP H 204 11.78 -45.95 2.10
C ASP H 204 11.28 -44.72 1.35
N LEU H 205 10.51 -43.88 2.02
CA LEU H 205 9.94 -42.69 1.38
C LEU H 205 10.26 -41.44 2.16
N THR H 206 10.32 -40.30 1.47
CA THR H 206 10.59 -39.02 2.12
C THR H 206 9.37 -38.12 1.96
N PHE H 207 9.02 -37.40 3.04
CA PHE H 207 7.89 -36.49 3.06
C PHE H 207 8.34 -35.14 3.58
N GLY H 208 7.62 -34.09 3.16
CA GLY H 208 7.87 -32.73 3.60
C GLY H 208 7.32 -32.58 5.00
N ALA H 209 8.20 -32.23 5.90
CA ALA H 209 7.90 -32.08 7.31
C ALA H 209 6.75 -31.15 7.61
N LYS H 210 6.56 -30.13 6.79
CA LYS H 210 5.48 -29.18 6.95
C LYS H 210 4.13 -29.91 6.84
N TYR H 211 4.06 -30.92 5.98
CA TYR H 211 2.83 -31.68 5.76
C TYR H 211 2.54 -32.72 6.83
N LEU H 212 3.60 -33.37 7.31
CA LEU H 212 3.45 -34.35 8.37
C LEU H 212 2.95 -33.60 9.61
N LEU H 213 3.45 -32.38 9.79
CA LEU H 213 3.04 -31.53 10.90
C LEU H 213 1.55 -31.24 10.79
N ASP H 214 1.02 -30.97 9.59
CA ASP H 214 -0.42 -30.75 9.40
C ASP H 214 -1.18 -32.03 9.78
N ILE H 215 -0.69 -33.16 9.31
CA ILE H 215 -1.33 -34.44 9.56
C ILE H 215 -1.46 -34.90 11.02
N ILE H 216 -0.46 -34.60 11.86
CA ILE H 216 -0.50 -35.08 13.24
C ILE H 216 -1.70 -34.62 14.07
N LYS H 217 -2.35 -33.57 13.58
CA LYS H 217 -3.55 -33.04 14.24
C LYS H 217 -4.61 -34.12 14.50
N GLY H 218 -4.66 -35.14 13.65
CA GLY H 218 -5.62 -36.20 13.82
C GLY H 218 -5.54 -36.92 15.16
N SER H 219 -4.46 -36.72 15.91
CA SER H 219 -4.32 -37.37 17.23
C SER H 219 -5.54 -37.09 18.10
N SER H 220 -6.09 -35.89 17.95
CA SER H 220 -7.24 -35.50 18.72
C SER H 220 -8.50 -36.24 18.36
N LEU H 221 -8.46 -37.10 17.35
CA LEU H 221 -9.67 -37.82 16.97
C LEU H 221 -9.56 -39.27 17.26
N SER H 222 -8.35 -39.77 17.37
CA SER H 222 -8.16 -41.18 17.63
C SER H 222 -6.88 -41.43 18.43
N ASP H 223 -6.89 -42.50 19.23
CA ASP H 223 -5.73 -42.89 20.04
C ASP H 223 -4.61 -43.41 19.19
N ARG H 224 -4.97 -44.10 18.11
CA ARG H 224 -4.00 -44.68 17.19
C ARG H 224 -4.08 -44.09 15.80
N VAL H 225 -2.99 -44.24 15.06
CA VAL H 225 -2.91 -43.75 13.70
C VAL H 225 -2.43 -44.89 12.85
N GLY H 226 -3.01 -45.04 11.67
CA GLY H 226 -2.58 -46.09 10.78
C GLY H 226 -1.80 -45.41 9.68
N ILE H 227 -0.67 -45.97 9.27
CA ILE H 227 0.15 -45.40 8.22
C ILE H 227 0.35 -46.46 7.17
N ARG H 228 -0.04 -46.18 5.93
CA ARG H 228 0.12 -47.15 4.86
C ARG H 228 1.02 -46.55 3.78
N LEU H 229 2.11 -47.24 3.47
CA LEU H 229 3.07 -46.70 2.54
C LEU H 229 3.27 -47.56 1.33
N SER H 230 3.54 -46.90 0.22
CA SER H 230 3.76 -47.59 -1.01
C SER H 230 4.68 -46.76 -1.87
N SER H 231 5.43 -47.43 -2.72
CA SER H 231 6.34 -46.77 -3.63
C SER H 231 5.57 -46.42 -4.92
N GLU H 232 4.31 -46.82 -4.98
CA GLU H 232 3.49 -46.58 -6.15
C GLU H 232 2.46 -45.47 -5.96
N ALA H 233 2.28 -44.99 -4.73
CA ALA H 233 1.25 -44.01 -4.51
C ALA H 233 1.41 -43.11 -3.27
N PRO H 234 0.51 -42.13 -3.09
CA PRO H 234 0.59 -41.26 -1.93
C PRO H 234 0.46 -42.14 -0.67
N ALA H 235 1.10 -41.75 0.42
CA ALA H 235 0.99 -42.51 1.68
C ALA H 235 -0.34 -42.17 2.33
N LEU H 236 -0.88 -43.11 3.08
CA LEU H 236 -2.15 -42.88 3.73
C LEU H 236 -1.94 -42.89 5.27
N PHE H 237 -2.36 -41.82 5.95
CA PHE H 237 -2.29 -41.71 7.41
C PHE H 237 -3.77 -41.69 7.80
N GLN H 238 -4.21 -42.60 8.63
CA GLN H 238 -5.63 -42.66 8.95
C GLN H 238 -5.96 -42.64 10.40
N PHE H 239 -6.96 -41.82 10.73
CA PHE H 239 -7.47 -41.65 12.09
C PHE H 239 -8.93 -42.09 12.14
N ASP H 240 -9.20 -43.23 12.76
CA ASP H 240 -10.55 -43.77 12.87
C ASP H 240 -11.47 -43.04 13.83
N LEU H 241 -12.74 -42.96 13.45
CA LEU H 241 -13.75 -42.33 14.28
C LEU H 241 -14.74 -43.44 14.58
N LYS H 242 -15.70 -43.18 15.46
CA LYS H 242 -16.73 -44.17 15.73
C LYS H 242 -17.57 -44.04 14.47
N SER H 243 -17.57 -45.06 13.62
CA SER H 243 -18.32 -45.00 12.36
C SER H 243 -17.72 -43.91 11.50
N GLY H 244 -16.55 -44.17 10.92
CA GLY H 244 -15.96 -43.16 10.09
C GLY H 244 -14.46 -43.15 10.21
N PHE H 245 -13.85 -42.17 9.58
CA PHE H 245 -12.42 -42.00 9.60
C PHE H 245 -12.04 -40.71 8.91
N LEU H 246 -10.87 -40.20 9.27
CA LEU H 246 -10.30 -39.02 8.69
C LEU H 246 -9.02 -39.56 8.07
N GLN H 247 -8.83 -39.33 6.78
CA GLN H 247 -7.66 -39.82 6.10
C GLN H 247 -6.88 -38.68 5.48
N PHE H 248 -5.55 -38.80 5.51
CA PHE H 248 -4.64 -37.84 4.89
C PHE H 248 -3.77 -38.62 3.89
N PHE H 249 -3.85 -38.29 2.60
CA PHE H 249 -3.01 -38.96 1.60
C PHE H 249 -1.95 -37.93 1.26
N LEU H 250 -0.70 -38.33 1.38
CA LEU H 250 0.42 -37.42 1.14
C LEU H 250 1.36 -37.98 0.11
N ALA H 251 1.64 -37.22 -0.93
CA ALA H 251 2.54 -37.68 -1.98
C ALA H 251 3.98 -37.61 -1.49
N PRO H 252 4.77 -38.69 -1.68
CA PRO H 252 6.18 -38.67 -1.24
C PRO H 252 6.96 -37.61 -2.02
N LYS H 253 8.18 -37.33 -1.58
CA LYS H 253 9.05 -36.40 -2.36
C LYS H 253 9.41 -37.06 -3.70
N PHE H 254 10.32 -36.46 -4.48
CA PHE H 254 10.67 -36.98 -5.83
C PHE H 254 10.34 -38.48 -5.91
PG AGS I . 23.00 -17.85 -16.93
S1G AGS I . 23.46 -16.47 -15.63
O2G AGS I . 21.63 -17.50 -17.59
O3G AGS I . 22.89 -19.22 -16.21
PB AGS I . 25.07 -19.17 -18.12
O1B AGS I . 25.38 -19.67 -16.77
O2B AGS I . 26.32 -18.70 -18.87
O3B AGS I . 24.10 -17.92 -18.04
PA AGS I . 24.68 -21.83 -18.63
O1A AGS I . 23.68 -22.31 -17.64
O2A AGS I . 26.12 -21.91 -18.11
O3A AGS I . 24.42 -20.31 -19.00
O5' AGS I . 24.48 -22.64 -19.96
C5' AGS I . 23.24 -23.32 -20.25
C4' AGS I . 23.45 -24.24 -21.43
O4' AGS I . 24.02 -23.50 -22.53
C3' AGS I . 24.43 -25.39 -21.19
O3' AGS I . 23.77 -26.51 -20.61
C2' AGS I . 24.93 -25.69 -22.61
O2' AGS I . 24.05 -26.58 -23.29
C1' AGS I . 24.92 -24.32 -23.27
N9 AGS I . 26.22 -23.65 -23.29
C8 AGS I . 26.53 -22.44 -22.74
N7 AGS I . 27.79 -22.08 -22.91
C5 AGS I . 28.34 -23.14 -23.61
C6 AGS I . 29.64 -23.39 -24.10
N6 AGS I . 30.65 -22.54 -23.94
N1 AGS I . 29.85 -24.54 -24.76
C2 AGS I . 28.83 -25.40 -24.92
N3 AGS I . 27.57 -25.27 -24.50
C4 AGS I . 27.39 -24.12 -23.85
MG MG J . 23.21 -20.45 -14.51
PG AGS K . -4.88 -11.97 -22.61
S1G AGS K . -3.03 -11.78 -22.04
O2G AGS K . -5.62 -10.61 -22.46
O3G AGS K . -5.59 -13.04 -21.72
PB AGS K . -5.33 -13.92 -24.45
O1B AGS K . -4.90 -14.85 -23.38
O2B AGS K . -4.65 -14.22 -25.81
O3B AGS K . -4.92 -12.43 -24.10
PA AGS K . -7.66 -15.36 -24.33
O1A AGS K . -8.08 -15.34 -22.91
O2A AGS K . -6.74 -16.53 -24.70
O3A AGS K . -6.89 -14.03 -24.72
O5' AGS K . -8.97 -15.36 -25.22
C5' AGS K . -10.17 -14.69 -24.79
C4' AGS K . -11.32 -15.14 -25.67
O4' AGS K . -11.17 -14.58 -26.99
C3' AGS K . -11.41 -16.64 -25.87
O3' AGS K . -12.16 -17.27 -24.83
C2' AGS K . -12.12 -16.74 -27.22
O2' AGS K . -13.53 -16.63 -27.09
C1' AGS K . -11.55 -15.52 -27.97
N9 AGS K . -10.40 -15.82 -28.81
C8 AGS K . -9.15 -15.27 -28.72
N7 AGS K . -8.31 -15.72 -29.61
C5 AGS K . -9.05 -16.62 -30.35
C6 AGS K . -8.74 -17.44 -31.45
N6 AGS K . -7.53 -17.48 -32.02
N1 AGS K . -9.72 -18.22 -31.95
C2 AGS K . -10.92 -18.19 -31.39
N3 AGS K . -11.34 -17.46 -30.35
C4 AGS K . -10.35 -16.69 -29.87
MG MG L . -4.85 -14.66 -20.61
PG AGS M . -19.34 10.86 -12.35
S1G AGS M . -18.20 9.83 -13.54
O2G AGS M . -18.59 12.16 -11.90
O3G AGS M . -19.68 10.01 -11.10
PB AGS M . -21.78 10.19 -13.35
O1B AGS M . -21.74 9.73 -14.76
O2B AGS M . -21.52 9.05 -12.35
O3B AGS M . -20.65 11.27 -13.08
PA AGS M . -24.15 9.99 -11.99
O1A AGS M . -24.48 8.64 -12.53
O2A AGS M . -23.45 9.96 -10.64
O3A AGS M . -23.19 10.78 -12.97
O5' AGS M . -25.48 10.84 -11.94
C5' AGS M . -25.54 12.07 -11.18
C4' AGS M . -26.95 12.61 -11.28
O4' AGS M . -27.11 13.30 -12.55
C3' AGS M . -28.06 11.58 -11.25
O3' AGS M . -28.43 11.27 -9.91
C2' AGS M . -29.18 12.27 -12.01
O2' AGS M . -29.92 13.14 -11.18
C1' AGS M . -28.40 13.05 -13.07
N9 AGS M . -28.26 12.37 -14.35
C8 AGS M . -27.08 12.06 -14.98
N7 AGS M . -27.23 11.44 -16.12
C5 AGS M . -28.61 11.32 -16.25
C6 AGS M . -29.43 10.75 -17.25
N6 AGS M . -28.95 10.16 -18.35
N1 AGS M . -30.76 10.80 -17.06
C2 AGS M . -31.24 11.39 -15.97
N3 AGS M . -30.57 11.96 -14.96
C4 AGS M . -29.25 11.89 -15.15
MG MG N . -20.01 7.88 -10.89
PB ADP O . -12.03 34.88 3.92
O1B ADP O . -11.00 33.93 4.47
O2B ADP O . -13.29 34.91 4.73
O3B ADP O . -12.29 34.68 2.44
PA ADP O . -10.67 36.99 5.32
O1A ADP O . -9.40 36.26 5.55
O2A ADP O . -11.67 37.04 6.43
O3A ADP O . -11.38 36.35 4.04
O5' ADP O . -10.36 38.47 4.80
C5' ADP O . -11.46 39.39 4.63
C4' ADP O . -11.34 40.53 5.60
O4' ADP O . -12.53 41.36 5.53
C3' ADP O . -11.25 40.14 7.08
O3' ADP O . -10.70 41.19 7.85
C2' ADP O . -12.74 39.96 7.41
O2' ADP O . -13.02 39.98 8.79
C1' ADP O . -13.32 41.17 6.68
N9 ADP O . -14.71 41.01 6.29
C8 ADP O . -15.31 39.86 5.85
N7 ADP O . -16.58 40.01 5.57
C5 ADP O . -16.84 41.34 5.85
C6 ADP O . -18.00 42.12 5.75
N6 ADP O . -19.18 41.65 5.35
N1 ADP O . -17.92 43.42 6.12
C2 ADP O . -16.75 43.89 6.54
N3 ADP O . -15.58 43.26 6.67
C4 ADP O . -15.69 41.97 6.31
#